data_7MIR
#
_entry.id   7MIR
#
_cell.length_a   1.00
_cell.length_b   1.00
_cell.length_c   1.00
_cell.angle_alpha   90.00
_cell.angle_beta   90.00
_cell.angle_gamma   90.00
#
_symmetry.space_group_name_H-M   'P 1'
#
loop_
_entity.id
_entity.type
_entity.pdbx_description
1 polymer 'Calmodulin-dependent glutamylase SidJ'
2 polymer Calmodulin-2
3 polymer 'Ubiquitinating/deubiquitinating enzyme SdeA'
4 non-polymer 'ADENOSINE MONOPHOSPHATE'
5 non-polymer 'MAGNESIUM ION'
6 non-polymer "ADENOSINE-5'-TRIPHOSPHATE"
7 non-polymer 'CALCIUM ION'
#
loop_
_entity_poly.entity_id
_entity_poly.type
_entity_poly.pdbx_seq_one_letter_code
_entity_poly.pdbx_strand_id
1 'polypeptide(L)'
;SGHVKQYYFARRGETSTHDTSLPPPVKVLSGRSIPLKEIPFEATRNELVQIYLTSIDKLIKSNKLNSIPSQQIASHYLFL
RSLANSETDGIKKNQILSLAKPLGTYLASKEPHVWKMINELIEKSEYPIIHYLKNNRAHSNFMLALIHEYHKEPLTKNQS
AFVQKFRDSSVFLFPNPIYTAWLAHSYDEDSSFNPMFRERLSTNFYHSTLTDNLLLRTEPKEVTLSSEHHYKKEKGPIDS
SFRYQMSSDRLLRIQGRTLLFSTPQNDVVAVKVQKKGEPKSTLEEEFEMADYLLKHQRRLDVHSKLPQPLGQYSVKKSEI
LEISRGSLDFERFKTLIDDSKDLEVYVYKAPQSYFTYLHDKNQDLEDLTASVKTNVHDLFVLLREGIVFPQLADIFHTHF
GEDEREDKGRYQALVQLLNVLQFQLGRIDKWQKAVEYVNLRSSGLADLGDSLPITSLFTSSDFTKHYFSELLTGGYHPTF
FDKSSGTANSLFTGKRRLFGNYLYLNTIAEYLLVIQLTLGSYGDKVTRDMMDKPKKEAVWRELANVMFTSCAEAIHIMTG
IPQSRALTLLKQRANIEKHFRQTQFWMTPDYSKLDEDTLQMEQYSIYSGEPEYEFTDKLVSGVGLSVDGVHQDLGGYNRE
SPLRELEKLLYATVTLIEGTMQLDKEFFKQLEQVEKILSGEIKTDANSCFEAVAQLLDLARPGCHFQKRLVLSYYEEAKL
KYPSAPTDAYDSRFQVVARTNAAITIQRFWREARKN
;
A
2 'polypeptide(L)'
;SMADQLTEEQIAEFKEAFSLFDKDGDGTITTKELGTVMRSLGQNPTEAELQDMINEVDADGNGTIDFPEFLTMMARKMKD
TDSEEEIREAFRVFDKDGNGYISAAELRHVMTNLGEKLTDEEVDEMIREADIDGDGQVNYEEFVQMMTAK
;
B
3 'polypeptide(L)'
;GAMGSGFSLYTDDTVKAAAQYAYDNYLGKPYTGSVESAPANFGGRMVYRQHHGLSHTLRTMAYAELIVEEARKAKLRGET
LGKFKDGRTIADVTPQELKKIMIAQAFFVAGRDDEASDAKNYQKYHEQSRDAFLKYVKDNESTLIPDVFKDQEDVNFYAR
VIEDKSHDWESTPAHVLINQGHMVDLVRVKQPPESFLQRYFSSMQRWIGSQATEAVFGIQRQFFHATYEVVAGFDSDNKE
PHLVVSGLGRYVIGEDGQPIREAPKKGQKEGDLKVFPQTYKLKENERLMRVDEFLKLPEIQNTFPGSGKHLQGGMPGMNE
MDYWNRLNSLNRARCENDVDFCLKQLQTAHDKAKIEPIKQAFQSSKGKERRQPNVDEIAAARIIQQILANPDCIHDDHVL
INGQKLEQQFFRDLLAKCEMAVVGSLLNDTDIGNIDTLMRHEKDTEFHSTNPEAVPVKIGEYWINDQRINNSSGNITQKK
HDLIFLMQNDAWYFSRVNAIAQNRDKGSTFKEVLITTLMTPLTSKALVDTSQAKPPTRLFRGLNLSEEFTKGLIDQANAM
IANTTERLFTDHSPEAFKQIKLNDLSKMSGRTNASTTTEIKLVKETWDSNVIFEMLDPDGLLHSKQVGRHGEGTESEFSV
YLPEDVALVPVKVTLDGKTQKGENRYVFTFVAVKSPDFTPRHESGYAVEPFLRMQAAKLAEVKSSIEKAQRAPDLETIFN
LQNEVEAVQYSHLSTGYKNFLKNTVGPVLENSLSGLMESDTDTLSKALAAFPSDTQWSAFNFEEARQAKRQMDAIKQMVG
NKVVLDALTQCQDALEKQNIAGALDALKKIPSEKEMGTIRRELREQIQSARQELESLQRAVVTPVVTDEKKVRERYDALI
ENTSKKITELETGKLPNLDAVKKGISNLSNLKQEVTVLRNEKIRMHVGTDKVDFSDVEKLEQQIQVIDTKLADAYLLEVT
KQISA
;
C
#
loop_
_chem_comp.id
_chem_comp.type
_chem_comp.name
_chem_comp.formula
AMP non-polymer 'ADENOSINE MONOPHOSPHATE' 'C10 H14 N5 O7 P'
ATP non-polymer ADENOSINE-5'-TRIPHOSPHATE 'C10 H16 N5 O13 P3'
CA non-polymer 'CALCIUM ION' 'Ca 2'
MG non-polymer 'MAGNESIUM ION' 'Mg 2'
#
# COMPACT_ATOMS: atom_id res chain seq x y z
N VAL A 4 26.86 32.54 26.01
CA VAL A 4 26.94 31.10 26.23
C VAL A 4 25.54 30.48 26.20
N LYS A 5 24.51 31.34 26.20
CA LYS A 5 23.14 30.85 26.19
C LYS A 5 22.84 30.11 24.89
N GLN A 6 22.06 29.04 24.99
CA GLN A 6 21.70 28.21 23.86
C GLN A 6 20.20 28.27 23.65
N TYR A 7 19.79 28.75 22.48
CA TYR A 7 18.37 28.90 22.16
C TYR A 7 18.27 29.21 20.66
N TYR A 8 17.05 29.35 20.18
CA TYR A 8 16.79 29.56 18.77
C TYR A 8 16.17 30.93 18.54
N PHE A 9 16.46 31.49 17.37
CA PHE A 9 15.92 32.78 16.96
C PHE A 9 14.58 32.64 16.23
N ALA A 10 13.89 31.52 16.41
CA ALA A 10 12.60 31.27 15.76
C ALA A 10 11.61 30.76 16.80
N ARG A 11 10.37 31.21 16.68
CA ARG A 11 9.31 30.80 17.60
C ARG A 11 8.13 30.24 16.80
N ARG A 12 7.44 29.26 17.39
CA ARG A 12 6.32 28.60 16.75
C ARG A 12 5.01 29.07 17.38
N GLY A 13 4.07 29.48 16.53
CA GLY A 13 2.74 29.86 16.97
C GLY A 13 1.69 29.43 15.98
N GLU A 14 0.47 29.94 16.14
CA GLU A 14 -0.64 29.56 15.26
C GLU A 14 -1.30 30.82 14.71
N THR A 15 -1.69 30.75 13.43
CA THR A 15 -2.39 31.82 12.75
C THR A 15 -3.79 31.37 12.39
N SER A 16 -4.54 32.28 11.75
CA SER A 16 -5.92 31.96 11.37
C SER A 16 -5.99 31.13 10.10
N THR A 17 -5.10 31.40 9.13
CA THR A 17 -5.12 30.69 7.87
C THR A 17 -3.87 31.05 7.09
N HIS A 18 -3.39 30.10 6.29
CA HIS A 18 -2.29 30.35 5.37
C HIS A 18 -2.75 30.95 4.05
N ASP A 19 -4.06 31.07 3.84
CA ASP A 19 -4.63 31.49 2.56
C ASP A 19 -4.72 33.00 2.54
N THR A 20 -3.63 33.66 2.14
CA THR A 20 -3.55 35.11 2.14
C THR A 20 -3.44 35.69 0.73
N SER A 21 -2.42 35.29 -0.03
CA SER A 21 -2.17 35.80 -1.37
C SER A 21 -1.88 34.65 -2.34
N LEU A 22 -2.71 33.62 -2.27
CA LEU A 22 -2.55 32.44 -3.10
C LEU A 22 -3.19 32.67 -4.46
N PRO A 23 -2.87 31.81 -5.43
CA PRO A 23 -3.59 31.86 -6.71
C PRO A 23 -5.07 31.62 -6.50
N PRO A 24 -5.93 32.30 -7.25
CA PRO A 24 -7.38 32.13 -7.06
C PRO A 24 -7.81 30.70 -7.28
N PRO A 25 -8.75 30.19 -6.47
CA PRO A 25 -9.16 28.77 -6.59
C PRO A 25 -10.09 28.52 -7.76
N VAL A 26 -9.50 28.44 -8.95
CA VAL A 26 -10.25 28.29 -10.19
C VAL A 26 -9.50 27.31 -11.09
N LYS A 27 -10.25 26.44 -11.75
CA LYS A 27 -9.72 25.55 -12.78
C LYS A 27 -10.14 26.07 -14.14
N VAL A 28 -9.19 26.21 -15.04
CA VAL A 28 -9.44 26.73 -16.39
C VAL A 28 -9.42 25.55 -17.35
N LEU A 29 -10.57 25.25 -17.93
CA LEU A 29 -10.69 24.25 -18.97
C LEU A 29 -10.65 24.94 -20.33
N SER A 30 -11.00 24.20 -21.38
CA SER A 30 -10.95 24.73 -22.74
C SER A 30 -11.39 26.19 -22.80
N GLY A 31 -12.56 26.50 -22.26
CA GLY A 31 -13.02 27.88 -22.22
C GLY A 31 -13.81 28.21 -20.98
N ARG A 32 -13.88 27.29 -20.02
CA ARG A 32 -14.71 27.45 -18.84
C ARG A 32 -13.85 27.66 -17.59
N SER A 33 -14.37 28.46 -16.67
CA SER A 33 -13.76 28.67 -15.37
C SER A 33 -14.62 27.97 -14.33
N ILE A 34 -14.05 26.98 -13.65
CA ILE A 34 -14.75 26.18 -12.65
C ILE A 34 -14.23 26.61 -11.28
N PRO A 35 -15.04 27.27 -10.46
CA PRO A 35 -14.61 27.56 -9.09
C PRO A 35 -14.46 26.30 -8.25
N LEU A 36 -13.50 26.34 -7.33
CA LEU A 36 -13.19 25.21 -6.46
C LEU A 36 -13.55 25.56 -5.03
N LYS A 37 -14.17 24.62 -4.34
CA LYS A 37 -14.71 24.85 -3.01
C LYS A 37 -14.25 23.75 -2.05
N GLU A 38 -14.11 24.13 -0.79
CA GLU A 38 -13.69 23.23 0.27
C GLU A 38 -14.89 22.51 0.86
N ILE A 39 -14.67 21.26 1.25
CA ILE A 39 -15.63 20.49 2.05
C ILE A 39 -15.14 20.52 3.49
N PRO A 40 -15.84 21.19 4.41
CA PRO A 40 -15.34 21.27 5.78
C PRO A 40 -15.19 19.89 6.40
N PHE A 41 -14.10 19.70 7.14
CA PHE A 41 -13.79 18.38 7.69
C PHE A 41 -14.51 18.14 9.00
N GLU A 42 -14.34 19.04 9.97
CA GLU A 42 -14.89 18.82 11.30
C GLU A 42 -16.42 18.78 11.27
N ALA A 43 -17.05 19.68 10.51
CA ALA A 43 -18.50 19.71 10.45
C ALA A 43 -19.06 18.43 9.81
N THR A 44 -18.44 17.97 8.72
CA THR A 44 -18.88 16.74 8.09
C THR A 44 -18.72 15.55 9.02
N ARG A 45 -17.58 15.48 9.72
CA ARG A 45 -17.34 14.38 10.64
C ARG A 45 -18.38 14.39 11.76
N ASN A 46 -18.70 15.57 12.29
CA ASN A 46 -19.71 15.66 13.35
C ASN A 46 -21.08 15.23 12.83
N GLU A 47 -21.44 15.64 11.62
CA GLU A 47 -22.71 15.21 11.04
C GLU A 47 -22.76 13.69 10.94
N LEU A 48 -21.68 13.07 10.48
CA LEU A 48 -21.67 11.62 10.35
C LEU A 48 -21.76 10.95 11.72
N VAL A 49 -21.12 11.50 12.74
CA VAL A 49 -21.22 10.93 14.08
C VAL A 49 -22.65 11.01 14.59
N GLN A 50 -23.33 12.15 14.37
CA GLN A 50 -24.72 12.27 14.78
C GLN A 50 -25.60 11.26 14.04
N ILE A 51 -25.34 11.06 12.74
CA ILE A 51 -26.09 10.05 11.99
C ILE A 51 -25.86 8.68 12.61
N TYR A 52 -24.62 8.39 13.02
CA TYR A 52 -24.33 7.11 13.65
C TYR A 52 -25.09 6.95 14.95
N LEU A 53 -25.21 8.02 15.73
CA LEU A 53 -25.98 7.94 16.98
C LEU A 53 -27.44 7.63 16.70
N THR A 54 -28.02 8.27 15.69
CA THR A 54 -29.41 7.96 15.33
C THR A 54 -29.55 6.52 14.87
N SER A 55 -28.55 6.01 14.14
CA SER A 55 -28.58 4.62 13.71
C SER A 55 -28.50 3.68 14.90
N ILE A 56 -27.71 4.03 15.92
CA ILE A 56 -27.65 3.22 17.13
C ILE A 56 -29.03 3.18 17.80
N ASP A 57 -29.70 4.33 17.85
CA ASP A 57 -31.05 4.36 18.40
C ASP A 57 -31.98 3.45 17.61
N LYS A 58 -31.88 3.49 16.27
CA LYS A 58 -32.71 2.62 15.46
C LYS A 58 -32.42 1.15 15.74
N LEU A 59 -31.14 0.80 15.89
CA LEU A 59 -30.78 -0.58 16.23
C LEU A 59 -31.42 -1.00 17.53
N ILE A 60 -31.34 -0.16 18.56
CA ILE A 60 -31.92 -0.51 19.84
C ILE A 60 -33.43 -0.69 19.73
N LYS A 61 -34.09 0.20 18.98
CA LYS A 61 -35.54 0.10 18.81
C LYS A 61 -35.91 -1.19 18.07
N SER A 62 -35.11 -1.58 17.08
CA SER A 62 -35.37 -2.81 16.34
C SER A 62 -35.20 -4.06 17.20
N ASN A 63 -34.61 -3.94 18.39
CA ASN A 63 -34.51 -4.99 19.40
C ASN A 63 -34.32 -6.37 18.78
N LYS A 64 -33.21 -6.50 18.04
CA LYS A 64 -32.75 -7.78 17.53
C LYS A 64 -31.24 -7.92 17.73
N LEU A 65 -30.75 -7.52 18.91
CA LEU A 65 -29.33 -7.57 19.17
C LEU A 65 -28.77 -8.99 19.15
N ASN A 66 -29.61 -9.99 19.40
CA ASN A 66 -29.15 -11.37 19.41
C ASN A 66 -28.74 -11.86 18.03
N SER A 67 -29.04 -11.12 16.97
CA SER A 67 -28.74 -11.53 15.61
C SER A 67 -27.39 -11.04 15.08
N ILE A 68 -26.72 -10.15 15.82
CA ILE A 68 -25.47 -9.56 15.32
C ILE A 68 -24.30 -10.04 16.18
N PRO A 69 -23.08 -10.09 15.64
CA PRO A 69 -21.95 -10.62 16.41
C PRO A 69 -21.70 -9.80 17.66
N SER A 70 -21.26 -10.50 18.72
CA SER A 70 -20.96 -9.83 19.98
C SER A 70 -19.77 -8.88 19.84
N GLN A 71 -18.88 -9.15 18.89
CA GLN A 71 -17.74 -8.25 18.67
C GLN A 71 -18.21 -6.88 18.24
N GLN A 72 -19.18 -6.82 17.32
CA GLN A 72 -19.70 -5.53 16.88
C GLN A 72 -20.37 -4.80 18.03
N ILE A 73 -21.14 -5.51 18.86
CA ILE A 73 -21.81 -4.87 19.98
C ILE A 73 -20.78 -4.31 20.96
N ALA A 74 -19.71 -5.08 21.21
CA ALA A 74 -18.65 -4.58 22.09
C ALA A 74 -18.00 -3.33 21.51
N SER A 75 -17.73 -3.33 20.21
CA SER A 75 -17.16 -2.15 19.58
C SER A 75 -18.07 -0.94 19.77
N HIS A 76 -19.37 -1.11 19.48
CA HIS A 76 -20.31 -0.01 19.61
C HIS A 76 -20.35 0.50 21.04
N TYR A 77 -20.42 -0.42 22.01
CA TYR A 77 -20.53 -0.01 23.41
C TYR A 77 -19.28 0.74 23.86
N LEU A 78 -18.10 0.22 23.52
CA LEU A 78 -16.87 0.87 23.93
C LEU A 78 -16.72 2.24 23.28
N PHE A 79 -17.07 2.36 21.99
CA PHE A 79 -17.01 3.68 21.37
C PHE A 79 -17.99 4.63 22.02
N LEU A 80 -19.20 4.17 22.35
CA LEU A 80 -20.16 5.05 22.98
C LEU A 80 -19.66 5.53 24.33
N ARG A 81 -19.06 4.65 25.11
CA ARG A 81 -18.51 5.06 26.40
C ARG A 81 -17.40 6.09 26.21
N SER A 82 -16.49 5.83 25.27
CA SER A 82 -15.38 6.76 25.06
C SER A 82 -15.87 8.12 24.55
N LEU A 83 -16.85 8.10 23.63
CA LEU A 83 -17.41 9.34 23.12
C LEU A 83 -18.13 10.12 24.21
N ALA A 84 -18.87 9.42 25.08
CA ALA A 84 -19.53 10.10 26.19
C ALA A 84 -18.50 10.73 27.12
N ASN A 85 -17.40 10.02 27.39
CA ASN A 85 -16.35 10.60 28.22
C ASN A 85 -15.75 11.83 27.56
N SER A 86 -15.53 11.78 26.24
CA SER A 86 -14.96 12.94 25.55
C SER A 86 -15.91 14.13 25.59
N GLU A 87 -17.20 13.89 25.38
CA GLU A 87 -18.16 14.99 25.30
C GLU A 87 -18.22 15.74 26.63
N THR A 88 -18.28 17.07 26.55
CA THR A 88 -18.28 17.92 27.73
C THR A 88 -19.67 18.41 28.12
N ASP A 89 -20.55 18.64 27.15
CA ASP A 89 -21.91 19.08 27.47
C ASP A 89 -22.66 18.02 28.24
N GLY A 90 -23.39 18.44 29.27
CA GLY A 90 -24.09 17.48 30.11
C GLY A 90 -25.20 16.77 29.39
N ILE A 91 -25.99 17.50 28.60
CA ILE A 91 -27.14 16.90 27.93
C ILE A 91 -26.69 15.84 26.93
N LYS A 92 -25.71 16.18 26.10
CA LYS A 92 -25.24 15.23 25.08
C LYS A 92 -24.60 14.01 25.72
N LYS A 93 -23.81 14.22 26.78
CA LYS A 93 -23.20 13.10 27.48
C LYS A 93 -24.26 12.18 28.07
N ASN A 94 -25.28 12.76 28.71
CA ASN A 94 -26.34 11.94 29.28
C ASN A 94 -27.08 11.18 28.20
N GLN A 95 -27.34 11.82 27.06
CA GLN A 95 -28.01 11.14 25.97
C GLN A 95 -27.18 9.96 25.46
N ILE A 96 -25.87 10.17 25.31
CA ILE A 96 -25.02 9.09 24.80
C ILE A 96 -25.00 7.93 25.80
N LEU A 97 -24.92 8.23 27.09
CA LEU A 97 -24.91 7.16 28.09
C LEU A 97 -26.23 6.40 28.12
N SER A 98 -27.35 7.13 28.03
CA SER A 98 -28.64 6.45 27.98
C SER A 98 -28.77 5.59 26.74
N LEU A 99 -28.21 6.06 25.62
CA LEU A 99 -28.24 5.28 24.39
C LEU A 99 -27.36 4.04 24.49
N ALA A 100 -26.27 4.12 25.25
CA ALA A 100 -25.38 2.97 25.41
C ALA A 100 -25.87 1.98 26.46
N LYS A 101 -26.74 2.40 27.37
CA LYS A 101 -27.15 1.50 28.45
C LYS A 101 -27.75 0.19 27.96
N PRO A 102 -28.68 0.18 26.98
CA PRO A 102 -29.27 -1.10 26.56
C PRO A 102 -28.25 -2.11 26.06
N LEU A 103 -27.22 -1.65 25.33
CA LEU A 103 -26.20 -2.58 24.87
C LEU A 103 -25.45 -3.19 26.04
N GLY A 104 -25.13 -2.39 27.05
CA GLY A 104 -24.49 -2.94 28.23
C GLY A 104 -25.36 -3.95 28.94
N THR A 105 -26.67 -3.66 29.04
CA THR A 105 -27.58 -4.61 29.65
C THR A 105 -27.59 -5.94 28.89
N TYR A 106 -27.71 -5.87 27.56
CA TYR A 106 -27.76 -7.08 26.76
C TYR A 106 -26.46 -7.87 26.91
N LEU A 107 -25.31 -7.19 26.85
CA LEU A 107 -24.04 -7.88 26.96
C LEU A 107 -23.89 -8.54 28.32
N ALA A 108 -24.24 -7.83 29.38
CA ALA A 108 -24.13 -8.42 30.72
C ALA A 108 -25.03 -9.63 30.87
N SER A 109 -26.23 -9.58 30.26
CA SER A 109 -27.15 -10.69 30.41
C SER A 109 -26.74 -11.90 29.59
N LYS A 110 -26.22 -11.69 28.37
CA LYS A 110 -26.05 -12.77 27.41
C LYS A 110 -24.60 -13.11 27.08
N GLU A 111 -23.66 -12.22 27.35
CA GLU A 111 -22.24 -12.45 27.03
C GLU A 111 -21.40 -12.14 28.25
N PRO A 112 -21.44 -13.00 29.26
CA PRO A 112 -20.70 -12.68 30.51
C PRO A 112 -19.21 -12.48 30.30
N HIS A 113 -18.57 -13.27 29.42
CA HIS A 113 -17.13 -13.17 29.24
C HIS A 113 -16.76 -11.92 28.45
N VAL A 114 -17.53 -11.60 27.41
CA VAL A 114 -17.30 -10.35 26.69
C VAL A 114 -17.53 -9.16 27.62
N TRP A 115 -18.55 -9.25 28.47
CA TRP A 115 -18.79 -8.20 29.44
C TRP A 115 -17.62 -8.05 30.41
N LYS A 116 -17.06 -9.18 30.85
CA LYS A 116 -15.91 -9.13 31.74
C LYS A 116 -14.73 -8.43 31.06
N MET A 117 -14.46 -8.78 29.80
CA MET A 117 -13.38 -8.14 29.08
C MET A 117 -13.63 -6.65 28.92
N ILE A 118 -14.88 -6.28 28.62
CA ILE A 118 -15.22 -4.87 28.44
C ILE A 118 -14.99 -4.11 29.74
N ASN A 119 -15.39 -4.69 30.87
CA ASN A 119 -15.18 -4.02 32.15
C ASN A 119 -13.69 -3.87 32.45
N GLU A 120 -12.90 -4.91 32.15
CA GLU A 120 -11.46 -4.79 32.33
C GLU A 120 -10.89 -3.64 31.52
N LEU A 121 -11.35 -3.48 30.27
CA LEU A 121 -10.90 -2.35 29.46
C LEU A 121 -11.37 -1.02 30.05
N ILE A 122 -12.61 -1.00 30.56
CA ILE A 122 -13.17 0.24 31.11
C ILE A 122 -12.37 0.72 32.31
N GLU A 123 -11.92 -0.22 33.14
CA GLU A 123 -11.19 0.18 34.34
C GLU A 123 -9.81 0.76 34.04
N LYS A 124 -9.32 0.65 32.81
CA LYS A 124 -7.98 1.09 32.47
C LYS A 124 -7.93 2.47 31.84
N SER A 125 -9.00 2.93 31.20
CA SER A 125 -8.94 4.13 30.39
C SER A 125 -10.31 4.79 30.31
N GLU A 126 -10.30 6.10 30.07
CA GLU A 126 -11.53 6.82 29.74
C GLU A 126 -11.91 6.66 28.28
N TYR A 127 -10.99 6.18 27.45
CA TYR A 127 -11.23 5.94 26.03
C TYR A 127 -10.86 4.50 25.73
N PRO A 128 -11.59 3.53 26.27
CA PRO A 128 -11.21 2.12 26.08
C PRO A 128 -11.22 1.69 24.63
N ILE A 129 -11.92 2.43 23.76
CA ILE A 129 -11.98 2.04 22.35
C ILE A 129 -10.60 2.08 21.71
N ILE A 130 -9.74 3.02 22.13
CA ILE A 130 -8.43 3.14 21.50
C ILE A 130 -7.56 1.93 21.83
N HIS A 131 -7.66 1.41 23.05
CA HIS A 131 -6.93 0.20 23.39
C HIS A 131 -7.57 -1.04 22.78
N TYR A 132 -8.90 -1.05 22.67
CA TYR A 132 -9.58 -2.15 22.00
C TYR A 132 -9.22 -2.24 20.52
N LEU A 133 -8.73 -1.15 19.93
CA LEU A 133 -8.42 -1.09 18.50
C LEU A 133 -6.91 -0.96 18.26
N LYS A 134 -6.11 -1.62 19.11
CA LYS A 134 -4.66 -1.62 19.00
C LYS A 134 -4.15 -2.78 18.16
N ASN A 135 -4.95 -3.28 17.21
CA ASN A 135 -4.61 -4.46 16.44
C ASN A 135 -5.41 -4.40 15.13
N ASN A 136 -5.52 -5.53 14.44
CA ASN A 136 -6.20 -5.56 13.16
C ASN A 136 -7.69 -5.27 13.24
N ARG A 137 -8.26 -5.24 14.46
CA ARG A 137 -9.66 -4.85 14.59
C ARG A 137 -9.92 -3.45 14.05
N ALA A 138 -8.88 -2.61 13.96
CA ALA A 138 -9.04 -1.28 13.40
C ALA A 138 -9.36 -1.32 11.91
N HIS A 139 -9.13 -2.44 11.23
CA HIS A 139 -9.46 -2.55 9.82
C HIS A 139 -10.95 -2.67 9.56
N SER A 140 -11.76 -2.88 10.60
CA SER A 140 -13.20 -3.04 10.46
C SER A 140 -13.89 -1.73 10.82
N ASN A 141 -14.69 -1.21 9.89
CA ASN A 141 -15.39 0.06 10.08
C ASN A 141 -16.81 -0.25 10.53
N PHE A 142 -17.00 -0.40 11.84
CA PHE A 142 -18.33 -0.70 12.37
C PHE A 142 -19.26 0.49 12.30
N MET A 143 -18.72 1.70 12.48
CA MET A 143 -19.56 2.90 12.41
C MET A 143 -20.23 3.02 11.05
N LEU A 144 -19.44 2.92 9.98
CA LEU A 144 -19.97 3.06 8.64
C LEU A 144 -20.94 1.93 8.33
N ALA A 145 -20.63 0.72 8.77
CA ALA A 145 -21.54 -0.41 8.53
C ALA A 145 -22.90 -0.13 9.14
N LEU A 146 -22.93 0.29 10.41
CA LEU A 146 -24.21 0.60 11.05
C LEU A 146 -24.92 1.76 10.34
N ILE A 147 -24.18 2.79 9.96
CA ILE A 147 -24.77 3.94 9.29
C ILE A 147 -25.48 3.49 8.02
N HIS A 148 -24.80 2.68 7.22
CA HIS A 148 -25.42 2.18 5.99
C HIS A 148 -26.60 1.29 6.29
N GLU A 149 -26.50 0.48 7.36
CA GLU A 149 -27.58 -0.44 7.67
C GLU A 149 -28.86 0.28 8.06
N TYR A 150 -28.77 1.35 8.85
CA TYR A 150 -29.95 1.93 9.47
C TYR A 150 -30.25 3.37 9.05
N HIS A 151 -29.50 3.95 8.11
CA HIS A 151 -29.77 5.29 7.60
C HIS A 151 -30.51 5.15 6.28
N LYS A 152 -31.83 5.36 6.31
CA LYS A 152 -32.68 5.19 5.14
C LYS A 152 -32.93 6.52 4.43
N GLU A 153 -31.84 7.16 4.02
CA GLU A 153 -31.91 8.30 3.09
C GLU A 153 -30.50 8.63 2.63
N PRO A 154 -30.34 9.20 1.44
CA PRO A 154 -28.99 9.40 0.90
C PRO A 154 -28.19 10.41 1.71
N LEU A 155 -26.88 10.19 1.75
CA LEU A 155 -25.98 11.12 2.41
C LEU A 155 -25.73 12.33 1.50
N THR A 156 -25.56 13.49 2.12
CA THR A 156 -25.28 14.70 1.36
C THR A 156 -23.94 14.55 0.63
N LYS A 157 -23.68 15.50 -0.28
CA LYS A 157 -22.47 15.42 -1.09
C LYS A 157 -21.21 15.48 -0.22
N ASN A 158 -21.20 16.37 0.79
CA ASN A 158 -20.06 16.46 1.68
C ASN A 158 -19.86 15.17 2.46
N GLN A 159 -20.95 14.60 2.99
CA GLN A 159 -20.85 13.34 3.70
C GLN A 159 -20.38 12.23 2.77
N SER A 160 -20.87 12.21 1.54
CA SER A 160 -20.44 11.20 0.59
C SER A 160 -18.94 11.32 0.33
N ALA A 161 -18.44 12.55 0.16
CA ALA A 161 -17.01 12.73 -0.07
C ALA A 161 -16.20 12.27 1.13
N PHE A 162 -16.63 12.62 2.34
CA PHE A 162 -15.91 12.18 3.53
C PHE A 162 -15.88 10.66 3.62
N VAL A 163 -17.01 10.02 3.35
CA VAL A 163 -17.07 8.55 3.37
C VAL A 163 -16.15 7.97 2.31
N GLN A 164 -16.10 8.61 1.13
CA GLN A 164 -15.28 8.11 0.05
C GLN A 164 -13.79 8.21 0.38
N LYS A 165 -13.41 9.22 1.17
CA LYS A 165 -11.99 9.38 1.49
C LYS A 165 -11.55 8.53 2.67
N PHE A 166 -12.25 8.63 3.79
CA PHE A 166 -11.86 7.98 5.05
C PHE A 166 -12.83 6.83 5.31
N ARG A 167 -12.49 5.65 4.82
CA ARG A 167 -13.37 4.50 4.96
C ARG A 167 -12.66 3.22 5.38
N ASP A 168 -11.33 3.19 5.44
CA ASP A 168 -10.62 1.96 5.81
C ASP A 168 -10.73 1.65 7.29
N SER A 169 -11.06 2.64 8.12
CA SER A 169 -11.17 2.42 9.56
C SER A 169 -12.20 3.39 10.11
N SER A 170 -12.78 3.02 11.26
CA SER A 170 -13.71 3.89 11.95
C SER A 170 -13.01 4.89 12.86
N VAL A 171 -11.70 4.75 13.07
CA VAL A 171 -10.96 5.73 13.86
C VAL A 171 -10.94 7.07 13.17
N PHE A 172 -11.12 7.10 11.84
CA PHE A 172 -11.16 8.37 11.11
C PHE A 172 -12.38 9.20 11.46
N LEU A 173 -13.37 8.65 12.16
CA LEU A 173 -14.52 9.41 12.61
C LEU A 173 -14.43 9.80 14.07
N PHE A 174 -13.37 9.43 14.77
CA PHE A 174 -13.23 9.79 16.17
C PHE A 174 -13.04 11.30 16.32
N PRO A 175 -13.53 11.89 17.42
CA PRO A 175 -13.20 13.28 17.69
C PRO A 175 -11.70 13.46 17.96
N ASN A 176 -11.27 14.71 17.92
CA ASN A 176 -9.83 15.00 17.91
C ASN A 176 -9.06 14.34 19.03
N PRO A 177 -9.43 14.48 20.31
CA PRO A 177 -8.62 13.85 21.36
C PRO A 177 -8.52 12.34 21.23
N ILE A 178 -9.64 11.69 20.91
CA ILE A 178 -9.63 10.23 20.82
C ILE A 178 -8.78 9.77 19.64
N TYR A 179 -8.93 10.43 18.48
CA TYR A 179 -8.13 10.02 17.33
C TYR A 179 -6.65 10.25 17.58
N THR A 180 -6.29 11.39 18.17
CA THR A 180 -4.89 11.65 18.46
C THR A 180 -4.32 10.62 19.43
N ALA A 181 -5.08 10.28 20.47
CA ALA A 181 -4.61 9.29 21.43
C ALA A 181 -4.43 7.94 20.76
N TRP A 182 -5.38 7.53 19.92
CA TRP A 182 -5.26 6.25 19.24
C TRP A 182 -4.04 6.22 18.33
N LEU A 183 -3.81 7.30 17.58
CA LEU A 183 -2.66 7.35 16.69
C LEU A 183 -1.36 7.27 17.49
N ALA A 184 -1.28 8.00 18.61
CA ALA A 184 -0.09 7.94 19.43
C ALA A 184 0.15 6.54 19.98
N HIS A 185 -0.92 5.87 20.42
CA HIS A 185 -0.77 4.57 21.05
C HIS A 185 -0.61 3.43 20.06
N SER A 186 -0.93 3.64 18.79
CA SER A 186 -0.75 2.59 17.80
C SER A 186 0.71 2.22 17.58
N TYR A 187 1.65 3.04 18.05
CA TYR A 187 3.08 2.74 17.94
C TYR A 187 3.63 2.05 19.18
N ASP A 188 2.79 1.69 20.14
CA ASP A 188 3.25 1.09 21.38
C ASP A 188 3.85 -0.29 21.12
N GLU A 189 4.63 -0.75 22.09
CA GLU A 189 5.24 -2.07 21.99
C GLU A 189 4.19 -3.17 21.96
N ASP A 190 3.14 -3.03 22.77
CA ASP A 190 2.07 -4.03 22.79
C ASP A 190 1.13 -3.92 21.61
N SER A 191 1.26 -2.88 20.78
CA SER A 191 0.41 -2.72 19.61
C SER A 191 0.88 -3.60 18.48
N SER A 192 -0.07 -4.27 17.83
CA SER A 192 0.19 -5.05 16.62
C SER A 192 -0.50 -4.45 15.40
N PHE A 193 -0.94 -3.20 15.50
CA PHE A 193 -1.60 -2.55 14.37
C PHE A 193 -0.58 -2.11 13.34
N ASN A 194 -0.89 -2.36 12.06
CA ASN A 194 -0.11 -1.81 10.97
C ASN A 194 -1.09 -1.41 9.88
N PRO A 195 -0.95 -0.22 9.29
CA PRO A 195 -1.96 0.26 8.33
C PRO A 195 -1.89 -0.47 6.99
N MET A 196 -2.22 -1.75 7.00
CA MET A 196 -2.26 -2.55 5.77
C MET A 196 -3.36 -3.57 5.93
N PHE A 197 -4.38 -3.50 5.07
CA PHE A 197 -5.46 -4.47 5.06
C PHE A 197 -5.30 -5.37 3.85
N ARG A 198 -5.13 -6.66 4.10
CA ARG A 198 -4.84 -7.62 3.04
C ARG A 198 -6.01 -8.57 2.87
N GLU A 199 -6.39 -8.81 1.62
CA GLU A 199 -7.41 -9.78 1.27
C GLU A 199 -6.97 -10.52 0.02
N ARG A 200 -7.71 -11.57 -0.33
CA ARG A 200 -7.38 -12.33 -1.51
C ARG A 200 -7.49 -11.48 -2.78
N LEU A 201 -8.36 -10.48 -2.76
CA LEU A 201 -8.53 -9.62 -3.93
C LEU A 201 -7.33 -8.68 -4.10
N SER A 202 -7.08 -7.83 -3.11
CA SER A 202 -6.01 -6.85 -3.22
C SER A 202 -5.55 -6.46 -1.82
N THR A 203 -4.46 -5.71 -1.77
CA THR A 203 -3.88 -5.21 -0.54
C THR A 203 -3.98 -3.69 -0.51
N ASN A 204 -4.41 -3.14 0.62
CA ASN A 204 -4.62 -1.72 0.78
C ASN A 204 -3.63 -1.19 1.81
N PHE A 205 -2.65 -0.43 1.34
CA PHE A 205 -1.75 0.33 2.20
C PHE A 205 -2.33 1.73 2.37
N TYR A 206 -2.61 2.12 3.62
CA TYR A 206 -3.21 3.41 3.89
C TYR A 206 -2.49 4.11 5.04
N HIS A 207 -1.17 3.98 5.08
CA HIS A 207 -0.39 4.72 6.07
C HIS A 207 -0.49 6.22 5.85
N SER A 208 -0.51 6.66 4.59
CA SER A 208 -0.60 8.10 4.32
C SER A 208 -1.95 8.66 4.74
N THR A 209 -3.00 7.83 4.78
CA THR A 209 -4.30 8.31 5.21
C THR A 209 -4.31 8.70 6.67
N LEU A 210 -3.53 8.03 7.51
CA LEU A 210 -3.42 8.44 8.91
C LEU A 210 -2.86 9.85 9.01
N THR A 211 -1.80 10.12 8.24
CA THR A 211 -1.20 11.45 8.26
C THR A 211 -2.16 12.49 7.71
N ASP A 212 -2.91 12.15 6.66
CA ASP A 212 -3.88 13.09 6.11
C ASP A 212 -4.97 13.42 7.12
N ASN A 213 -5.53 12.39 7.76
CA ASN A 213 -6.59 12.61 8.74
C ASN A 213 -6.08 13.37 9.94
N LEU A 214 -4.81 13.19 10.30
CA LEU A 214 -4.23 13.98 11.38
C LEU A 214 -4.07 15.44 10.96
N LEU A 215 -3.48 15.66 9.79
CA LEU A 215 -3.17 17.02 9.36
C LEU A 215 -4.42 17.85 9.14
N LEU A 216 -5.51 17.23 8.69
CA LEU A 216 -6.74 17.99 8.50
C LEU A 216 -7.35 18.46 9.81
N ARG A 217 -6.87 17.96 10.95
CA ARG A 217 -7.37 18.36 12.27
C ARG A 217 -6.50 19.41 12.95
N THR A 218 -5.41 19.84 12.34
CA THR A 218 -4.46 20.75 12.97
C THR A 218 -4.76 22.20 12.59
N GLU A 219 -4.34 23.11 13.47
CA GLU A 219 -4.45 24.53 13.19
C GLU A 219 -3.29 24.99 12.32
N PRO A 220 -3.46 26.06 11.54
CA PRO A 220 -2.34 26.58 10.75
C PRO A 220 -1.21 27.03 11.66
N LYS A 221 0.03 26.76 11.22
CA LYS A 221 1.22 27.08 11.99
C LYS A 221 1.91 28.30 11.41
N GLU A 222 2.64 29.02 12.26
CA GLU A 222 3.43 30.15 11.84
C GLU A 222 4.74 30.14 12.59
N VAL A 223 5.80 30.62 11.94
CA VAL A 223 7.12 30.73 12.54
C VAL A 223 7.52 32.20 12.49
N THR A 224 7.87 32.75 13.64
CA THR A 224 8.31 34.12 13.75
C THR A 224 9.82 34.13 13.96
N LEU A 225 10.53 34.83 13.09
CA LEU A 225 11.97 34.95 13.16
C LEU A 225 12.33 36.23 13.90
N SER A 226 13.23 36.11 14.88
CA SER A 226 13.60 37.25 15.70
C SER A 226 14.38 38.27 14.88
N SER A 227 14.43 39.50 15.39
CA SER A 227 15.09 40.58 14.68
C SER A 227 16.57 40.34 14.49
N GLU A 228 17.16 39.45 15.28
CA GLU A 228 18.57 39.11 15.15
C GLU A 228 18.82 37.94 14.22
N HIS A 229 17.78 37.41 13.57
CA HIS A 229 17.94 36.29 12.67
C HIS A 229 18.71 36.70 11.42
N HIS A 230 19.27 35.70 10.74
CA HIS A 230 20.06 35.97 9.54
C HIS A 230 19.22 36.62 8.45
N TYR A 231 17.98 36.15 8.28
CA TYR A 231 17.12 36.66 7.22
C TYR A 231 16.40 37.96 7.60
N LYS A 232 16.53 38.42 8.84
CA LYS A 232 15.85 39.63 9.30
C LYS A 232 16.79 40.84 9.37
N LYS A 233 17.90 40.71 10.09
CA LYS A 233 18.79 41.85 10.27
C LYS A 233 19.52 42.16 8.97
N GLU A 234 19.88 43.43 8.82
CA GLU A 234 20.65 43.89 7.67
C GLU A 234 22.13 43.90 8.01
N LYS A 235 22.96 43.62 7.00
CA LYS A 235 24.40 43.60 7.16
C LYS A 235 25.04 44.47 6.10
N GLY A 236 26.14 45.11 6.47
CA GLY A 236 26.86 45.97 5.56
C GLY A 236 27.55 45.17 4.48
N PRO A 237 28.08 45.85 3.46
CA PRO A 237 28.78 45.14 2.39
C PRO A 237 29.96 44.35 2.94
N ILE A 238 30.57 43.54 2.08
CA ILE A 238 31.71 42.73 2.48
C ILE A 238 32.94 43.64 2.49
N ASP A 239 33.22 44.22 3.65
CA ASP A 239 34.29 45.21 3.79
C ASP A 239 35.58 44.48 4.13
N SER A 240 36.52 44.47 3.18
CA SER A 240 37.82 43.87 3.39
C SER A 240 38.66 44.10 2.14
N SER A 241 39.98 43.99 2.30
CA SER A 241 40.92 44.13 1.19
C SER A 241 41.70 42.84 0.96
N PHE A 242 41.20 41.72 1.46
CA PHE A 242 41.88 40.45 1.28
C PHE A 242 41.97 40.09 -0.20
N ARG A 243 43.12 39.57 -0.61
CA ARG A 243 43.32 39.13 -1.98
C ARG A 243 44.27 37.93 -1.94
N TYR A 244 43.70 36.73 -2.05
CA TYR A 244 44.52 35.53 -2.02
C TYR A 244 45.44 35.47 -3.24
N GLN A 245 46.68 35.07 -3.00
CA GLN A 245 47.67 34.94 -4.07
C GLN A 245 47.63 33.52 -4.60
N MET A 246 47.11 33.36 -5.82
CA MET A 246 47.01 32.05 -6.46
C MET A 246 48.32 31.73 -7.16
N SER A 247 48.93 30.61 -6.80
CA SER A 247 50.14 30.14 -7.45
C SER A 247 49.91 28.69 -7.89
N SER A 248 50.04 28.43 -9.19
CA SER A 248 49.73 27.11 -9.72
C SER A 248 50.69 26.04 -9.21
N ASP A 249 51.84 26.44 -8.65
CA ASP A 249 52.78 25.46 -8.12
C ASP A 249 52.25 24.75 -6.88
N ARG A 250 51.16 25.24 -6.29
CA ARG A 250 50.56 24.60 -5.13
C ARG A 250 49.06 24.41 -5.33
N LEU A 251 48.64 24.19 -6.57
CA LEU A 251 47.23 23.94 -6.87
C LEU A 251 46.94 22.48 -6.63
N LEU A 252 46.21 22.19 -5.55
CA LEU A 252 45.91 20.80 -5.22
C LEU A 252 45.07 20.14 -6.30
N ARG A 253 43.96 20.75 -6.68
CA ARG A 253 43.15 20.20 -7.76
C ARG A 253 42.01 21.16 -8.11
N ILE A 254 41.18 20.73 -9.06
CA ILE A 254 39.98 21.46 -9.46
C ILE A 254 38.78 20.56 -9.18
N GLN A 255 37.86 21.07 -8.36
CA GLN A 255 36.64 20.35 -7.99
C GLN A 255 35.46 21.18 -8.45
N GLY A 256 34.78 20.72 -9.50
CA GLY A 256 33.69 21.51 -10.05
C GLY A 256 34.21 22.82 -10.59
N ARG A 257 33.63 23.93 -10.11
CA ARG A 257 34.08 25.26 -10.44
C ARG A 257 34.92 25.88 -9.33
N THR A 258 35.55 25.04 -8.51
CA THR A 258 36.34 25.49 -7.38
C THR A 258 37.79 25.03 -7.55
N LEU A 259 38.71 25.92 -7.19
CA LEU A 259 40.14 25.62 -7.21
C LEU A 259 40.60 25.37 -5.78
N LEU A 260 41.24 24.23 -5.55
CA LEU A 260 41.75 23.85 -4.24
C LEU A 260 43.25 23.96 -4.24
N PHE A 261 43.78 24.87 -3.41
CA PHE A 261 45.19 25.06 -3.16
C PHE A 261 45.55 24.55 -1.77
N SER A 262 46.80 24.16 -1.60
CA SER A 262 47.30 23.65 -0.33
C SER A 262 47.84 24.79 0.53
N THR A 263 48.09 24.48 1.79
CA THR A 263 48.64 25.43 2.75
C THR A 263 49.71 24.72 3.58
N PRO A 264 50.65 25.47 4.16
CA PRO A 264 51.61 24.85 5.07
C PRO A 264 50.95 24.27 6.32
N GLN A 265 49.74 24.71 6.65
CA GLN A 265 49.04 24.25 7.84
C GLN A 265 48.23 22.97 7.60
N ASN A 266 48.30 22.40 6.39
CA ASN A 266 47.63 21.17 5.98
C ASN A 266 46.15 21.38 5.68
N ASP A 267 45.62 22.59 5.83
CA ASP A 267 44.25 22.87 5.44
C ASP A 267 44.20 23.08 3.92
N VAL A 268 43.06 23.54 3.41
CA VAL A 268 42.87 23.78 2.00
C VAL A 268 42.27 25.17 1.82
N VAL A 269 42.73 25.89 0.80
CA VAL A 269 42.14 27.15 0.39
C VAL A 269 41.31 26.88 -0.87
N ALA A 270 40.03 27.21 -0.81
CA ALA A 270 39.10 27.00 -1.90
C ALA A 270 38.70 28.33 -2.50
N VAL A 271 38.82 28.43 -3.81
CA VAL A 271 38.41 29.60 -4.58
C VAL A 271 37.24 29.17 -5.46
N LYS A 272 36.06 29.68 -5.16
CA LYS A 272 34.84 29.33 -5.87
C LYS A 272 34.52 30.44 -6.86
N VAL A 273 34.61 30.12 -8.14
CA VAL A 273 34.52 31.11 -9.20
C VAL A 273 33.07 31.26 -9.63
N GLN A 274 32.74 32.45 -10.13
CA GLN A 274 31.37 32.75 -10.52
C GLN A 274 30.87 31.78 -11.57
N LYS A 275 29.61 31.38 -11.44
CA LYS A 275 28.99 30.45 -12.37
C LYS A 275 28.49 31.17 -13.60
N LYS A 276 28.04 30.40 -14.59
CA LYS A 276 27.66 30.96 -15.88
C LYS A 276 26.55 31.99 -15.73
N GLY A 277 25.45 31.62 -15.08
CA GLY A 277 24.29 32.49 -15.02
C GLY A 277 24.02 33.10 -13.66
N GLU A 278 24.77 32.71 -12.64
CA GLU A 278 24.47 33.18 -11.31
C GLU A 278 24.98 34.60 -11.10
N PRO A 279 24.30 35.39 -10.27
CA PRO A 279 24.77 36.74 -9.95
C PRO A 279 25.76 36.73 -8.79
N LYS A 280 26.35 37.89 -8.55
CA LYS A 280 27.24 38.06 -7.41
C LYS A 280 26.51 37.95 -6.08
N SER A 281 25.19 38.18 -6.08
CA SER A 281 24.41 38.07 -4.86
C SER A 281 24.47 36.67 -4.28
N THR A 282 24.58 35.65 -5.13
CA THR A 282 24.68 34.27 -4.64
C THR A 282 25.93 34.09 -3.79
N LEU A 283 27.08 34.52 -4.32
CA LEU A 283 28.33 34.39 -3.56
C LEU A 283 28.29 35.25 -2.31
N GLU A 284 27.71 36.45 -2.40
CA GLU A 284 27.58 37.28 -1.20
C GLU A 284 26.74 36.58 -0.14
N GLU A 285 25.64 35.95 -0.53
CA GLU A 285 24.79 35.25 0.41
C GLU A 285 25.52 34.07 1.03
N GLU A 286 26.29 33.34 0.24
CA GLU A 286 27.08 32.24 0.80
C GLU A 286 28.07 32.75 1.83
N PHE A 287 28.77 33.84 1.51
CA PHE A 287 29.71 34.44 2.46
C PHE A 287 29.01 34.81 3.76
N GLU A 288 27.87 35.50 3.65
CA GLU A 288 27.16 35.97 4.84
C GLU A 288 26.65 34.80 5.68
N MET A 289 26.11 33.76 5.02
CA MET A 289 25.64 32.60 5.77
C MET A 289 26.79 31.91 6.48
N ALA A 290 27.95 31.81 5.83
CA ALA A 290 29.11 31.21 6.48
C ALA A 290 29.48 32.00 7.73
N ASP A 291 29.52 33.33 7.62
CA ASP A 291 29.85 34.15 8.79
C ASP A 291 28.82 33.94 9.90
N TYR A 292 27.54 33.94 9.56
CA TYR A 292 26.49 33.81 10.58
C TYR A 292 26.62 32.47 11.30
N LEU A 293 26.81 31.38 10.56
CA LEU A 293 26.92 30.07 11.18
C LEU A 293 28.18 29.96 12.03
N LEU A 294 29.31 30.45 11.51
CA LEU A 294 30.55 30.41 12.29
C LEU A 294 30.41 31.21 13.57
N LYS A 295 29.66 32.32 13.54
CA LYS A 295 29.50 33.14 14.73
C LYS A 295 28.59 32.47 15.75
N HIS A 296 27.50 31.85 15.29
CA HIS A 296 26.51 31.28 16.19
C HIS A 296 26.69 29.78 16.42
N GLN A 297 27.84 29.23 16.04
CA GLN A 297 28.09 27.81 16.23
C GLN A 297 27.81 27.37 17.67
N ARG A 298 28.38 28.07 18.65
CA ARG A 298 28.21 27.65 20.04
C ARG A 298 26.75 27.75 20.48
N ARG A 299 26.06 28.81 20.07
CA ARG A 299 24.65 28.96 20.44
C ARG A 299 23.81 27.84 19.85
N LEU A 300 24.05 27.48 18.60
CA LEU A 300 23.26 26.47 17.91
C LEU A 300 23.77 25.05 18.14
N ASP A 301 24.98 24.90 18.66
CA ASP A 301 25.56 23.57 18.90
C ASP A 301 25.63 22.76 17.60
N VAL A 302 26.20 23.37 16.57
CA VAL A 302 26.44 22.69 15.31
C VAL A 302 27.79 21.99 15.38
N HIS A 303 27.81 20.71 15.02
CA HIS A 303 28.99 19.88 15.17
C HIS A 303 29.86 19.82 13.92
N SER A 304 29.36 20.24 12.77
CA SER A 304 30.15 20.17 11.56
C SER A 304 31.29 21.19 11.59
N LYS A 305 32.31 20.93 10.77
CA LYS A 305 33.46 21.83 10.63
C LYS A 305 33.11 22.87 9.58
N LEU A 306 32.68 24.05 10.03
CA LEU A 306 32.29 25.09 9.10
C LEU A 306 33.51 25.69 8.43
N PRO A 307 33.42 26.05 7.15
CA PRO A 307 34.54 26.74 6.50
C PRO A 307 34.67 28.18 6.99
N GLN A 308 35.89 28.69 6.92
CA GLN A 308 36.16 30.06 7.33
C GLN A 308 36.25 30.93 6.09
N PRO A 309 35.31 31.85 5.84
CA PRO A 309 35.40 32.69 4.64
C PRO A 309 36.43 33.79 4.82
N LEU A 310 37.13 34.10 3.73
CA LEU A 310 38.22 35.07 3.76
C LEU A 310 37.95 36.32 2.95
N GLY A 311 37.25 36.21 1.82
CA GLY A 311 36.97 37.39 1.02
C GLY A 311 36.04 37.07 -0.14
N GLN A 312 35.48 38.13 -0.69
CA GLN A 312 34.60 38.04 -1.87
C GLN A 312 34.88 39.26 -2.73
N TYR A 313 35.50 39.05 -3.89
CA TYR A 313 35.94 40.15 -4.74
C TYR A 313 35.97 39.66 -6.18
N SER A 314 36.59 40.45 -7.05
CA SER A 314 36.63 40.19 -8.49
C SER A 314 38.07 40.04 -8.96
N VAL A 315 38.28 39.10 -9.89
CA VAL A 315 39.59 38.85 -10.46
C VAL A 315 39.46 38.79 -11.98
N LYS A 316 40.58 39.03 -12.66
CA LYS A 316 40.59 38.96 -14.11
C LYS A 316 40.49 37.51 -14.56
N LYS A 317 39.65 37.27 -15.56
CA LYS A 317 39.46 35.91 -16.07
C LYS A 317 40.76 35.32 -16.59
N SER A 318 41.54 36.14 -17.31
CA SER A 318 42.81 35.64 -17.85
C SER A 318 43.68 35.06 -16.76
N GLU A 319 43.69 35.68 -15.58
CA GLU A 319 44.47 35.13 -14.47
C GLU A 319 43.95 33.74 -14.09
N ILE A 320 42.63 33.59 -14.00
CA ILE A 320 42.07 32.29 -13.63
C ILE A 320 42.47 31.23 -14.65
N LEU A 321 42.37 31.58 -15.94
CA LEU A 321 42.76 30.62 -16.98
C LEU A 321 44.24 30.28 -16.88
N GLU A 322 45.08 31.26 -16.55
CA GLU A 322 46.51 30.99 -16.45
C GLU A 322 46.84 30.08 -15.28
N ILE A 323 46.25 30.34 -14.12
CA ILE A 323 46.58 29.54 -12.93
C ILE A 323 46.16 28.09 -13.12
N SER A 324 44.97 27.86 -13.67
CA SER A 324 44.39 26.53 -13.74
C SER A 324 44.69 25.81 -15.06
N ARG A 325 45.82 26.14 -15.71
CA ARG A 325 46.11 25.54 -17.01
C ARG A 325 46.62 24.12 -16.88
N GLY A 326 47.38 23.82 -15.82
CA GLY A 326 48.01 22.50 -15.70
C GLY A 326 47.10 21.40 -15.22
N SER A 327 45.92 21.74 -14.71
CA SER A 327 45.02 20.72 -14.16
C SER A 327 44.48 19.83 -15.27
N LEU A 328 44.30 18.55 -14.93
CA LEU A 328 43.81 17.58 -15.91
C LEU A 328 42.35 17.80 -16.25
N ASP A 329 41.61 18.54 -15.43
CA ASP A 329 40.21 18.86 -15.69
C ASP A 329 40.02 20.30 -16.14
N PHE A 330 41.08 20.95 -16.64
CA PHE A 330 40.98 22.35 -16.99
C PHE A 330 39.96 22.59 -18.09
N GLU A 331 39.92 21.70 -19.09
CA GLU A 331 39.02 21.90 -20.22
C GLU A 331 37.57 21.97 -19.76
N ARG A 332 37.13 21.02 -18.93
CA ARG A 332 35.75 21.00 -18.49
C ARG A 332 35.48 22.14 -17.50
N PHE A 333 36.45 22.46 -16.65
CA PHE A 333 36.29 23.56 -15.72
C PHE A 333 36.12 24.89 -16.45
N LYS A 334 36.67 24.99 -17.67
CA LYS A 334 36.55 26.22 -18.44
C LYS A 334 35.09 26.52 -18.77
N THR A 335 34.32 25.48 -19.14
CA THR A 335 32.95 25.70 -19.57
C THR A 335 32.07 26.24 -18.44
N LEU A 336 32.26 25.71 -17.22
CA LEU A 336 31.37 26.08 -16.12
C LEU A 336 31.45 27.57 -15.80
N ILE A 337 32.68 28.10 -15.72
CA ILE A 337 32.83 29.49 -15.31
C ILE A 337 32.15 30.43 -16.30
N ASP A 338 31.85 31.63 -15.83
CA ASP A 338 31.17 32.61 -16.67
C ASP A 338 32.08 33.07 -17.80
N ASP A 339 31.47 33.42 -18.92
CA ASP A 339 32.21 33.81 -20.12
C ASP A 339 32.48 35.31 -20.19
N SER A 340 32.09 36.07 -19.17
CA SER A 340 32.34 37.50 -19.16
C SER A 340 33.82 37.78 -19.00
N LYS A 341 34.20 39.03 -19.28
CA LYS A 341 35.60 39.43 -19.15
C LYS A 341 36.07 39.32 -17.71
N ASP A 342 35.23 39.72 -16.75
CA ASP A 342 35.59 39.77 -15.34
C ASP A 342 34.76 38.76 -14.57
N LEU A 343 35.38 38.14 -13.56
CA LEU A 343 34.76 37.08 -12.79
C LEU A 343 34.80 37.42 -11.31
N GLU A 344 33.69 37.18 -10.62
CA GLU A 344 33.62 37.26 -9.17
C GLU A 344 34.03 35.94 -8.56
N VAL A 345 34.65 36.01 -7.38
CA VAL A 345 35.14 34.82 -6.68
C VAL A 345 34.76 34.90 -5.21
N TYR A 346 34.74 33.74 -4.57
CA TYR A 346 34.49 33.61 -3.14
C TYR A 346 35.54 32.67 -2.57
N VAL A 347 36.33 33.14 -1.62
CA VAL A 347 37.48 32.39 -1.11
C VAL A 347 37.22 32.01 0.34
N TYR A 348 37.54 30.76 0.67
CA TYR A 348 37.41 30.30 2.05
C TYR A 348 38.47 29.26 2.33
N LYS A 349 38.64 28.95 3.61
CA LYS A 349 39.58 27.94 4.07
C LYS A 349 38.79 26.83 4.77
N ALA A 350 39.08 25.59 4.41
CA ALA A 350 38.36 24.45 4.96
C ALA A 350 39.32 23.29 5.10
N PRO A 351 39.01 22.32 5.96
CA PRO A 351 39.81 21.09 5.99
C PRO A 351 39.54 20.23 4.75
N GLN A 352 40.44 19.27 4.53
CA GLN A 352 40.33 18.44 3.33
C GLN A 352 39.04 17.64 3.33
N SER A 353 38.62 17.14 4.50
CA SER A 353 37.41 16.34 4.58
C SER A 353 36.18 17.13 4.15
N TYR A 354 36.24 18.45 4.15
CA TYR A 354 35.14 19.27 3.69
C TYR A 354 34.88 19.11 2.20
N PHE A 355 35.82 18.52 1.45
CA PHE A 355 35.67 18.33 0.02
C PHE A 355 35.49 16.88 -0.38
N THR A 356 35.47 15.96 0.58
CA THR A 356 35.15 14.57 0.32
C THR A 356 33.67 14.35 0.59
N TYR A 357 33.00 13.69 -0.34
CA TYR A 357 31.55 13.53 -0.24
C TYR A 357 31.20 12.41 0.72
N LEU A 358 30.00 12.52 1.32
CA LEU A 358 29.60 11.59 2.36
C LEU A 358 29.46 10.17 1.85
N HIS A 359 29.39 9.98 0.53
CA HIS A 359 29.29 8.64 -0.06
C HIS A 359 30.62 8.13 -0.60
N ASP A 360 31.73 8.82 -0.30
CA ASP A 360 33.03 8.39 -0.78
C ASP A 360 33.37 7.00 -0.25
N LYS A 361 33.83 6.13 -1.14
CA LYS A 361 34.07 4.74 -0.77
C LYS A 361 35.32 4.57 0.10
N ASN A 362 36.20 5.57 0.14
CA ASN A 362 37.45 5.41 0.88
C ASN A 362 37.27 5.46 2.38
N GLN A 363 36.10 5.86 2.87
CA GLN A 363 35.84 5.84 4.30
C GLN A 363 35.54 4.42 4.75
N ASP A 364 35.71 4.18 6.04
CA ASP A 364 35.26 2.96 6.69
C ASP A 364 33.89 3.20 7.33
N LEU A 365 33.27 2.11 7.78
CA LEU A 365 31.90 2.20 8.25
C LEU A 365 31.78 3.10 9.48
N GLU A 366 32.78 3.06 10.38
CA GLU A 366 32.72 3.90 11.57
C GLU A 366 32.77 5.37 11.21
N ASP A 367 33.69 5.74 10.31
CA ASP A 367 33.79 7.13 9.90
C ASP A 367 32.53 7.59 9.17
N LEU A 368 31.97 6.71 8.34
CA LEU A 368 30.72 7.04 7.68
C LEU A 368 29.62 7.26 8.70
N THR A 369 29.54 6.42 9.72
CA THR A 369 28.50 6.57 10.74
C THR A 369 28.66 7.90 11.46
N ALA A 370 29.89 8.25 11.84
CA ALA A 370 30.11 9.52 12.54
C ALA A 370 29.73 10.70 11.66
N SER A 371 30.15 10.68 10.39
CA SER A 371 29.84 11.79 9.49
C SER A 371 28.34 11.91 9.26
N VAL A 372 27.65 10.78 9.10
CA VAL A 372 26.21 10.82 8.88
C VAL A 372 25.50 11.39 10.10
N LYS A 373 25.92 10.98 11.29
CA LYS A 373 25.31 11.51 12.50
C LYS A 373 25.51 13.02 12.57
N THR A 374 26.72 13.49 12.28
CA THR A 374 26.99 14.92 12.29
C THR A 374 26.08 15.66 11.32
N ASN A 375 26.01 15.17 10.07
CA ASN A 375 25.22 15.86 9.06
C ASN A 375 23.74 15.90 9.43
N VAL A 376 23.20 14.79 9.91
CA VAL A 376 21.79 14.75 10.27
C VAL A 376 21.50 15.73 11.41
N HIS A 377 22.34 15.72 12.44
CA HIS A 377 22.13 16.61 13.56
C HIS A 377 22.14 18.06 13.10
N ASP A 378 23.13 18.43 12.28
CA ASP A 378 23.21 19.81 11.81
C ASP A 378 22.00 20.19 10.99
N LEU A 379 21.57 19.31 10.08
CA LEU A 379 20.43 19.62 9.24
C LEU A 379 19.20 19.91 10.09
N PHE A 380 18.91 19.04 11.05
CA PHE A 380 17.65 19.21 11.77
C PHE A 380 17.72 20.31 12.81
N VAL A 381 18.88 20.58 13.41
CA VAL A 381 18.97 21.73 14.31
C VAL A 381 18.80 23.02 13.53
N LEU A 382 19.41 23.11 12.34
CA LEU A 382 19.21 24.30 11.53
C LEU A 382 17.77 24.43 11.06
N LEU A 383 17.08 23.32 10.83
CA LEU A 383 15.66 23.38 10.52
C LEU A 383 14.89 23.96 11.69
N ARG A 384 15.19 23.52 12.91
CA ARG A 384 14.51 24.09 14.07
C ARG A 384 14.81 25.58 14.22
N GLU A 385 15.93 26.04 13.66
CA GLU A 385 16.34 27.43 13.78
C GLU A 385 15.76 28.32 12.69
N GLY A 386 15.09 27.74 11.70
CA GLY A 386 14.42 28.52 10.67
C GLY A 386 15.10 28.55 9.34
N ILE A 387 16.03 27.64 9.06
CA ILE A 387 16.77 27.61 7.80
C ILE A 387 16.51 26.27 7.13
N VAL A 388 16.21 26.31 5.84
CA VAL A 388 15.87 25.13 5.06
C VAL A 388 16.80 25.05 3.86
N PHE A 389 17.32 23.85 3.57
CA PHE A 389 18.19 23.61 2.43
C PHE A 389 17.44 22.81 1.39
N PRO A 390 16.66 23.44 0.50
CA PRO A 390 15.92 22.68 -0.50
C PRO A 390 16.79 22.03 -1.56
N GLN A 391 18.06 22.41 -1.66
CA GLN A 391 18.95 21.94 -2.72
C GLN A 391 20.10 21.14 -2.16
N LEU A 392 19.84 20.31 -1.14
CA LEU A 392 20.86 19.40 -0.65
C LEU A 392 21.34 18.48 -1.76
N ALA A 393 20.41 17.86 -2.47
CA ALA A 393 20.69 17.04 -3.63
C ALA A 393 19.72 17.44 -4.72
N ASP A 394 19.96 16.95 -5.92
CA ASP A 394 19.13 17.27 -7.08
C ASP A 394 18.39 15.99 -7.45
N ILE A 395 17.24 15.78 -6.82
CA ILE A 395 16.46 14.55 -6.98
C ILE A 395 15.27 14.84 -7.90
N PHE A 396 15.07 13.99 -8.90
CA PHE A 396 14.02 14.16 -9.88
C PHE A 396 13.16 12.90 -9.94
N HIS A 397 11.84 13.09 -9.99
CA HIS A 397 10.95 11.98 -10.28
C HIS A 397 11.04 11.60 -11.74
N THR A 398 11.02 12.59 -12.63
CA THR A 398 11.11 12.33 -14.06
C THR A 398 11.62 13.60 -14.75
N HIS A 399 12.12 13.42 -15.97
CA HIS A 399 12.52 14.53 -16.81
C HIS A 399 11.62 14.70 -18.02
N PHE A 400 10.75 13.73 -18.30
CA PHE A 400 9.90 13.80 -19.47
C PHE A 400 8.80 14.84 -19.27
N GLY A 401 8.83 15.89 -20.09
CA GLY A 401 7.83 16.94 -19.99
C GLY A 401 7.83 17.64 -18.64
N GLU A 402 9.00 17.88 -18.08
CA GLU A 402 9.08 18.47 -16.74
C GLU A 402 8.53 19.89 -16.73
N ASP A 403 8.60 20.61 -17.86
CA ASP A 403 8.19 22.00 -17.87
C ASP A 403 6.70 22.15 -17.58
N GLU A 404 5.86 21.31 -18.20
CA GLU A 404 4.42 21.44 -18.05
C GLU A 404 3.86 20.64 -16.88
N ARG A 405 4.69 19.87 -16.17
CA ARG A 405 4.23 19.21 -14.96
C ARG A 405 4.06 20.21 -13.84
N GLU A 406 3.07 19.95 -12.97
CA GLU A 406 2.87 20.82 -11.82
C GLU A 406 4.05 20.78 -10.87
N ASP A 407 4.63 19.59 -10.66
CA ASP A 407 5.76 19.45 -9.77
C ASP A 407 7.08 19.83 -10.42
N LYS A 408 7.11 20.04 -11.73
CA LYS A 408 8.33 20.37 -12.47
C LYS A 408 9.34 19.23 -12.46
N GLY A 409 8.89 18.01 -12.16
CA GLY A 409 9.75 16.86 -12.11
C GLY A 409 10.48 16.66 -10.80
N ARG A 410 10.36 17.59 -9.85
CA ARG A 410 11.03 17.45 -8.57
C ARG A 410 10.37 16.36 -7.75
N TYR A 411 11.19 15.48 -7.18
CA TYR A 411 10.66 14.38 -6.37
C TYR A 411 9.99 14.92 -5.11
N GLN A 412 8.80 14.42 -4.81
CA GLN A 412 8.06 14.79 -3.61
C GLN A 412 8.02 13.60 -2.67
N ALA A 413 8.55 13.78 -1.46
CA ALA A 413 8.59 12.68 -0.51
C ALA A 413 7.18 12.24 -0.11
N LEU A 414 6.33 13.19 0.27
CA LEU A 414 4.95 12.89 0.66
C LEU A 414 4.00 13.23 -0.48
N VAL A 415 4.14 12.49 -1.58
CA VAL A 415 3.37 12.80 -2.78
C VAL A 415 1.87 12.62 -2.53
N GLN A 416 1.50 11.61 -1.74
CA GLN A 416 0.09 11.35 -1.51
C GLN A 416 -0.61 12.53 -0.84
N LEU A 417 0.12 13.33 -0.07
CA LEU A 417 -0.49 14.42 0.68
C LEU A 417 -0.58 15.72 -0.10
N LEU A 418 0.34 15.95 -1.04
CA LEU A 418 0.43 17.23 -1.73
C LEU A 418 -0.33 17.25 -3.05
N ASN A 419 -1.00 16.17 -3.42
CA ASN A 419 -1.72 16.08 -4.67
C ASN A 419 -3.06 15.41 -4.43
N VAL A 420 -3.93 15.51 -5.43
CA VAL A 420 -5.23 14.84 -5.41
C VAL A 420 -5.12 13.58 -6.26
N LEU A 421 -5.51 12.44 -5.69
CA LEU A 421 -5.55 11.17 -6.41
C LEU A 421 -4.15 10.69 -6.80
N GLN A 422 -3.20 10.81 -5.88
CA GLN A 422 -1.90 10.14 -5.99
C GLN A 422 -1.77 9.20 -4.80
N PHE A 423 -1.37 7.95 -5.07
CA PHE A 423 -1.50 6.90 -4.08
C PHE A 423 -0.18 6.33 -3.56
N GLN A 424 0.96 6.65 -4.17
CA GLN A 424 2.21 6.10 -3.67
C GLN A 424 3.39 6.76 -4.37
N LEU A 425 4.56 6.63 -3.76
CA LEU A 425 5.77 7.26 -4.27
C LEU A 425 6.19 6.66 -5.60
N GLY A 426 6.76 7.50 -6.46
CA GLY A 426 7.12 7.10 -7.81
C GLY A 426 8.60 6.85 -7.98
N ARG A 427 8.97 6.62 -9.25
CA ARG A 427 10.34 6.28 -9.60
C ARG A 427 11.28 7.45 -9.36
N ILE A 428 12.52 7.12 -8.99
CA ILE A 428 13.59 8.10 -8.83
C ILE A 428 14.50 7.96 -10.04
N ASP A 429 14.56 9.02 -10.86
CA ASP A 429 15.35 8.99 -12.08
C ASP A 429 16.83 9.16 -11.75
N LYS A 430 17.66 8.26 -12.27
CA LYS A 430 19.11 8.30 -12.09
C LYS A 430 19.46 8.58 -10.62
N TRP A 431 19.06 7.65 -9.76
CA TRP A 431 19.14 7.90 -8.32
C TRP A 431 20.57 8.13 -7.87
N GLN A 432 21.53 7.37 -8.41
CA GLN A 432 22.91 7.54 -7.99
C GLN A 432 23.46 8.90 -8.39
N LYS A 433 23.10 9.38 -9.59
CA LYS A 433 23.57 10.67 -10.05
C LYS A 433 22.93 11.82 -9.29
N ALA A 434 21.81 11.59 -8.60
CA ALA A 434 21.17 12.66 -7.84
C ALA A 434 22.03 13.13 -6.69
N VAL A 435 22.76 12.22 -6.04
CA VAL A 435 23.58 12.55 -4.89
C VAL A 435 25.07 12.51 -5.24
N GLU A 436 25.40 12.66 -6.52
CA GLU A 436 26.81 12.60 -6.93
C GLU A 436 27.62 13.71 -6.26
N TYR A 437 27.09 14.93 -6.23
CA TYR A 437 27.74 16.06 -5.61
C TYR A 437 26.90 16.60 -4.47
N VAL A 438 26.37 15.69 -3.65
CA VAL A 438 25.51 16.04 -2.53
C VAL A 438 26.22 17.07 -1.66
N ASN A 439 25.45 17.97 -1.04
CA ASN A 439 26.01 18.97 -0.15
C ASN A 439 26.22 18.44 1.27
N LEU A 440 26.30 17.12 1.43
CA LEU A 440 26.66 16.50 2.70
C LEU A 440 28.07 15.95 2.55
N ARG A 441 28.97 16.42 3.39
CA ARG A 441 30.40 16.09 3.28
C ARG A 441 30.87 15.37 4.54
N SER A 442 32.06 14.79 4.44
CA SER A 442 32.61 14.05 5.56
C SER A 442 32.74 14.94 6.79
N SER A 443 33.20 16.17 6.60
CA SER A 443 33.27 17.12 7.71
C SER A 443 31.88 17.50 8.20
N GLY A 444 30.92 17.63 7.28
CA GLY A 444 29.57 18.01 7.63
C GLY A 444 28.83 18.68 6.49
N LEU A 445 28.14 19.78 6.78
CA LEU A 445 27.38 20.49 5.76
C LEU A 445 28.31 21.33 4.88
N ALA A 446 27.79 21.69 3.71
CA ALA A 446 28.54 22.49 2.74
C ALA A 446 27.54 23.23 1.87
N ASP A 447 28.06 24.11 1.02
CA ASP A 447 27.25 24.87 0.08
C ASP A 447 26.12 25.61 0.81
N LEU A 448 26.49 26.28 1.89
CA LEU A 448 25.51 26.87 2.81
C LEU A 448 24.78 28.06 2.22
N GLY A 449 25.22 28.57 1.07
CA GLY A 449 24.54 29.71 0.46
C GLY A 449 23.21 29.39 -0.18
N ASP A 450 22.90 28.12 -0.40
CA ASP A 450 21.65 27.71 -1.03
C ASP A 450 20.65 27.30 0.05
N SER A 451 20.15 28.31 0.76
CA SER A 451 19.21 28.09 1.85
C SER A 451 18.07 29.09 1.75
N LEU A 452 16.94 28.73 2.35
CA LEU A 452 15.75 29.57 2.37
C LEU A 452 15.28 29.76 3.80
N PRO A 453 14.60 30.87 4.10
CA PRO A 453 13.94 30.99 5.39
C PRO A 453 12.77 30.03 5.50
N ILE A 454 12.51 29.57 6.73
CA ILE A 454 11.42 28.62 6.92
C ILE A 454 10.09 29.27 6.58
N THR A 455 9.99 30.59 6.72
CA THR A 455 8.75 31.28 6.40
C THR A 455 8.40 31.21 4.92
N SER A 456 9.33 30.80 4.07
CA SER A 456 9.04 30.61 2.65
C SER A 456 8.17 29.39 2.39
N LEU A 457 7.97 28.53 3.39
CA LEU A 457 7.11 27.36 3.23
C LEU A 457 5.66 27.64 3.63
N PHE A 458 5.44 28.61 4.51
CA PHE A 458 4.11 28.91 5.01
C PHE A 458 3.43 30.05 4.27
N THR A 459 4.06 30.59 3.22
CA THR A 459 3.52 31.71 2.48
C THR A 459 3.79 31.51 1.01
N SER A 460 3.02 32.20 0.17
CA SER A 460 3.30 32.21 -1.25
C SER A 460 4.68 32.81 -1.49
N SER A 461 5.47 32.14 -2.33
CA SER A 461 6.84 32.55 -2.58
C SER A 461 7.31 31.84 -3.85
N ASP A 462 8.46 32.28 -4.36
CA ASP A 462 8.98 31.71 -5.60
C ASP A 462 9.08 30.20 -5.48
N PHE A 463 9.64 29.70 -4.38
CA PHE A 463 9.84 28.26 -4.23
C PHE A 463 8.51 27.50 -4.22
N THR A 464 7.58 27.91 -3.35
CA THR A 464 6.35 27.16 -3.19
C THR A 464 5.44 27.32 -4.40
N LYS A 465 5.37 28.53 -4.96
CA LYS A 465 4.58 28.72 -6.18
C LYS A 465 5.16 27.90 -7.33
N HIS A 466 6.48 27.87 -7.43
CA HIS A 466 7.12 27.13 -8.52
C HIS A 466 6.88 25.63 -8.40
N TYR A 467 6.96 25.08 -7.18
CA TYR A 467 6.97 23.63 -7.02
C TYR A 467 5.66 23.04 -6.52
N PHE A 468 4.83 23.80 -5.81
CA PHE A 468 3.64 23.26 -5.16
C PHE A 468 2.40 24.06 -5.52
N SER A 469 2.22 24.32 -6.81
CA SER A 469 1.07 25.11 -7.24
C SER A 469 -0.24 24.34 -7.08
N GLU A 470 -0.21 23.01 -7.25
CA GLU A 470 -1.44 22.23 -7.09
C GLU A 470 -1.96 22.31 -5.66
N LEU A 471 -1.07 22.23 -4.68
CA LEU A 471 -1.49 22.34 -3.29
C LEU A 471 -2.08 23.71 -2.99
N LEU A 472 -1.46 24.76 -3.52
CA LEU A 472 -1.89 26.13 -3.23
C LEU A 472 -3.13 26.55 -3.98
N THR A 473 -3.42 25.92 -5.12
CA THR A 473 -4.55 26.32 -5.95
C THR A 473 -5.85 25.62 -5.56
N GLY A 474 -5.80 24.32 -5.33
CA GLY A 474 -7.00 23.55 -5.06
C GLY A 474 -7.12 22.35 -5.98
N GLY A 475 -7.88 21.35 -5.58
CA GLY A 475 -7.99 20.11 -6.32
C GLY A 475 -9.25 20.09 -7.18
N TYR A 476 -9.10 19.58 -8.40
CA TYR A 476 -10.21 19.46 -9.32
C TYR A 476 -10.24 18.06 -9.93
N HIS A 477 -11.44 17.50 -10.04
CA HIS A 477 -11.69 16.26 -10.75
C HIS A 477 -13.12 16.32 -11.23
N PRO A 478 -13.43 15.80 -12.42
CA PRO A 478 -14.82 15.89 -12.90
C PRO A 478 -15.85 15.33 -11.95
N THR A 479 -15.51 14.27 -11.19
CA THR A 479 -16.45 13.73 -10.23
C THR A 479 -16.71 14.66 -9.06
N PHE A 480 -15.86 15.68 -8.86
CA PHE A 480 -16.12 16.67 -7.82
C PHE A 480 -17.12 17.74 -8.24
N PHE A 481 -17.43 17.83 -9.53
CA PHE A 481 -18.26 18.92 -10.03
C PHE A 481 -19.73 18.65 -9.71
N ASP A 482 -20.35 19.61 -9.02
CA ASP A 482 -21.77 19.55 -8.69
C ASP A 482 -22.50 20.53 -9.61
N LYS A 483 -23.34 20.00 -10.51
CA LYS A 483 -24.07 20.84 -11.43
C LYS A 483 -25.12 21.70 -10.73
N SER A 484 -25.53 21.33 -9.52
CA SER A 484 -26.50 22.12 -8.78
C SER A 484 -25.92 23.43 -8.24
N SER A 485 -24.60 23.61 -8.31
CA SER A 485 -23.96 24.83 -7.85
C SER A 485 -22.92 25.39 -8.81
N GLY A 486 -22.49 24.61 -9.81
CA GLY A 486 -21.48 25.10 -10.73
C GLY A 486 -20.09 25.16 -10.16
N THR A 487 -19.81 24.41 -9.10
CA THR A 487 -18.53 24.42 -8.42
C THR A 487 -18.04 23.00 -8.20
N ALA A 488 -16.72 22.83 -8.13
CA ALA A 488 -16.11 21.55 -7.82
C ALA A 488 -15.70 21.54 -6.36
N ASN A 489 -16.29 20.66 -5.57
CA ASN A 489 -16.09 20.60 -4.13
C ASN A 489 -15.17 19.43 -3.78
N SER A 490 -14.22 19.68 -2.89
CA SER A 490 -13.33 18.60 -2.46
C SER A 490 -12.75 18.93 -1.09
N LEU A 491 -12.42 17.87 -0.35
CA LEU A 491 -11.69 18.04 0.91
C LEU A 491 -10.29 18.56 0.66
N PHE A 492 -9.72 18.30 -0.52
CA PHE A 492 -8.36 18.73 -0.81
C PHE A 492 -8.24 20.25 -0.83
N THR A 493 -9.24 20.94 -1.37
CA THR A 493 -9.19 22.40 -1.43
C THR A 493 -9.06 23.02 -0.05
N GLY A 494 -9.61 22.38 0.98
CA GLY A 494 -9.46 22.90 2.33
C GLY A 494 -8.01 23.03 2.74
N LYS A 495 -7.12 22.22 2.15
CA LYS A 495 -5.72 22.28 2.48
C LYS A 495 -5.11 23.64 2.14
N ARG A 496 -5.79 24.45 1.33
CA ARG A 496 -5.31 25.80 1.07
C ARG A 496 -5.10 26.56 2.37
N ARG A 497 -5.88 26.23 3.40
CA ARG A 497 -5.76 26.88 4.70
C ARG A 497 -4.55 26.39 5.50
N LEU A 498 -3.93 25.25 5.12
CA LEU A 498 -2.91 24.64 5.96
C LEU A 498 -1.70 24.12 5.18
N PHE A 499 -1.43 24.63 3.98
CA PHE A 499 -0.41 24.00 3.14
C PHE A 499 0.98 24.03 3.78
N GLY A 500 1.26 25.05 4.60
CA GLY A 500 2.56 25.11 5.25
C GLY A 500 2.82 23.91 6.15
N ASN A 501 1.78 23.42 6.83
CA ASN A 501 1.93 22.24 7.68
C ASN A 501 2.35 21.04 6.85
N TYR A 502 1.80 20.90 5.64
CA TYR A 502 2.20 19.80 4.77
C TYR A 502 3.63 19.97 4.28
N LEU A 503 4.01 21.18 3.89
CA LEU A 503 5.34 21.40 3.34
C LEU A 503 6.43 21.20 4.39
N TYR A 504 6.13 21.50 5.65
CA TYR A 504 7.11 21.24 6.72
C TYR A 504 7.49 19.76 6.78
N LEU A 505 6.49 18.89 6.87
CA LEU A 505 6.76 17.46 6.90
C LEU A 505 7.39 17.00 5.60
N ASN A 506 7.01 17.61 4.47
CA ASN A 506 7.62 17.25 3.21
C ASN A 506 9.12 17.52 3.23
N THR A 507 9.52 18.66 3.79
CA THR A 507 10.94 18.98 3.90
C THR A 507 11.67 17.98 4.79
N ILE A 508 11.07 17.61 5.92
CA ILE A 508 11.71 16.63 6.79
C ILE A 508 11.93 15.32 6.03
N ALA A 509 10.90 14.84 5.35
CA ALA A 509 11.00 13.59 4.62
C ALA A 509 12.02 13.69 3.50
N GLU A 510 12.13 14.86 2.86
CA GLU A 510 13.12 15.03 1.80
C GLU A 510 14.54 14.93 2.34
N TYR A 511 14.79 15.54 3.51
CA TYR A 511 16.10 15.39 4.14
C TYR A 511 16.41 13.91 4.36
N LEU A 512 15.47 13.18 4.94
CA LEU A 512 15.72 11.77 5.23
C LEU A 512 15.95 10.97 3.94
N LEU A 513 15.22 11.30 2.88
CA LEU A 513 15.39 10.62 1.61
C LEU A 513 16.77 10.88 1.01
N VAL A 514 17.25 12.11 1.12
CA VAL A 514 18.61 12.42 0.64
C VAL A 514 19.63 11.59 1.42
N ILE A 515 19.46 11.50 2.73
CA ILE A 515 20.36 10.68 3.55
C ILE A 515 20.34 9.23 3.04
N GLN A 516 19.15 8.70 2.79
CA GLN A 516 19.03 7.32 2.32
C GLN A 516 19.76 7.11 1.00
N LEU A 517 19.58 8.05 0.06
CA LEU A 517 20.23 7.91 -1.24
C LEU A 517 21.75 7.95 -1.11
N THR A 518 22.26 8.82 -0.24
CA THR A 518 23.71 8.87 -0.04
C THR A 518 24.23 7.57 0.54
N LEU A 519 23.52 7.01 1.54
CA LEU A 519 23.95 5.74 2.10
C LEU A 519 23.92 4.63 1.05
N GLY A 520 22.87 4.61 0.24
CA GLY A 520 22.79 3.61 -0.82
C GLY A 520 23.92 3.73 -1.82
N SER A 521 24.27 4.96 -2.19
CA SER A 521 25.39 5.17 -3.10
C SER A 521 26.69 4.65 -2.51
N TYR A 522 26.93 4.95 -1.23
CA TYR A 522 28.13 4.43 -0.59
C TYR A 522 28.15 2.90 -0.63
N GLY A 523 27.04 2.28 -0.20
CA GLY A 523 26.99 0.84 -0.17
C GLY A 523 27.19 0.22 -1.54
N ASP A 524 26.60 0.82 -2.56
CA ASP A 524 26.74 0.29 -3.92
C ASP A 524 28.18 0.39 -4.40
N LYS A 525 28.85 1.51 -4.13
CA LYS A 525 30.23 1.65 -4.56
C LYS A 525 31.15 0.70 -3.80
N VAL A 526 30.92 0.53 -2.51
CA VAL A 526 31.86 -0.24 -1.69
C VAL A 526 31.78 -1.73 -2.02
N THR A 527 30.58 -2.27 -2.15
CA THR A 527 30.40 -3.70 -2.34
C THR A 527 30.49 -4.13 -3.80
N ARG A 528 30.78 -3.21 -4.72
CA ARG A 528 30.80 -3.56 -6.13
C ARG A 528 31.88 -4.59 -6.44
N ASP A 529 33.07 -4.42 -5.87
CA ASP A 529 34.21 -5.28 -6.15
C ASP A 529 34.44 -6.35 -5.09
N MET A 530 33.54 -6.48 -4.12
CA MET A 530 33.67 -7.51 -3.10
C MET A 530 33.15 -8.85 -3.64
N MET A 531 33.70 -9.94 -3.10
CA MET A 531 33.32 -11.28 -3.51
C MET A 531 32.61 -12.07 -2.42
N ASP A 532 32.90 -11.82 -1.15
CA ASP A 532 32.29 -12.57 -0.05
C ASP A 532 30.88 -12.03 0.18
N LYS A 533 29.88 -12.85 -0.11
CA LYS A 533 28.50 -12.42 0.09
C LYS A 533 28.19 -12.03 1.54
N PRO A 534 28.65 -12.77 2.56
CA PRO A 534 28.39 -12.31 3.93
C PRO A 534 28.93 -10.92 4.22
N LYS A 535 30.08 -10.56 3.67
CA LYS A 535 30.61 -9.21 3.88
C LYS A 535 29.69 -8.15 3.30
N LYS A 536 29.18 -8.39 2.08
CA LYS A 536 28.24 -7.45 1.49
C LYS A 536 26.98 -7.33 2.34
N GLU A 537 26.46 -8.46 2.79
CA GLU A 537 25.25 -8.43 3.62
C GLU A 537 25.50 -7.65 4.90
N ALA A 538 26.68 -7.84 5.51
CA ALA A 538 26.99 -7.09 6.73
C ALA A 538 27.05 -5.60 6.46
N VAL A 539 27.67 -5.21 5.34
CA VAL A 539 27.74 -3.78 5.00
C VAL A 539 26.33 -3.20 4.86
N TRP A 540 25.47 -3.90 4.11
CA TRP A 540 24.13 -3.36 3.87
C TRP A 540 23.30 -3.34 5.14
N ARG A 541 23.48 -4.34 6.01
CA ARG A 541 22.75 -4.35 7.27
C ARG A 541 23.17 -3.19 8.16
N GLU A 542 24.48 -2.91 8.21
CA GLU A 542 24.94 -1.76 8.97
C GLU A 542 24.39 -0.46 8.39
N LEU A 543 24.30 -0.36 7.06
CA LEU A 543 23.75 0.83 6.45
C LEU A 543 22.27 1.01 6.82
N ALA A 544 21.52 -0.08 6.83
CA ALA A 544 20.11 0.00 7.24
C ALA A 544 19.99 0.46 8.69
N ASN A 545 20.84 -0.06 9.56
CA ASN A 545 20.84 0.40 10.95
C ASN A 545 21.14 1.89 11.02
N VAL A 546 22.09 2.37 10.21
CA VAL A 546 22.42 3.79 10.20
C VAL A 546 21.21 4.60 9.78
N MET A 547 20.48 4.14 8.76
CA MET A 547 19.31 4.87 8.30
C MET A 547 18.25 4.98 9.39
N PHE A 548 17.97 3.86 10.06
CA PHE A 548 16.96 3.89 11.12
C PHE A 548 17.41 4.80 12.26
N THR A 549 18.70 4.78 12.60
CA THR A 549 19.22 5.67 13.62
C THR A 549 19.09 7.13 13.21
N SER A 550 19.28 7.43 11.93
CA SER A 550 19.13 8.81 11.46
C SER A 550 17.69 9.27 11.60
N CYS A 551 16.73 8.41 11.26
CA CYS A 551 15.33 8.78 11.43
C CYS A 551 14.99 8.98 12.91
N ALA A 552 15.54 8.14 13.78
CA ALA A 552 15.33 8.32 15.22
C ALA A 552 15.92 9.64 15.71
N GLU A 553 17.10 10.00 15.18
CA GLU A 553 17.69 11.29 15.55
C GLU A 553 16.82 12.45 15.09
N ALA A 554 16.26 12.36 13.89
CA ALA A 554 15.36 13.39 13.42
C ALA A 554 14.17 13.54 14.36
N ILE A 555 13.57 12.41 14.75
CA ILE A 555 12.44 12.46 15.67
C ILE A 555 12.85 13.09 16.99
N HIS A 556 14.00 12.69 17.53
CA HIS A 556 14.45 13.20 18.82
C HIS A 556 14.67 14.71 18.78
N ILE A 557 15.30 15.20 17.71
CA ILE A 557 15.56 16.64 17.62
C ILE A 557 14.26 17.41 17.43
N MET A 558 13.31 16.84 16.67
CA MET A 558 12.07 17.57 16.40
C MET A 558 11.16 17.61 17.62
N THR A 559 11.01 16.50 18.34
CA THR A 559 10.04 16.41 19.42
C THR A 559 10.68 16.32 20.81
N GLY A 560 11.94 15.93 20.90
CA GLY A 560 12.57 15.72 22.20
C GLY A 560 12.38 14.34 22.79
N ILE A 561 11.73 13.43 22.07
CA ILE A 561 11.59 12.06 22.57
C ILE A 561 12.98 11.45 22.69
N PRO A 562 13.27 10.63 23.70
CA PRO A 562 14.58 9.98 23.76
C PRO A 562 14.83 9.13 22.52
N GLN A 563 16.08 9.13 22.06
CA GLN A 563 16.41 8.49 20.78
C GLN A 563 16.13 6.99 20.81
N SER A 564 16.43 6.32 21.92
CA SER A 564 16.18 4.89 22.00
C SER A 564 14.69 4.58 21.91
N ARG A 565 13.86 5.34 22.62
CA ARG A 565 12.43 5.15 22.53
C ARG A 565 11.91 5.46 21.13
N ALA A 566 12.45 6.51 20.51
CA ALA A 566 12.05 6.84 19.15
C ALA A 566 12.38 5.71 18.20
N LEU A 567 13.56 5.09 18.36
CA LEU A 567 13.92 3.95 17.54
C LEU A 567 12.97 2.79 17.76
N THR A 568 12.60 2.53 19.01
CA THR A 568 11.63 1.46 19.28
C THR A 568 10.29 1.74 18.61
N LEU A 569 9.82 2.98 18.70
CA LEU A 569 8.54 3.34 18.07
C LEU A 569 8.61 3.18 16.56
N LEU A 570 9.72 3.60 15.95
CA LEU A 570 9.88 3.41 14.51
C LEU A 570 9.88 1.93 14.15
N LYS A 571 10.59 1.11 14.94
CA LYS A 571 10.68 -0.30 14.62
C LYS A 571 9.34 -1.00 14.80
N GLN A 572 8.46 -0.46 15.63
CA GLN A 572 7.11 -1.01 15.70
C GLN A 572 6.44 -1.01 14.35
N ARG A 573 6.62 0.07 13.58
CA ARG A 573 5.89 0.28 12.33
C ARG A 573 6.67 -0.15 11.09
N ALA A 574 7.98 0.04 11.07
CA ALA A 574 8.80 -0.32 9.93
C ALA A 574 9.74 -1.47 10.30
N ASN A 575 9.94 -2.39 9.36
CA ASN A 575 10.73 -3.59 9.59
C ASN A 575 12.13 -3.39 9.03
N ILE A 576 13.13 -3.47 9.91
CA ILE A 576 14.51 -3.22 9.50
C ILE A 576 15.02 -4.32 8.59
N GLU A 577 14.62 -5.57 8.84
CA GLU A 577 15.06 -6.68 7.99
C GLU A 577 14.58 -6.49 6.55
N LYS A 578 13.32 -6.11 6.37
CA LYS A 578 12.80 -5.91 5.02
C LYS A 578 13.49 -4.73 4.35
N HIS A 579 13.76 -3.66 5.08
CA HIS A 579 14.47 -2.52 4.51
C HIS A 579 15.87 -2.93 4.06
N PHE A 580 16.59 -3.65 4.92
CA PHE A 580 17.88 -4.23 4.55
C PHE A 580 17.79 -4.98 3.23
N ARG A 581 16.85 -5.93 3.14
CA ARG A 581 16.76 -6.77 1.96
C ARG A 581 16.44 -5.93 0.72
N GLN A 582 15.47 -5.04 0.82
CA GLN A 582 15.05 -4.26 -0.34
C GLN A 582 16.15 -3.35 -0.83
N THR A 583 16.84 -2.66 0.09
CA THR A 583 17.93 -1.78 -0.32
C THR A 583 19.07 -2.57 -0.96
N GLN A 584 19.43 -3.72 -0.38
CA GLN A 584 20.50 -4.50 -0.98
C GLN A 584 20.10 -4.99 -2.37
N PHE A 585 18.84 -5.36 -2.54
CA PHE A 585 18.40 -5.92 -3.83
C PHE A 585 18.35 -4.85 -4.90
N TRP A 586 17.61 -3.77 -4.65
CA TRP A 586 17.25 -2.84 -5.73
C TRP A 586 18.32 -1.79 -6.01
N MET A 587 19.30 -1.60 -5.11
CA MET A 587 20.31 -0.58 -5.28
C MET A 587 21.63 -1.13 -5.79
N THR A 588 21.64 -2.36 -6.29
CA THR A 588 22.83 -2.95 -6.91
C THR A 588 22.44 -3.55 -8.25
N PRO A 589 23.40 -3.69 -9.18
CA PRO A 589 23.07 -4.17 -10.52
C PRO A 589 22.89 -5.68 -10.61
N ASP A 590 23.12 -6.43 -9.53
CA ASP A 590 23.10 -7.89 -9.61
C ASP A 590 21.77 -8.39 -10.15
N TYR A 591 20.65 -7.81 -9.72
CA TYR A 591 19.35 -8.31 -10.13
C TYR A 591 19.16 -8.23 -11.65
N SER A 592 19.98 -7.44 -12.35
CA SER A 592 19.87 -7.35 -13.79
C SER A 592 20.39 -8.60 -14.50
N LYS A 593 21.08 -9.49 -13.80
CA LYS A 593 21.66 -10.69 -14.40
C LYS A 593 20.94 -11.95 -13.95
N LEU A 594 19.61 -11.88 -13.84
CA LEU A 594 18.80 -13.01 -13.44
C LEU A 594 17.67 -13.22 -14.44
N ASP A 595 17.27 -14.48 -14.61
CA ASP A 595 16.10 -14.79 -15.40
C ASP A 595 14.85 -14.54 -14.57
N GLU A 596 13.68 -14.70 -15.20
CA GLU A 596 12.43 -14.34 -14.53
C GLU A 596 12.19 -15.19 -13.29
N ASP A 597 12.44 -16.50 -13.38
CA ASP A 597 12.15 -17.40 -12.26
C ASP A 597 12.96 -17.01 -11.03
N THR A 598 14.27 -16.83 -11.20
CA THR A 598 15.11 -16.48 -10.06
C THR A 598 14.73 -15.12 -9.50
N LEU A 599 14.42 -14.17 -10.37
CA LEU A 599 14.04 -12.83 -9.92
C LEU A 599 12.79 -12.89 -9.06
N GLN A 600 11.76 -13.60 -9.52
CA GLN A 600 10.53 -13.72 -8.75
C GLN A 600 10.79 -14.46 -7.43
N MET A 601 11.61 -15.50 -7.48
CA MET A 601 11.87 -16.27 -6.27
C MET A 601 12.56 -15.42 -5.22
N GLU A 602 13.53 -14.59 -5.64
CA GLU A 602 14.18 -13.69 -4.70
C GLU A 602 13.21 -12.64 -4.17
N GLN A 603 12.39 -12.06 -5.05
CA GLN A 603 11.42 -11.07 -4.60
C GLN A 603 10.50 -11.63 -3.54
N TYR A 604 10.18 -12.93 -3.63
CA TYR A 604 9.33 -13.54 -2.60
C TYR A 604 9.89 -13.30 -1.20
N SER A 605 11.21 -13.46 -1.03
CA SER A 605 11.82 -13.17 0.26
C SER A 605 11.97 -11.67 0.49
N ILE A 606 12.17 -10.88 -0.57
CA ILE A 606 12.33 -9.45 -0.38
C ILE A 606 11.08 -8.83 0.25
N TYR A 607 9.89 -9.22 -0.23
CA TYR A 607 8.62 -8.72 0.28
C TYR A 607 7.86 -9.90 0.88
N SER A 608 8.11 -10.20 2.14
CA SER A 608 7.45 -11.31 2.82
C SER A 608 6.11 -10.83 3.40
N GLY A 609 5.05 -11.59 3.12
CA GLY A 609 3.74 -11.22 3.60
C GLY A 609 3.12 -10.05 2.88
N GLU A 610 3.59 -9.73 1.68
CA GLU A 610 3.10 -8.60 0.91
C GLU A 610 3.22 -8.94 -0.57
N PRO A 611 2.51 -8.24 -1.44
CA PRO A 611 2.69 -8.45 -2.88
C PRO A 611 4.09 -8.07 -3.33
N GLU A 612 4.55 -8.73 -4.39
CA GLU A 612 5.86 -8.46 -4.94
C GLU A 612 5.81 -7.24 -5.86
N TYR A 613 6.98 -6.76 -6.25
CA TYR A 613 7.09 -5.63 -7.16
C TYR A 613 7.02 -6.14 -8.60
N GLU A 614 6.08 -5.64 -9.37
CA GLU A 614 5.86 -6.05 -10.75
C GLU A 614 6.25 -4.93 -11.69
N PHE A 615 6.86 -5.30 -12.81
CA PHE A 615 7.25 -4.32 -13.82
C PHE A 615 7.33 -5.00 -15.17
N THR A 616 6.66 -4.43 -16.16
CA THR A 616 6.73 -4.92 -17.54
C THR A 616 7.80 -4.18 -18.32
N ASP A 617 9.00 -4.10 -17.76
CA ASP A 617 10.11 -3.36 -18.36
C ASP A 617 11.22 -4.33 -18.73
N LYS A 618 12.13 -3.85 -19.59
CA LYS A 618 13.28 -4.61 -20.03
C LYS A 618 14.51 -4.16 -19.25
N LEU A 619 15.18 -5.11 -18.61
CA LEU A 619 16.39 -4.83 -17.85
C LEU A 619 17.59 -4.84 -18.78
N VAL A 620 18.40 -3.79 -18.71
CA VAL A 620 19.64 -3.72 -19.46
C VAL A 620 20.74 -4.36 -18.62
N SER A 621 21.44 -5.34 -19.20
CA SER A 621 22.39 -6.14 -18.43
C SER A 621 23.48 -5.25 -17.83
N GLY A 622 23.76 -5.45 -16.55
CA GLY A 622 24.79 -4.71 -15.85
C GLY A 622 24.29 -3.49 -15.12
N VAL A 623 23.09 -2.99 -15.42
CA VAL A 623 22.56 -1.80 -14.78
C VAL A 623 21.25 -2.15 -14.10
N GLY A 624 20.29 -2.67 -14.87
CA GLY A 624 18.98 -3.00 -14.35
C GLY A 624 17.89 -2.14 -14.95
N LEU A 625 17.10 -1.48 -14.11
CA LEU A 625 16.03 -0.61 -14.58
C LEU A 625 16.61 0.75 -14.92
N SER A 626 16.44 1.18 -16.18
CA SER A 626 16.95 2.47 -16.61
C SER A 626 16.23 2.87 -17.88
N VAL A 627 15.77 4.12 -17.93
CA VAL A 627 15.10 4.62 -19.13
C VAL A 627 16.12 5.08 -20.16
N ASP A 628 17.22 5.70 -19.72
CA ASP A 628 18.27 6.11 -20.64
C ASP A 628 19.21 4.98 -21.01
N GLY A 629 19.19 3.86 -20.28
CA GLY A 629 19.96 2.69 -20.62
C GLY A 629 21.35 2.63 -20.03
N VAL A 630 21.81 3.68 -19.33
CA VAL A 630 23.16 3.69 -18.80
C VAL A 630 23.15 3.95 -17.30
N HIS A 631 22.12 4.64 -16.81
CA HIS A 631 22.03 5.04 -15.41
C HIS A 631 20.84 4.32 -14.78
N GLN A 632 21.09 3.60 -13.69
CA GLN A 632 20.05 2.84 -13.04
C GLN A 632 19.02 3.75 -12.37
N ASP A 633 17.77 3.33 -12.39
CA ASP A 633 16.69 4.01 -11.71
C ASP A 633 16.25 3.21 -10.49
N LEU A 634 15.37 3.81 -9.69
CA LEU A 634 14.70 3.12 -8.60
C LEU A 634 13.22 3.04 -8.98
N GLY A 635 12.86 2.01 -9.71
CA GLY A 635 11.48 1.80 -10.12
C GLY A 635 11.29 1.85 -11.63
N GLY A 636 10.34 1.07 -12.14
CA GLY A 636 10.08 1.06 -13.56
C GLY A 636 9.44 2.34 -14.03
N TYR A 637 9.47 2.55 -15.34
CA TYR A 637 8.88 3.75 -15.92
C TYR A 637 7.39 3.79 -15.62
N ASN A 638 6.88 4.95 -15.16
CA ASN A 638 5.47 5.14 -14.81
C ASN A 638 4.95 4.19 -13.73
N ARG A 639 5.87 3.66 -12.90
CA ARG A 639 5.48 2.80 -11.80
C ARG A 639 5.92 3.43 -10.49
N GLU A 640 5.69 2.71 -9.39
CA GLU A 640 6.04 3.19 -8.07
C GLU A 640 7.44 2.73 -7.69
N SER A 641 8.01 3.41 -6.70
CA SER A 641 9.33 3.04 -6.23
C SER A 641 9.28 1.66 -5.56
N PRO A 642 10.27 0.80 -5.80
CA PRO A 642 10.26 -0.53 -5.18
C PRO A 642 10.65 -0.54 -3.71
N LEU A 643 11.14 0.57 -3.16
CA LEU A 643 11.54 0.64 -1.75
C LEU A 643 10.30 0.97 -0.93
N ARG A 644 9.51 -0.07 -0.64
CA ARG A 644 8.27 0.10 0.11
C ARG A 644 8.54 0.40 1.57
N GLU A 645 9.51 -0.30 2.17
CA GLU A 645 9.84 -0.06 3.57
C GLU A 645 10.34 1.36 3.78
N LEU A 646 11.03 1.94 2.81
CA LEU A 646 11.48 3.33 2.95
C LEU A 646 10.29 4.28 3.02
N GLU A 647 9.28 4.07 2.19
CA GLU A 647 8.08 4.90 2.25
C GLU A 647 7.38 4.74 3.59
N LYS A 648 7.27 3.50 4.07
CA LYS A 648 6.65 3.28 5.37
C LYS A 648 7.44 3.98 6.47
N LEU A 649 8.77 3.92 6.41
CA LEU A 649 9.61 4.54 7.42
C LEU A 649 9.46 6.07 7.40
N LEU A 650 9.47 6.67 6.21
CA LEU A 650 9.32 8.12 6.12
C LEU A 650 7.96 8.56 6.67
N TYR A 651 6.90 7.85 6.29
CA TYR A 651 5.58 8.23 6.77
C TYR A 651 5.45 8.01 8.26
N ALA A 652 6.04 6.94 8.79
CA ALA A 652 6.02 6.73 10.22
C ALA A 652 6.76 7.85 10.96
N THR A 653 7.89 8.29 10.42
CA THR A 653 8.64 9.36 11.05
C THR A 653 7.83 10.66 11.10
N VAL A 654 7.30 11.09 9.96
CA VAL A 654 6.56 12.35 9.94
C VAL A 654 5.29 12.23 10.78
N THR A 655 4.61 11.09 10.72
CA THR A 655 3.41 10.89 11.51
C THR A 655 3.73 10.92 13.00
N LEU A 656 4.83 10.31 13.41
CA LEU A 656 5.21 10.35 14.82
C LEU A 656 5.45 11.78 15.27
N ILE A 657 6.17 12.56 14.47
CA ILE A 657 6.47 13.93 14.88
C ILE A 657 5.18 14.74 14.99
N GLU A 658 4.36 14.72 13.95
CA GLU A 658 3.14 15.53 13.94
C GLU A 658 2.17 15.08 15.03
N GLY A 659 1.99 13.77 15.18
CA GLY A 659 1.08 13.26 16.18
C GLY A 659 1.54 13.54 17.59
N THR A 660 2.87 13.51 17.83
CA THR A 660 3.37 13.85 19.16
C THR A 660 3.08 15.30 19.49
N MET A 661 3.31 16.21 18.53
CA MET A 661 2.99 17.61 18.78
C MET A 661 1.50 17.80 19.06
N GLN A 662 0.65 17.16 18.25
CA GLN A 662 -0.79 17.30 18.44
C GLN A 662 -1.24 16.73 19.78
N LEU A 663 -0.68 15.58 20.17
CA LEU A 663 -1.04 14.98 21.46
C LEU A 663 -0.61 15.88 22.61
N ASP A 664 0.57 16.50 22.51
CA ASP A 664 0.98 17.44 23.56
C ASP A 664 0.02 18.61 23.64
N LYS A 665 -0.42 19.12 22.49
CA LYS A 665 -1.38 20.21 22.49
C LYS A 665 -2.68 19.82 23.17
N GLU A 666 -3.19 18.62 22.86
CA GLU A 666 -4.41 18.13 23.51
C GLU A 666 -4.19 17.96 25.01
N PHE A 667 -3.03 17.42 25.39
CA PHE A 667 -2.73 17.19 26.80
C PHE A 667 -2.75 18.50 27.57
N PHE A 668 -2.14 19.55 27.03
CA PHE A 668 -2.14 20.82 27.75
C PHE A 668 -3.51 21.47 27.73
N LYS A 669 -4.28 21.29 26.65
CA LYS A 669 -5.66 21.77 26.65
C LYS A 669 -6.46 21.16 27.79
N GLN A 670 -6.31 19.85 28.01
CA GLN A 670 -7.02 19.21 29.11
C GLN A 670 -6.44 19.59 30.46
N LEU A 671 -5.12 19.80 30.53
CA LEU A 671 -4.48 20.16 31.80
C LEU A 671 -4.96 21.53 32.28
N GLU A 672 -5.18 22.46 31.36
CA GLU A 672 -5.69 23.77 31.77
C GLU A 672 -7.07 23.63 32.42
N GLN A 673 -7.94 22.82 31.82
CA GLN A 673 -9.26 22.60 32.41
C GLN A 673 -9.15 21.92 33.77
N VAL A 674 -8.25 20.95 33.89
CA VAL A 674 -8.07 20.28 35.18
C VAL A 674 -7.63 21.28 36.24
N GLU A 675 -6.66 22.14 35.91
CA GLU A 675 -6.18 23.11 36.87
C GLU A 675 -7.28 24.09 37.27
N LYS A 676 -8.06 24.56 36.30
CA LYS A 676 -9.14 25.47 36.63
C LYS A 676 -10.18 24.80 37.52
N ILE A 677 -10.51 23.55 37.23
CA ILE A 677 -11.47 22.82 38.06
C ILE A 677 -10.93 22.67 39.48
N LEU A 678 -9.64 22.37 39.61
CA LEU A 678 -9.06 22.01 40.89
C LEU A 678 -8.71 23.22 41.75
N SER A 679 -8.86 24.44 41.22
CA SER A 679 -8.66 25.66 42.00
C SER A 679 -9.97 26.37 42.31
N GLY A 680 -11.11 25.76 42.01
CA GLY A 680 -12.39 26.35 42.29
C GLY A 680 -12.96 27.24 41.21
N GLU A 681 -12.23 27.46 40.11
CA GLU A 681 -12.75 28.33 39.06
C GLU A 681 -14.03 27.77 38.46
N ILE A 682 -14.07 26.46 38.23
CA ILE A 682 -15.27 25.76 37.79
C ILE A 682 -15.82 24.95 38.96
N LYS A 683 -17.13 25.00 39.15
CA LYS A 683 -17.81 24.31 40.24
C LYS A 683 -18.43 23.03 39.70
N THR A 684 -17.88 21.88 40.10
CA THR A 684 -18.45 20.60 39.73
C THR A 684 -18.11 19.59 40.82
N ASP A 685 -18.89 18.51 40.86
CA ASP A 685 -18.77 17.54 41.93
C ASP A 685 -17.50 16.70 41.77
N ALA A 686 -17.30 15.79 42.71
CA ALA A 686 -16.06 15.00 42.72
C ALA A 686 -15.95 14.13 41.49
N ASN A 687 -17.05 13.53 41.05
CA ASN A 687 -16.99 12.61 39.92
C ASN A 687 -16.50 13.30 38.66
N SER A 688 -16.95 14.53 38.41
CA SER A 688 -16.49 15.27 37.24
C SER A 688 -15.00 15.56 37.33
N CYS A 689 -14.52 15.94 38.50
CA CYS A 689 -13.09 16.21 38.67
C CYS A 689 -12.25 14.97 38.40
N PHE A 690 -12.68 13.82 38.96
CA PHE A 690 -11.94 12.58 38.72
C PHE A 690 -11.99 12.18 37.26
N GLU A 691 -13.12 12.42 36.60
CA GLU A 691 -13.20 12.16 35.16
C GLU A 691 -12.20 13.03 34.40
N ALA A 692 -12.10 14.30 34.76
CA ALA A 692 -11.16 15.18 34.08
C ALA A 692 -9.72 14.70 34.28
N VAL A 693 -9.38 14.31 35.50
CA VAL A 693 -8.01 13.86 35.76
C VAL A 693 -7.72 12.56 35.02
N ALA A 694 -8.70 11.65 34.97
CA ALA A 694 -8.51 10.40 34.23
C ALA A 694 -8.32 10.65 32.75
N GLN A 695 -9.08 11.60 32.18
CA GLN A 695 -8.87 11.96 30.78
C GLN A 695 -7.46 12.50 30.58
N LEU A 696 -7.01 13.38 31.47
CA LEU A 696 -5.65 13.90 31.36
C LEU A 696 -4.65 12.75 31.39
N LEU A 697 -4.90 11.74 32.22
CA LEU A 697 -4.02 10.58 32.24
C LEU A 697 -4.01 9.86 30.90
N ASP A 698 -5.19 9.70 30.29
CA ASP A 698 -5.25 9.06 28.99
C ASP A 698 -4.60 9.86 27.88
N LEU A 699 -4.39 11.17 28.06
CA LEU A 699 -3.76 12.00 27.05
C LEU A 699 -2.24 12.11 27.23
N ALA A 700 -1.61 11.09 27.80
CA ALA A 700 -0.17 11.12 28.05
C ALA A 700 0.60 10.44 26.92
N ARG A 701 1.86 10.82 26.77
CA ARG A 701 2.70 10.24 25.74
C ARG A 701 2.89 8.75 25.99
N PRO A 702 2.89 7.92 24.96
CA PRO A 702 3.19 6.50 25.17
C PRO A 702 4.64 6.30 25.55
N GLY A 703 4.86 5.54 26.62
CA GLY A 703 6.20 5.25 27.10
C GLY A 703 6.81 6.34 27.96
N CYS A 704 6.10 7.43 28.22
CA CYS A 704 6.63 8.57 28.96
C CYS A 704 6.06 8.56 30.37
N HIS A 705 6.93 8.69 31.37
CA HIS A 705 6.55 8.50 32.77
C HIS A 705 6.32 9.80 33.52
N PHE A 706 7.11 10.85 33.27
CA PHE A 706 6.94 12.08 34.06
C PHE A 706 5.58 12.71 33.85
N GLN A 707 5.01 12.57 32.65
CA GLN A 707 3.65 13.03 32.44
C GLN A 707 2.67 12.31 33.36
N LYS A 708 2.81 10.99 33.46
CA LYS A 708 1.95 10.22 34.34
C LYS A 708 2.20 10.55 35.80
N ARG A 709 3.45 10.87 36.16
CA ARG A 709 3.72 11.31 37.53
C ARG A 709 3.00 12.61 37.84
N LEU A 710 3.03 13.56 36.90
CA LEU A 710 2.31 14.81 37.10
C LEU A 710 0.81 14.56 37.25
N VAL A 711 0.26 13.68 36.41
CA VAL A 711 -1.16 13.38 36.48
C VAL A 711 -1.51 12.72 37.81
N LEU A 712 -0.64 11.83 38.30
CA LEU A 712 -0.88 11.20 39.59
C LEU A 712 -0.87 12.22 40.71
N SER A 713 0.05 13.19 40.66
CA SER A 713 0.07 14.24 41.68
C SER A 713 -1.21 15.06 41.64
N TYR A 714 -1.68 15.41 40.44
CA TYR A 714 -2.94 16.14 40.33
C TYR A 714 -4.10 15.31 40.87
N TYR A 715 -4.08 14.00 40.63
CA TYR A 715 -5.12 13.13 41.17
C TYR A 715 -5.09 13.11 42.69
N GLU A 716 -3.89 13.05 43.28
CA GLU A 716 -3.79 13.09 44.73
C GLU A 716 -4.35 14.40 45.28
N GLU A 717 -4.01 15.52 44.64
CA GLU A 717 -4.55 16.80 45.08
C GLU A 717 -6.07 16.83 44.98
N ALA A 718 -6.62 16.35 43.87
CA ALA A 718 -8.07 16.33 43.71
C ALA A 718 -8.74 15.45 44.76
N LYS A 719 -8.16 14.27 45.02
CA LYS A 719 -8.70 13.38 46.04
C LYS A 719 -8.66 14.04 47.40
N LEU A 720 -7.60 14.80 47.68
CA LEU A 720 -7.55 15.56 48.92
C LEU A 720 -8.68 16.60 48.97
N LYS A 721 -8.96 17.26 47.85
CA LYS A 721 -10.03 18.24 47.81
C LYS A 721 -11.41 17.61 48.01
N TYR A 722 -11.55 16.32 47.75
CA TYR A 722 -12.84 15.62 47.86
C TYR A 722 -12.64 14.35 48.69
N PRO A 723 -12.33 14.50 49.98
CA PRO A 723 -12.07 13.30 50.79
C PRO A 723 -13.26 12.35 50.89
N SER A 724 -14.48 12.90 50.97
CA SER A 724 -15.67 12.07 51.20
C SER A 724 -16.36 11.76 49.87
N ALA A 725 -15.61 11.13 48.98
CA ALA A 725 -16.13 10.72 47.67
C ALA A 725 -15.61 9.34 47.33
N PRO A 726 -16.33 8.58 46.52
CA PRO A 726 -15.85 7.26 46.11
C PRO A 726 -14.93 7.34 44.91
N THR A 727 -13.87 6.52 44.93
CA THR A 727 -12.89 6.49 43.85
C THR A 727 -12.56 5.07 43.42
N ASP A 728 -13.45 4.11 43.71
CA ASP A 728 -13.16 2.73 43.35
C ASP A 728 -12.99 2.55 41.85
N ALA A 729 -13.61 3.42 41.04
CA ALA A 729 -13.44 3.34 39.60
C ALA A 729 -12.02 3.75 39.19
N TYR A 730 -11.53 4.86 39.74
CA TYR A 730 -10.21 5.38 39.39
C TYR A 730 -9.18 5.02 40.44
N ASP A 731 -8.93 3.74 40.61
CA ASP A 731 -7.94 3.29 41.58
C ASP A 731 -6.88 2.37 40.98
N SER A 732 -7.27 1.47 40.08
CA SER A 732 -6.29 0.54 39.51
C SER A 732 -5.24 1.29 38.70
N ARG A 733 -5.68 2.24 37.87
CA ARG A 733 -4.77 2.92 36.95
C ARG A 733 -3.75 3.75 37.72
N PHE A 734 -4.20 4.51 38.72
CA PHE A 734 -3.27 5.32 39.49
C PHE A 734 -2.39 4.48 40.39
N GLN A 735 -2.91 3.34 40.86
CA GLN A 735 -2.04 2.42 41.61
C GLN A 735 -0.94 1.87 40.72
N VAL A 736 -1.26 1.55 39.47
CA VAL A 736 -0.24 1.11 38.53
C VAL A 736 0.80 2.21 38.31
N VAL A 737 0.34 3.45 38.16
CA VAL A 737 1.27 4.56 37.97
C VAL A 737 2.19 4.70 39.17
N ALA A 738 1.62 4.63 40.38
CA ALA A 738 2.43 4.74 41.59
C ALA A 738 3.45 3.60 41.69
N ARG A 739 3.04 2.39 41.36
CA ARG A 739 3.97 1.26 41.39
C ARG A 739 5.10 1.45 40.39
N THR A 740 4.78 1.96 39.20
CA THR A 740 5.84 2.24 38.23
C THR A 740 6.79 3.30 38.75
N ASN A 741 6.26 4.33 39.40
CA ASN A 741 7.13 5.35 39.98
C ASN A 741 8.07 4.76 41.02
N ALA A 742 7.55 3.89 41.88
CA ALA A 742 8.39 3.25 42.88
C ALA A 742 9.45 2.36 42.23
N ALA A 743 9.07 1.64 41.17
CA ALA A 743 10.04 0.81 40.48
C ALA A 743 11.16 1.65 39.87
N ILE A 744 10.80 2.79 39.28
CA ILE A 744 11.82 3.70 38.73
C ILE A 744 12.74 4.17 39.84
N THR A 745 12.17 4.54 41.00
CA THR A 745 13.01 5.01 42.11
C THR A 745 14.00 3.94 42.53
N ILE A 746 13.51 2.71 42.69
CA ILE A 746 14.39 1.62 43.13
C ILE A 746 15.46 1.34 42.09
N GLN A 747 15.08 1.30 40.81
CA GLN A 747 16.07 1.03 39.76
C GLN A 747 17.13 2.10 39.72
N ARG A 748 16.73 3.37 39.82
CA ARG A 748 17.71 4.46 39.84
C ARG A 748 18.66 4.31 41.02
N PHE A 749 18.11 4.11 42.22
CA PHE A 749 18.96 4.01 43.40
C PHE A 749 19.94 2.85 43.27
N TRP A 750 19.46 1.69 42.82
CA TRP A 750 20.33 0.53 42.69
C TRP A 750 21.43 0.77 41.66
N ARG A 751 21.05 1.19 40.45
CA ARG A 751 22.05 1.40 39.40
C ARG A 751 23.06 2.45 39.82
N GLU A 752 22.65 3.43 40.63
CA GLU A 752 23.59 4.40 41.15
C GLU A 752 24.66 3.72 41.99
N ALA A 753 24.26 2.78 42.84
CA ALA A 753 25.19 2.06 43.71
C ALA A 753 25.43 0.65 43.17
N GLN B 5 27.52 15.87 38.17
CA GLN B 5 27.40 14.72 37.27
C GLN B 5 26.05 14.03 37.46
N LEU B 6 25.24 14.04 36.41
CA LEU B 6 23.93 13.41 36.42
C LEU B 6 23.93 12.19 35.50
N THR B 7 23.12 11.20 35.86
CA THR B 7 23.05 9.98 35.09
C THR B 7 22.44 10.26 33.71
N GLU B 8 22.80 9.39 32.75
CA GLU B 8 22.32 9.58 31.38
C GLU B 8 20.81 9.52 31.30
N GLU B 9 20.19 8.56 32.00
CA GLU B 9 18.73 8.47 31.97
C GLU B 9 18.09 9.70 32.59
N GLN B 10 18.67 10.21 33.68
CA GLN B 10 18.17 11.44 34.28
C GLN B 10 18.26 12.60 33.31
N ILE B 11 19.37 12.70 32.59
CA ILE B 11 19.53 13.78 31.61
C ILE B 11 18.50 13.65 30.51
N ALA B 12 18.26 12.44 30.02
CA ALA B 12 17.26 12.25 28.97
C ALA B 12 15.86 12.64 29.45
N GLU B 13 15.51 12.22 30.67
CA GLU B 13 14.20 12.58 31.21
C GLU B 13 14.06 14.09 31.36
N PHE B 14 15.11 14.75 31.88
CA PHE B 14 15.06 16.20 32.02
C PHE B 14 14.92 16.89 30.67
N LYS B 15 15.66 16.42 29.67
CA LYS B 15 15.57 17.03 28.35
C LYS B 15 14.16 16.85 27.77
N GLU B 16 13.59 15.67 27.91
CA GLU B 16 12.24 15.45 27.39
C GLU B 16 11.22 16.34 28.09
N ALA B 17 11.29 16.45 29.41
CA ALA B 17 10.34 17.30 30.12
C ALA B 17 10.51 18.76 29.72
N PHE B 18 11.77 19.23 29.63
CA PHE B 18 12.03 20.60 29.24
C PHE B 18 11.46 20.88 27.86
N SER B 19 11.70 19.98 26.91
CA SER B 19 11.18 20.19 25.56
C SER B 19 9.67 20.18 25.55
N LEU B 20 9.05 19.30 26.35
CA LEU B 20 7.60 19.24 26.41
C LEU B 20 7.01 20.55 26.89
N PHE B 21 7.59 21.13 27.94
CA PHE B 21 7.02 22.34 28.53
C PHE B 21 7.47 23.62 27.84
N ASP B 22 8.32 23.53 26.82
CA ASP B 22 8.69 24.68 26.00
C ASP B 22 7.64 24.84 24.92
N LYS B 23 6.66 25.72 25.16
CA LYS B 23 5.49 25.79 24.30
C LYS B 23 5.82 26.36 22.94
N ASP B 24 6.57 27.47 22.88
CA ASP B 24 6.87 28.11 21.62
C ASP B 24 8.04 27.46 20.88
N GLY B 25 8.71 26.49 21.51
CA GLY B 25 9.75 25.74 20.82
C GLY B 25 10.96 26.57 20.42
N ASP B 26 11.33 27.54 21.25
CA ASP B 26 12.50 28.37 21.00
C ASP B 26 13.70 27.95 21.84
N GLY B 27 13.61 26.83 22.56
CA GLY B 27 14.70 26.34 23.36
C GLY B 27 14.74 26.86 24.78
N THR B 28 13.76 27.65 25.20
CA THR B 28 13.72 28.18 26.56
C THR B 28 12.31 28.04 27.12
N ILE B 29 12.22 27.99 28.44
CA ILE B 29 10.94 27.89 29.14
C ILE B 29 10.77 29.13 30.00
N THR B 30 9.55 29.68 30.01
CA THR B 30 9.27 30.86 30.80
C THR B 30 9.17 30.49 32.28
N THR B 31 8.94 31.51 33.11
CA THR B 31 8.94 31.33 34.56
C THR B 31 7.61 30.82 35.09
N LYS B 32 6.54 30.87 34.31
CA LYS B 32 5.24 30.37 34.76
C LYS B 32 5.09 28.87 34.55
N GLU B 33 6.04 28.22 33.88
CA GLU B 33 6.01 26.78 33.63
C GLU B 33 7.03 26.01 34.43
N LEU B 34 7.92 26.69 35.16
CA LEU B 34 8.94 25.99 35.93
C LEU B 34 8.31 25.13 37.03
N GLY B 35 7.29 25.64 37.70
CA GLY B 35 6.67 24.88 38.76
C GLY B 35 6.06 23.57 38.28
N THR B 36 5.38 23.61 37.14
CA THR B 36 4.79 22.40 36.59
C THR B 36 5.88 21.40 36.20
N VAL B 37 6.97 21.89 35.62
CA VAL B 37 8.07 21.00 35.24
C VAL B 37 8.65 20.33 36.48
N MET B 38 8.82 21.10 37.56
CA MET B 38 9.35 20.53 38.80
C MET B 38 8.39 19.50 39.38
N ARG B 39 7.08 19.80 39.38
CA ARG B 39 6.12 18.83 39.89
C ARG B 39 6.15 17.54 39.07
N SER B 40 6.25 17.66 37.75
CA SER B 40 6.34 16.48 36.89
C SER B 40 7.60 15.69 37.19
N LEU B 41 8.72 16.38 37.40
CA LEU B 41 9.99 15.68 37.60
C LEU B 41 10.11 15.04 38.98
N GLY B 42 9.21 15.35 39.91
CA GLY B 42 9.16 14.72 41.22
C GLY B 42 9.29 15.70 42.37
N GLN B 43 9.99 16.82 42.16
CA GLN B 43 10.24 17.77 43.22
C GLN B 43 9.12 18.80 43.25
N ASN B 44 8.48 18.94 44.40
CA ASN B 44 7.35 19.85 44.55
C ASN B 44 7.79 21.09 45.33
N PRO B 45 8.27 22.14 44.67
CA PRO B 45 8.75 23.32 45.39
C PRO B 45 7.60 24.05 46.07
N THR B 46 7.90 24.65 47.22
CA THR B 46 6.94 25.48 47.92
C THR B 46 6.82 26.84 47.24
N GLU B 47 5.75 27.56 47.58
CA GLU B 47 5.53 28.86 46.98
C GLU B 47 6.68 29.82 47.29
N ALA B 48 7.18 29.80 48.53
CA ALA B 48 8.30 30.66 48.89
C ALA B 48 9.55 30.25 48.13
N GLU B 49 9.86 28.95 48.10
CA GLU B 49 11.04 28.48 47.39
C GLU B 49 10.93 28.77 45.89
N LEU B 50 9.75 28.55 45.32
CA LEU B 50 9.56 28.83 43.90
C LEU B 50 9.73 30.32 43.60
N GLN B 51 9.16 31.18 44.44
CA GLN B 51 9.30 32.62 44.23
C GLN B 51 10.77 33.03 44.33
N ASP B 52 11.48 32.53 45.34
CA ASP B 52 12.89 32.84 45.49
C ASP B 52 13.70 32.37 44.28
N MET B 53 13.42 31.15 43.81
CA MET B 53 14.15 30.61 42.68
C MET B 53 13.90 31.45 41.42
N ILE B 54 12.64 31.83 41.20
CA ILE B 54 12.31 32.66 40.04
C ILE B 54 13.03 33.99 40.11
N ASN B 55 12.97 34.65 41.27
CA ASN B 55 13.57 35.97 41.39
C ASN B 55 15.09 35.91 41.42
N GLU B 56 15.68 34.74 41.69
CA GLU B 56 17.12 34.61 41.74
C GLU B 56 17.72 34.26 40.38
N VAL B 57 17.29 33.13 39.80
CA VAL B 57 17.95 32.64 38.59
C VAL B 57 17.32 33.18 37.31
N ASP B 58 16.14 33.77 37.39
CA ASP B 58 15.41 34.27 36.22
C ASP B 58 15.08 35.74 36.39
N ALA B 59 16.05 36.51 36.88
CA ALA B 59 15.91 37.95 37.05
C ALA B 59 16.96 38.70 36.24
N ASP B 60 17.37 38.15 35.11
CA ASP B 60 18.39 38.74 34.26
C ASP B 60 17.81 39.70 33.23
N GLY B 61 16.52 40.03 33.33
CA GLY B 61 15.88 40.90 32.38
C GLY B 61 15.28 40.21 31.17
N ASN B 62 15.40 38.88 31.08
CA ASN B 62 14.84 38.11 29.98
C ASN B 62 13.63 37.28 30.39
N GLY B 63 13.70 36.62 31.54
CA GLY B 63 12.58 35.83 32.02
C GLY B 63 12.49 34.44 31.44
N THR B 64 13.52 33.96 30.75
CA THR B 64 13.52 32.64 30.14
C THR B 64 14.71 31.84 30.63
N ILE B 65 14.56 30.52 30.60
CA ILE B 65 15.58 29.58 31.08
C ILE B 65 15.97 28.66 29.94
N ASP B 66 17.27 28.57 29.67
CA ASP B 66 17.79 27.64 28.68
C ASP B 66 18.11 26.30 29.35
N PHE B 67 18.34 25.27 28.53
CA PHE B 67 18.46 23.92 29.07
C PHE B 67 19.65 23.75 30.01
N PRO B 68 20.87 24.19 29.67
CA PRO B 68 21.95 24.08 30.66
C PRO B 68 21.64 24.77 31.96
N GLU B 69 21.00 25.94 31.90
CA GLU B 69 20.59 26.63 33.11
C GLU B 69 19.59 25.79 33.90
N PHE B 70 18.64 25.17 33.21
CA PHE B 70 17.67 24.30 33.87
C PHE B 70 18.36 23.12 34.54
N LEU B 71 19.35 22.53 33.87
CA LEU B 71 20.06 21.40 34.45
C LEU B 71 20.81 21.82 35.71
N THR B 72 21.45 23.00 35.67
CA THR B 72 22.11 23.51 36.88
C THR B 72 21.09 23.72 37.99
N MET B 73 19.93 24.28 37.67
CA MET B 73 18.87 24.48 38.65
C MET B 73 18.47 23.15 39.29
N MET B 74 18.28 22.14 38.45
CA MET B 74 17.80 20.86 38.95
C MET B 74 18.85 20.18 39.82
N ALA B 75 20.11 20.23 39.39
CA ALA B 75 21.17 19.65 40.22
C ALA B 75 21.27 20.37 41.56
N ARG B 76 21.18 21.69 41.56
CA ARG B 76 21.23 22.44 42.81
C ARG B 76 20.07 22.05 43.72
N LYS B 77 18.86 21.94 43.16
CA LYS B 77 17.72 21.57 43.99
C LYS B 77 17.86 20.15 44.54
N MET B 78 18.33 19.22 43.71
CA MET B 78 18.47 17.84 44.16
C MET B 78 19.61 17.68 45.17
N LYS B 79 20.57 18.61 45.19
CA LYS B 79 21.68 18.51 46.13
C LYS B 79 21.22 18.56 47.59
N ASP B 80 20.01 19.06 47.86
CA ASP B 80 19.53 19.22 49.22
C ASP B 80 18.26 18.44 49.49
N THR B 81 17.85 17.54 48.59
CA THR B 81 16.67 16.72 48.79
C THR B 81 16.92 15.29 48.33
N ASP B 82 18.07 14.75 48.71
CA ASP B 82 18.42 13.37 48.41
C ASP B 82 18.26 12.45 49.63
N SER B 83 17.40 12.82 50.57
CA SER B 83 17.20 12.02 51.77
C SER B 83 16.71 10.63 51.40
N GLU B 84 17.15 9.63 52.17
CA GLU B 84 16.79 8.24 51.90
C GLU B 84 15.32 7.96 52.18
N GLU B 85 14.60 8.86 52.84
CA GLU B 85 13.19 8.61 53.14
C GLU B 85 12.38 8.39 51.86
N GLU B 86 12.81 9.00 50.75
CA GLU B 86 12.13 8.75 49.48
C GLU B 86 12.27 7.30 49.06
N ILE B 87 13.47 6.73 49.21
CA ILE B 87 13.65 5.31 48.90
C ILE B 87 12.83 4.45 49.85
N ARG B 88 12.72 4.88 51.10
CA ARG B 88 11.89 4.16 52.06
C ARG B 88 10.44 4.12 51.60
N GLU B 89 9.91 5.27 51.14
CA GLU B 89 8.55 5.29 50.62
C GLU B 89 8.41 4.40 49.39
N ALA B 90 9.41 4.46 48.50
CA ALA B 90 9.36 3.63 47.30
C ALA B 90 9.27 2.16 47.66
N PHE B 91 10.05 1.72 48.65
CA PHE B 91 9.98 0.32 49.07
C PHE B 91 8.67 0.03 49.80
N ARG B 92 8.17 0.98 50.59
CA ARG B 92 6.92 0.78 51.32
C ARG B 92 5.73 0.67 50.39
N VAL B 93 5.82 1.21 49.17
CA VAL B 93 4.70 1.12 48.24
C VAL B 93 4.37 -0.34 47.94
N PHE B 94 5.40 -1.16 47.72
CA PHE B 94 5.20 -2.57 47.42
C PHE B 94 4.89 -3.36 48.68
N GLY B 98 2.75 -3.80 56.28
CA GLY B 98 3.69 -3.20 57.20
C GLY B 98 4.61 -4.22 57.84
N ASN B 99 4.78 -5.36 57.17
CA ASN B 99 5.62 -6.42 57.71
C ASN B 99 7.08 -5.98 57.81
N GLY B 100 7.55 -5.23 56.82
CA GLY B 100 8.96 -4.94 56.67
C GLY B 100 9.72 -5.97 55.86
N TYR B 101 9.13 -7.15 55.63
CA TYR B 101 9.69 -8.17 54.77
C TYR B 101 8.84 -8.25 53.51
N ILE B 102 9.46 -7.96 52.36
CA ILE B 102 8.76 -7.92 51.08
C ILE B 102 9.09 -9.18 50.31
N SER B 103 8.07 -9.80 49.72
CA SER B 103 8.27 -11.03 48.97
C SER B 103 9.28 -10.81 47.84
N ALA B 104 10.23 -11.74 47.71
CA ALA B 104 11.21 -11.64 46.64
C ALA B 104 10.61 -12.01 45.29
N ALA B 105 9.58 -12.85 45.28
CA ALA B 105 8.94 -13.22 44.03
C ALA B 105 8.33 -12.00 43.34
N GLU B 106 7.92 -10.99 44.11
CA GLU B 106 7.40 -9.77 43.52
C GLU B 106 8.50 -8.89 42.94
N LEU B 107 9.71 -8.97 43.52
CA LEU B 107 10.79 -8.10 43.06
C LEU B 107 11.20 -8.43 41.63
N ARG B 108 11.32 -9.72 41.30
CA ARG B 108 11.65 -10.08 39.92
C ARG B 108 10.56 -9.61 38.97
N HIS B 109 9.30 -9.82 39.34
CA HIS B 109 8.19 -9.39 38.50
C HIS B 109 8.26 -7.88 38.23
N VAL B 110 8.44 -7.09 39.29
CA VAL B 110 8.48 -5.64 39.13
C VAL B 110 9.69 -5.24 38.29
N MET B 111 10.88 -5.72 38.66
CA MET B 111 12.10 -5.30 38.00
C MET B 111 12.18 -5.77 36.56
N THR B 112 11.33 -6.74 36.17
CA THR B 112 11.31 -7.21 34.79
C THR B 112 10.14 -6.66 33.98
N ASN B 113 9.06 -6.23 34.63
CA ASN B 113 7.86 -5.79 33.92
C ASN B 113 7.37 -4.42 34.41
N LEU B 114 8.28 -3.61 34.94
CA LEU B 114 7.91 -2.27 35.38
C LEU B 114 9.12 -1.36 35.34
N GLY B 115 8.89 -0.11 34.97
CA GLY B 115 9.94 0.90 35.05
C GLY B 115 11.04 0.69 34.02
N GLU B 116 12.26 1.00 34.42
CA GLU B 116 13.43 0.82 33.56
C GLU B 116 13.89 -0.63 33.66
N LYS B 117 13.94 -1.31 32.52
CA LYS B 117 14.18 -2.75 32.50
C LYS B 117 15.56 -3.08 33.05
N GLU B 122 20.74 -7.58 34.69
CA GLU B 122 21.14 -6.97 35.96
C GLU B 122 20.35 -7.55 37.12
N VAL B 123 19.19 -8.15 36.80
CA VAL B 123 18.37 -8.76 37.82
C VAL B 123 19.08 -9.93 38.50
N ASP B 124 20.12 -10.46 37.87
CA ASP B 124 20.90 -11.52 38.50
C ASP B 124 21.49 -11.04 39.83
N GLU B 125 22.08 -9.84 39.83
CA GLU B 125 22.59 -9.29 41.08
C GLU B 125 21.46 -9.03 42.07
N MET B 126 20.30 -8.59 41.59
CA MET B 126 19.16 -8.40 42.49
C MET B 126 18.81 -9.70 43.20
N ILE B 127 18.73 -10.81 42.46
CA ILE B 127 18.32 -12.06 43.07
C ILE B 127 19.42 -12.62 43.96
N ARG B 128 20.69 -12.44 43.60
CA ARG B 128 21.75 -12.96 44.45
C ARG B 128 21.89 -12.15 45.74
N GLU B 129 21.70 -10.83 45.66
CA GLU B 129 21.68 -10.02 46.88
C GLU B 129 20.56 -10.46 47.81
N ALA B 130 19.37 -10.68 47.24
CA ALA B 130 18.21 -11.12 48.02
C ALA B 130 18.06 -10.32 49.31
N VAL B 138 12.87 -10.53 51.37
CA VAL B 138 13.83 -9.45 51.46
C VAL B 138 13.30 -8.35 52.38
N ASN B 139 14.06 -8.04 53.44
CA ASN B 139 13.74 -6.92 54.31
C ASN B 139 14.24 -5.64 53.65
N TYR B 140 13.31 -4.84 53.15
CA TYR B 140 13.69 -3.70 52.32
C TYR B 140 14.57 -2.72 53.09
N GLU B 141 14.26 -2.51 54.38
CA GLU B 141 15.09 -1.63 55.19
C GLU B 141 16.51 -2.17 55.31
N GLU B 142 16.64 -3.49 55.52
CA GLU B 142 17.96 -4.10 55.60
C GLU B 142 18.73 -3.92 54.31
N PHE B 143 18.07 -4.10 53.16
CA PHE B 143 18.73 -3.90 51.89
C PHE B 143 19.15 -2.44 51.72
N VAL B 144 18.31 -1.52 52.20
CA VAL B 144 18.66 -0.10 52.14
C VAL B 144 19.94 0.16 52.95
N GLN B 145 20.01 -0.38 54.17
CA GLN B 145 21.22 -0.20 54.96
C GLN B 145 22.41 -0.87 54.29
N MET B 146 22.18 -1.94 53.53
CA MET B 146 23.28 -2.59 52.83
C MET B 146 23.98 -1.61 51.87
N MET B 147 23.25 -0.62 51.39
CA MET B 147 23.82 0.38 50.47
C MET B 147 24.32 -0.29 49.21
N GLY C 4 -18.47 -15.24 -3.19
CA GLY C 4 -17.08 -14.97 -2.88
C GLY C 4 -16.93 -14.08 -1.66
N SER C 5 -15.75 -14.13 -1.04
CA SER C 5 -15.48 -13.38 0.18
C SER C 5 -14.01 -12.99 0.22
N GLY C 6 -13.70 -12.06 1.11
CA GLY C 6 -12.32 -11.62 1.28
C GLY C 6 -11.43 -12.69 1.89
N PHE C 7 -11.97 -13.46 2.84
CA PHE C 7 -11.16 -14.39 3.60
C PHE C 7 -10.51 -15.44 2.70
N SER C 8 -9.22 -15.66 2.89
CA SER C 8 -8.49 -16.72 2.22
C SER C 8 -7.36 -17.19 3.12
N LEU C 9 -6.92 -18.42 2.91
CA LEU C 9 -5.81 -18.97 3.69
C LEU C 9 -4.53 -18.19 3.45
N TYR C 10 -4.30 -17.76 2.21
CA TYR C 10 -3.02 -17.20 1.81
C TYR C 10 -2.85 -15.74 2.20
N THR C 11 -3.93 -15.04 2.57
CA THR C 11 -3.85 -13.64 2.94
C THR C 11 -4.32 -13.35 4.34
N ASP C 12 -5.10 -14.23 4.96
CA ASP C 12 -5.59 -14.00 6.30
C ASP C 12 -4.43 -14.01 7.30
N ASP C 13 -4.52 -13.13 8.29
CA ASP C 13 -3.41 -12.91 9.23
C ASP C 13 -3.51 -13.74 10.50
N THR C 14 -4.71 -14.03 11.00
CA THR C 14 -4.82 -14.84 12.21
C THR C 14 -4.41 -16.28 11.94
N VAL C 15 -4.78 -16.83 10.79
CA VAL C 15 -4.34 -18.18 10.44
C VAL C 15 -2.83 -18.23 10.30
N LYS C 16 -2.25 -17.21 9.66
CA LYS C 16 -0.80 -17.16 9.52
C LYS C 16 -0.12 -17.07 10.87
N ALA C 17 -0.68 -16.28 11.80
CA ALA C 17 -0.11 -16.19 13.13
C ALA C 17 -0.18 -17.52 13.85
N ALA C 18 -1.30 -18.24 13.71
CA ALA C 18 -1.41 -19.56 14.32
C ALA C 18 -0.36 -20.51 13.76
N ALA C 19 -0.19 -20.52 12.44
CA ALA C 19 0.80 -21.39 11.83
C ALA C 19 2.21 -21.03 12.28
N GLN C 20 2.51 -19.74 12.38
CA GLN C 20 3.82 -19.31 12.83
C GLN C 20 4.07 -19.76 14.27
N TYR C 21 3.08 -19.61 15.14
CA TYR C 21 3.23 -20.08 16.52
C TYR C 21 3.49 -21.58 16.55
N ALA C 22 2.73 -22.34 15.77
CA ALA C 22 2.92 -23.79 15.76
C ALA C 22 4.32 -24.15 15.28
N TYR C 23 4.82 -23.48 14.24
CA TYR C 23 6.15 -23.79 13.73
C TYR C 23 7.22 -23.41 14.75
N ASP C 24 7.12 -22.22 15.33
CA ASP C 24 8.15 -21.77 16.26
C ASP C 24 8.21 -22.66 17.48
N ASN C 25 7.06 -23.09 18.00
CA ASN C 25 7.04 -23.83 19.24
C ASN C 25 7.20 -25.34 19.06
N TYR C 26 6.55 -25.92 18.05
CA TYR C 26 6.50 -27.38 17.93
C TYR C 26 7.13 -27.91 16.65
N LEU C 27 6.70 -27.44 15.47
CA LEU C 27 7.12 -28.11 14.24
C LEU C 27 8.56 -27.79 13.89
N GLY C 28 9.06 -26.61 14.24
CA GLY C 28 10.42 -26.24 13.93
C GLY C 28 11.39 -26.62 15.02
N LYS C 29 11.21 -27.81 15.61
CA LYS C 29 12.05 -28.31 16.69
C LYS C 29 12.45 -29.74 16.40
N PRO C 30 13.60 -30.17 16.92
CA PRO C 30 14.02 -31.56 16.70
C PRO C 30 13.13 -32.55 17.43
N TYR C 31 12.98 -33.74 16.84
CA TYR C 31 12.19 -34.78 17.45
C TYR C 31 12.83 -35.24 18.75
N THR C 32 11.99 -35.48 19.76
CA THR C 32 12.45 -35.87 21.10
C THR C 32 12.40 -37.38 21.30
N GLY C 33 12.62 -38.15 20.25
CA GLY C 33 12.64 -39.60 20.35
C GLY C 33 13.45 -40.18 19.21
N SER C 34 13.47 -41.51 19.14
CA SER C 34 14.25 -42.23 18.13
C SER C 34 13.36 -43.27 17.45
N VAL C 35 12.59 -42.84 16.46
CA VAL C 35 11.96 -43.75 15.51
C VAL C 35 12.08 -43.12 14.13
N GLU C 36 13.12 -43.49 13.38
CA GLU C 36 13.46 -42.84 12.11
C GLU C 36 13.20 -41.33 12.20
N SER C 37 13.80 -40.72 13.22
CA SER C 37 13.59 -39.31 13.55
C SER C 37 14.89 -38.54 13.51
N ALA C 38 15.70 -38.76 12.47
CA ALA C 38 16.97 -38.06 12.33
C ALA C 38 16.78 -36.83 11.45
N PRO C 39 17.21 -35.64 11.87
CA PRO C 39 17.06 -34.46 11.00
C PRO C 39 17.80 -34.64 9.70
N ALA C 40 17.21 -34.10 8.63
CA ALA C 40 17.77 -34.22 7.28
C ALA C 40 18.42 -32.90 6.86
N ASN C 41 19.25 -32.99 5.83
CA ASN C 41 19.97 -31.85 5.29
C ASN C 41 19.50 -31.59 3.87
N PHE C 42 19.17 -30.33 3.59
CA PHE C 42 18.73 -29.91 2.25
C PHE C 42 19.47 -28.62 1.92
N GLY C 43 20.34 -28.67 0.93
CA GLY C 43 21.07 -27.49 0.52
C GLY C 43 21.86 -26.85 1.64
N GLY C 44 22.28 -27.62 2.63
CA GLY C 44 23.02 -27.11 3.76
C GLY C 44 22.19 -26.66 4.93
N ARG C 45 20.87 -26.69 4.83
CA ARG C 45 19.98 -26.30 5.91
C ARG C 45 19.31 -27.53 6.51
N MET C 46 19.06 -27.47 7.81
CA MET C 46 18.52 -28.60 8.55
C MET C 46 17.00 -28.57 8.54
N VAL C 47 16.40 -29.68 8.13
CA VAL C 47 14.96 -29.90 8.23
C VAL C 47 14.75 -30.98 9.29
N TYR C 48 14.16 -30.60 10.42
CA TYR C 48 14.05 -31.52 11.54
C TYR C 48 12.90 -32.51 11.34
N ARG C 49 11.75 -32.05 10.86
CA ARG C 49 10.58 -32.89 10.64
C ARG C 49 10.21 -32.80 9.17
N GLN C 50 10.72 -33.74 8.37
CA GLN C 50 10.52 -33.73 6.93
C GLN C 50 9.27 -34.50 6.50
N HIS C 51 8.57 -35.14 7.43
CA HIS C 51 7.36 -35.88 7.11
C HIS C 51 6.11 -35.32 7.78
N HIS C 52 6.26 -34.68 8.94
CA HIS C 52 5.15 -34.04 9.65
C HIS C 52 5.57 -32.65 10.08
N GLY C 53 6.17 -31.90 9.17
CA GLY C 53 6.66 -30.57 9.43
C GLY C 53 5.69 -29.49 9.00
N LEU C 54 6.23 -28.29 8.81
CA LEU C 54 5.40 -27.13 8.47
C LEU C 54 4.73 -27.31 7.11
N SER C 55 5.46 -27.85 6.14
CA SER C 55 4.92 -28.00 4.80
C SER C 55 3.68 -28.89 4.82
N HIS C 56 3.71 -29.98 5.60
CA HIS C 56 2.58 -30.88 5.66
C HIS C 56 1.34 -30.17 6.21
N THR C 57 1.51 -29.40 7.28
CA THR C 57 0.36 -28.72 7.87
C THR C 57 -0.21 -27.66 6.93
N LEU C 58 0.67 -26.88 6.30
CA LEU C 58 0.18 -25.88 5.35
C LEU C 58 -0.54 -26.54 4.18
N ARG C 59 -0.03 -27.67 3.70
CA ARG C 59 -0.69 -28.37 2.61
C ARG C 59 -2.04 -28.90 3.03
N THR C 60 -2.16 -29.40 4.27
CA THR C 60 -3.47 -29.87 4.74
C THR C 60 -4.48 -28.72 4.81
N MET C 61 -4.05 -27.55 5.30
CA MET C 61 -4.94 -26.39 5.35
C MET C 61 -5.37 -25.98 3.94
N ALA C 62 -4.43 -25.97 3.01
CA ALA C 62 -4.75 -25.67 1.62
C ALA C 62 -5.73 -26.70 1.07
N TYR C 63 -5.56 -27.98 1.41
CA TYR C 63 -6.48 -29.00 0.96
C TYR C 63 -7.88 -28.73 1.49
N ALA C 64 -8.00 -28.34 2.76
CA ALA C 64 -9.32 -28.03 3.31
C ALA C 64 -10.00 -26.93 2.52
N GLU C 65 -9.27 -25.83 2.28
CA GLU C 65 -9.87 -24.72 1.53
C GLU C 65 -10.26 -25.16 0.11
N LEU C 66 -9.38 -25.94 -0.53
CA LEU C 66 -9.66 -26.41 -1.88
C LEU C 66 -10.89 -27.31 -1.92
N ILE C 67 -11.02 -28.19 -0.93
CA ILE C 67 -12.18 -29.07 -0.87
C ILE C 67 -13.45 -28.26 -0.72
N VAL C 68 -13.42 -27.23 0.14
CA VAL C 68 -14.62 -26.41 0.33
C VAL C 68 -15.00 -25.71 -0.97
N GLU C 69 -14.01 -25.14 -1.67
CA GLU C 69 -14.32 -24.43 -2.90
C GLU C 69 -14.84 -25.38 -3.98
N GLU C 70 -14.26 -26.58 -4.07
CA GLU C 70 -14.75 -27.54 -5.05
C GLU C 70 -16.17 -27.99 -4.71
N ALA C 71 -16.49 -28.16 -3.43
CA ALA C 71 -17.85 -28.51 -3.06
C ALA C 71 -18.82 -27.40 -3.43
N ARG C 72 -18.43 -26.15 -3.21
CA ARG C 72 -19.29 -25.03 -3.61
C ARG C 72 -19.53 -25.05 -5.11
N LYS C 73 -18.48 -25.29 -5.90
CA LYS C 73 -18.66 -25.36 -7.35
C LYS C 73 -19.58 -26.51 -7.73
N ALA C 74 -19.41 -27.67 -7.10
CA ALA C 74 -20.24 -28.82 -7.43
C ALA C 74 -21.70 -28.57 -7.12
N LYS C 75 -21.99 -27.99 -5.95
CA LYS C 75 -23.36 -27.60 -5.66
C LYS C 75 -23.88 -26.62 -6.70
N LEU C 76 -23.05 -25.65 -7.08
CA LEU C 76 -23.45 -24.66 -8.07
C LEU C 76 -23.62 -25.28 -9.45
N ARG C 77 -23.10 -26.48 -9.67
CA ARG C 77 -23.32 -27.21 -10.92
C ARG C 77 -24.62 -28.01 -10.93
N GLY C 78 -25.31 -28.09 -9.79
CA GLY C 78 -26.55 -28.84 -9.71
C GLY C 78 -26.42 -30.26 -9.21
N GLU C 79 -25.25 -30.65 -8.69
CA GLU C 79 -25.07 -32.00 -8.19
C GLU C 79 -25.56 -32.11 -6.75
N THR C 80 -25.88 -33.34 -6.35
CA THR C 80 -26.35 -33.63 -5.00
C THR C 80 -25.19 -34.17 -4.18
N LEU C 81 -24.98 -33.58 -3.00
CA LEU C 81 -23.84 -33.89 -2.15
C LEU C 81 -24.29 -34.63 -0.89
N GLY C 82 -23.34 -35.34 -0.29
CA GLY C 82 -23.65 -36.07 0.93
C GLY C 82 -24.05 -35.15 2.06
N LYS C 83 -24.98 -35.62 2.88
CA LYS C 83 -25.53 -34.85 3.99
C LYS C 83 -24.96 -35.34 5.31
N PHE C 84 -25.08 -34.50 6.32
CA PHE C 84 -24.67 -34.81 7.67
C PHE C 84 -25.90 -35.17 8.51
N LYS C 85 -25.72 -35.33 9.82
CA LYS C 85 -26.84 -35.67 10.68
C LYS C 85 -27.98 -34.66 10.53
N ASP C 86 -27.64 -33.40 10.27
CA ASP C 86 -28.60 -32.41 9.82
C ASP C 86 -28.48 -32.25 8.31
N GLY C 87 -29.28 -31.36 7.74
CA GLY C 87 -29.34 -31.21 6.30
C GLY C 87 -28.13 -30.54 5.67
N ARG C 88 -27.17 -30.08 6.47
CA ARG C 88 -26.02 -29.38 5.93
C ARG C 88 -25.15 -30.31 5.09
N THR C 89 -24.51 -29.74 4.09
CA THR C 89 -23.52 -30.42 3.26
C THR C 89 -22.19 -29.68 3.37
N ILE C 90 -21.17 -30.20 2.67
CA ILE C 90 -19.85 -29.58 2.73
C ILE C 90 -19.90 -28.18 2.13
N ALA C 91 -20.71 -27.99 1.08
CA ALA C 91 -20.78 -26.71 0.42
C ALA C 91 -21.37 -25.61 1.29
N ASP C 92 -21.97 -25.96 2.43
CA ASP C 92 -22.58 -24.98 3.33
C ASP C 92 -21.58 -24.41 4.33
N VAL C 93 -20.34 -24.87 4.33
CA VAL C 93 -19.35 -24.36 5.28
C VAL C 93 -19.05 -22.90 4.95
N THR C 94 -19.17 -22.04 5.94
CA THR C 94 -18.99 -20.60 5.77
C THR C 94 -17.54 -20.21 6.04
N PRO C 95 -17.13 -19.01 5.63
CA PRO C 95 -15.73 -18.60 5.84
C PRO C 95 -15.29 -18.67 7.30
N GLN C 96 -16.18 -18.33 8.23
CA GLN C 96 -15.82 -18.38 9.65
C GLN C 96 -15.55 -19.81 10.10
N GLU C 97 -16.40 -20.75 9.69
CA GLU C 97 -16.17 -22.14 10.02
C GLU C 97 -14.86 -22.64 9.42
N LEU C 98 -14.57 -22.23 8.18
CA LEU C 98 -13.31 -22.60 7.56
C LEU C 98 -12.13 -22.05 8.32
N LYS C 99 -12.22 -20.80 8.79
CA LYS C 99 -11.13 -20.23 9.57
C LYS C 99 -10.89 -21.02 10.84
N LYS C 100 -11.97 -21.37 11.54
CA LYS C 100 -11.81 -22.18 12.75
C LYS C 100 -11.19 -23.54 12.44
N ILE C 101 -11.65 -24.18 11.36
CA ILE C 101 -11.12 -25.49 10.99
C ILE C 101 -9.63 -25.39 10.68
N MET C 102 -9.22 -24.34 9.98
CA MET C 102 -7.82 -24.20 9.61
C MET C 102 -6.94 -23.89 10.81
N ILE C 103 -7.43 -23.07 11.74
CA ILE C 103 -6.68 -22.81 12.96
C ILE C 103 -6.50 -24.10 13.75
N ALA C 104 -7.55 -24.92 13.83
CA ALA C 104 -7.40 -26.23 14.46
C ALA C 104 -6.41 -27.11 13.70
N GLN C 105 -6.49 -27.10 12.38
CA GLN C 105 -5.64 -27.95 11.55
C GLN C 105 -4.16 -27.59 11.72
N ALA C 106 -3.87 -26.33 12.03
CA ALA C 106 -2.47 -25.92 12.21
C ALA C 106 -1.81 -26.64 13.38
N PHE C 107 -2.58 -27.26 14.27
CA PHE C 107 -2.04 -27.92 15.46
C PHE C 107 -2.24 -29.43 15.46
N PHE C 108 -2.58 -30.02 14.32
CA PHE C 108 -2.96 -31.43 14.31
C PHE C 108 -1.77 -32.34 14.67
N VAL C 109 -0.61 -32.09 14.08
CA VAL C 109 0.57 -32.92 14.29
C VAL C 109 1.60 -32.22 15.19
N ALA C 110 1.20 -31.15 15.87
CA ALA C 110 2.14 -30.42 16.71
C ALA C 110 2.67 -31.30 17.85
N GLY C 111 1.82 -32.15 18.41
CA GLY C 111 2.17 -32.94 19.56
C GLY C 111 3.00 -34.18 19.30
N ARG C 112 3.32 -34.46 18.04
CA ARG C 112 4.10 -35.65 17.73
C ARG C 112 5.50 -35.54 18.29
N ASP C 113 6.04 -36.68 18.74
CA ASP C 113 7.42 -36.77 19.19
C ASP C 113 8.29 -37.66 18.33
N ASP C 114 7.71 -38.56 17.53
CA ASP C 114 8.45 -39.48 16.69
C ASP C 114 7.62 -39.76 15.45
N GLU C 115 8.10 -40.70 14.64
CA GLU C 115 7.35 -41.22 13.50
C GLU C 115 6.68 -42.56 13.81
N ALA C 116 6.64 -42.96 15.07
CA ALA C 116 6.02 -44.23 15.44
C ALA C 116 4.55 -44.23 15.08
N SER C 117 4.06 -45.38 14.63
CA SER C 117 2.70 -45.50 14.11
C SER C 117 1.83 -46.45 14.94
N ASP C 118 2.27 -46.86 16.12
CA ASP C 118 1.45 -47.72 16.96
C ASP C 118 0.32 -46.92 17.61
N ALA C 119 -0.69 -47.65 18.08
CA ALA C 119 -1.89 -47.00 18.61
C ALA C 119 -1.59 -46.19 19.87
N LYS C 120 -0.77 -46.73 20.77
CA LYS C 120 -0.47 -46.02 22.01
C LYS C 120 0.21 -44.69 21.71
N ASN C 121 1.22 -44.71 20.85
CA ASN C 121 1.91 -43.47 20.48
C ASN C 121 0.98 -42.53 19.74
N TYR C 122 0.10 -43.08 18.91
CA TYR C 122 -0.89 -42.24 18.21
C TYR C 122 -1.73 -41.48 19.22
N GLN C 123 -2.28 -42.18 20.20
CA GLN C 123 -3.12 -41.52 21.20
C GLN C 123 -2.34 -40.50 22.00
N LYS C 124 -1.11 -40.84 22.40
CA LYS C 124 -0.30 -39.91 23.18
C LYS C 124 -0.03 -38.64 22.37
N TYR C 125 0.36 -38.79 21.11
CA TYR C 125 0.69 -37.64 20.29
C TYR C 125 -0.54 -36.78 20.04
N HIS C 126 -1.69 -37.39 19.79
CA HIS C 126 -2.89 -36.59 19.58
C HIS C 126 -3.32 -35.87 20.85
N GLU C 127 -3.14 -36.50 22.00
CA GLU C 127 -3.40 -35.82 23.26
C GLU C 127 -2.50 -34.60 23.43
N GLN C 128 -1.21 -34.76 23.09
CA GLN C 128 -0.28 -33.64 23.18
C GLN C 128 -0.66 -32.53 22.21
N SER C 129 -1.09 -32.89 21.00
CA SER C 129 -1.53 -31.89 20.04
C SER C 129 -2.76 -31.12 20.54
N ARG C 130 -3.71 -31.84 21.15
CA ARG C 130 -4.87 -31.19 21.73
C ARG C 130 -4.46 -30.22 22.82
N ASP C 131 -3.53 -30.64 23.69
CA ASP C 131 -3.04 -29.74 24.73
C ASP C 131 -2.37 -28.51 24.14
N ALA C 132 -1.60 -28.68 23.07
CA ALA C 132 -0.93 -27.55 22.44
C ALA C 132 -1.94 -26.58 21.86
N PHE C 133 -2.99 -27.09 21.21
CA PHE C 133 -4.01 -26.22 20.65
C PHE C 133 -4.73 -25.45 21.76
N LEU C 134 -5.08 -26.13 22.85
CA LEU C 134 -5.74 -25.45 23.95
C LEU C 134 -4.86 -24.37 24.55
N LYS C 135 -3.58 -24.67 24.73
CA LYS C 135 -2.65 -23.68 25.28
C LYS C 135 -2.55 -22.46 24.37
N TYR C 136 -2.44 -22.69 23.05
CA TYR C 136 -2.34 -21.55 22.14
C TYR C 136 -3.60 -20.71 22.19
N VAL C 137 -4.77 -21.35 22.21
CA VAL C 137 -6.01 -20.58 22.24
C VAL C 137 -6.11 -19.79 23.53
N LYS C 138 -5.72 -20.40 24.65
CA LYS C 138 -5.78 -19.71 25.93
C LYS C 138 -4.84 -18.52 25.97
N ASP C 139 -3.63 -18.67 25.42
CA ASP C 139 -2.66 -17.58 25.45
C ASP C 139 -3.18 -16.36 24.70
N ASN C 140 -3.81 -16.58 23.54
CA ASN C 140 -4.31 -15.50 22.69
C ASN C 140 -5.82 -15.32 22.82
N GLU C 141 -6.41 -15.72 23.94
CA GLU C 141 -7.86 -15.63 24.08
C GLU C 141 -8.36 -14.19 24.04
N SER C 142 -7.47 -13.22 24.24
CA SER C 142 -7.88 -11.82 24.20
C SER C 142 -8.29 -11.38 22.80
N THR C 143 -7.91 -12.13 21.76
CA THR C 143 -8.24 -11.76 20.39
C THR C 143 -8.87 -12.90 19.60
N LEU C 144 -9.17 -14.04 20.22
CA LEU C 144 -9.80 -15.15 19.54
C LEU C 144 -11.16 -15.52 20.11
N ILE C 145 -11.27 -15.68 21.43
CA ILE C 145 -12.48 -16.21 22.06
C ILE C 145 -13.70 -15.36 21.75
N PRO C 146 -13.59 -14.04 21.65
CA PRO C 146 -14.74 -13.25 21.20
C PRO C 146 -14.85 -13.18 19.68
N ASP C 147 -13.73 -13.24 18.97
CA ASP C 147 -13.70 -12.90 17.55
C ASP C 147 -13.90 -14.11 16.64
N VAL C 148 -13.00 -15.09 16.71
CA VAL C 148 -13.06 -16.22 15.78
C VAL C 148 -13.87 -17.38 16.36
N PHE C 149 -13.71 -17.67 17.64
CA PHE C 149 -14.48 -18.71 18.30
C PHE C 149 -15.62 -18.06 19.06
N LYS C 150 -16.79 -18.71 19.03
CA LYS C 150 -17.97 -18.14 19.68
C LYS C 150 -17.74 -18.00 21.18
N ASP C 151 -17.24 -19.06 21.81
CA ASP C 151 -16.97 -19.07 23.24
C ASP C 151 -16.03 -20.24 23.53
N GLN C 152 -15.85 -20.55 24.82
CA GLN C 152 -14.96 -21.65 25.17
C GLN C 152 -15.52 -23.00 24.78
N GLU C 153 -16.85 -23.13 24.71
CA GLU C 153 -17.45 -24.40 24.31
C GLU C 153 -17.08 -24.77 22.88
N ASP C 154 -17.07 -23.78 21.98
CA ASP C 154 -16.65 -24.04 20.61
C ASP C 154 -15.18 -24.43 20.55
N VAL C 155 -14.34 -23.76 21.34
CA VAL C 155 -12.93 -24.13 21.41
C VAL C 155 -12.80 -25.58 21.87
N ASN C 156 -13.59 -25.97 22.87
CA ASN C 156 -13.55 -27.35 23.34
C ASN C 156 -13.99 -28.32 22.27
N PHE C 157 -15.00 -27.95 21.48
CA PHE C 157 -15.43 -28.80 20.38
C PHE C 157 -14.28 -29.06 19.41
N TYR C 158 -13.57 -27.99 19.02
CA TYR C 158 -12.48 -28.17 18.07
C TYR C 158 -11.31 -28.92 18.70
N ALA C 159 -11.05 -28.70 19.98
CA ALA C 159 -10.02 -29.47 20.67
C ALA C 159 -10.37 -30.95 20.69
N ARG C 160 -11.64 -31.28 20.93
CA ARG C 160 -12.06 -32.68 20.90
C ARG C 160 -11.92 -33.26 19.51
N VAL C 161 -12.16 -32.45 18.48
CA VAL C 161 -11.90 -32.92 17.12
C VAL C 161 -10.43 -33.25 16.96
N ILE C 162 -9.54 -32.39 17.47
CA ILE C 162 -8.10 -32.63 17.34
C ILE C 162 -7.70 -33.89 18.11
N GLU C 163 -8.31 -34.12 19.26
CA GLU C 163 -7.94 -35.26 20.09
C GLU C 163 -8.17 -36.58 19.35
N ASP C 164 -9.28 -36.68 18.63
CA ASP C 164 -9.56 -37.86 17.81
C ASP C 164 -9.62 -39.12 18.67
N LYS C 165 -10.22 -39.00 19.85
CA LYS C 165 -10.34 -40.16 20.74
C LYS C 165 -11.07 -41.30 20.04
N SER C 166 -12.33 -41.09 19.70
CA SER C 166 -13.06 -42.03 18.88
C SER C 166 -12.78 -41.74 17.41
N HIS C 167 -12.55 -42.79 16.63
CA HIS C 167 -12.18 -42.61 15.24
C HIS C 167 -13.40 -42.15 14.44
N ASP C 168 -13.88 -40.95 14.75
CA ASP C 168 -15.07 -40.38 14.13
C ASP C 168 -14.63 -39.42 13.03
N TRP C 169 -14.87 -39.79 11.77
CA TRP C 169 -14.42 -39.02 10.63
C TRP C 169 -15.58 -38.56 9.75
N GLU C 170 -16.82 -38.62 10.25
CA GLU C 170 -17.97 -38.22 9.46
C GLU C 170 -19.04 -37.46 10.23
N SER C 171 -18.84 -37.16 11.50
CA SER C 171 -19.92 -36.56 12.29
C SER C 171 -20.25 -35.15 11.81
N THR C 172 -19.24 -34.34 11.55
CA THR C 172 -19.45 -32.94 11.18
C THR C 172 -18.50 -32.55 10.06
N PRO C 173 -18.74 -31.43 9.38
CA PRO C 173 -17.81 -31.01 8.32
C PRO C 173 -16.38 -30.85 8.80
N ALA C 174 -16.18 -30.41 10.04
CA ALA C 174 -14.82 -30.23 10.55
C ALA C 174 -14.10 -31.58 10.65
N HIS C 175 -14.77 -32.59 11.19
CA HIS C 175 -14.17 -33.92 11.26
C HIS C 175 -13.73 -34.38 9.89
N VAL C 176 -14.64 -34.33 8.92
CA VAL C 176 -14.34 -34.81 7.57
C VAL C 176 -13.16 -34.04 6.99
N LEU C 177 -13.22 -32.71 7.04
CA LEU C 177 -12.19 -31.90 6.40
C LEU C 177 -10.83 -32.18 7.01
N ILE C 178 -10.73 -32.10 8.34
CA ILE C 178 -9.43 -32.28 8.99
C ILE C 178 -8.88 -33.67 8.70
N ASN C 179 -9.69 -34.71 8.94
CA ASN C 179 -9.18 -36.07 8.80
C ASN C 179 -8.81 -36.38 7.36
N GLN C 180 -9.65 -36.02 6.40
CA GLN C 180 -9.36 -36.35 5.01
C GLN C 180 -8.19 -35.54 4.47
N GLY C 181 -8.05 -34.28 4.88
CA GLY C 181 -6.86 -33.54 4.47
C GLY C 181 -5.60 -34.20 4.96
N HIS C 182 -5.58 -34.55 6.26
CA HIS C 182 -4.39 -35.18 6.81
C HIS C 182 -4.10 -36.50 6.11
N MET C 183 -5.13 -37.31 5.84
CA MET C 183 -4.89 -38.60 5.21
C MET C 183 -4.43 -38.44 3.77
N VAL C 184 -5.13 -37.61 2.98
CA VAL C 184 -4.81 -37.47 1.58
C VAL C 184 -3.41 -36.87 1.39
N ASP C 185 -2.90 -36.11 2.35
CA ASP C 185 -1.56 -35.58 2.17
C ASP C 185 -0.50 -36.68 2.03
N LEU C 186 -0.80 -37.91 2.44
CA LEU C 186 0.18 -38.99 2.46
C LEU C 186 0.14 -39.85 1.20
N VAL C 187 -0.59 -39.46 0.16
CA VAL C 187 -0.57 -40.23 -1.08
C VAL C 187 0.84 -40.29 -1.65
N ARG C 188 1.65 -39.27 -1.39
CA ARG C 188 2.98 -39.21 -1.98
C ARG C 188 3.87 -40.35 -1.50
N VAL C 189 3.78 -40.69 -0.22
CA VAL C 189 4.76 -41.59 0.40
C VAL C 189 4.36 -43.04 0.28
N LYS C 190 3.08 -43.36 0.44
CA LYS C 190 2.64 -44.75 0.52
C LYS C 190 3.15 -45.55 -0.68
N GLN C 191 3.81 -46.67 -0.39
CA GLN C 191 4.50 -47.41 -1.44
C GLN C 191 3.57 -47.88 -2.54
N PRO C 192 2.43 -48.53 -2.26
CA PRO C 192 1.47 -48.82 -3.32
C PRO C 192 0.59 -47.63 -3.59
N PRO C 193 0.77 -46.93 -4.72
CA PRO C 193 0.05 -45.68 -4.92
C PRO C 193 -1.40 -45.87 -5.37
N GLU C 194 -1.63 -46.88 -6.21
CA GLU C 194 -2.95 -47.06 -6.79
C GLU C 194 -3.99 -47.40 -5.74
N SER C 195 -3.66 -48.30 -4.80
CA SER C 195 -4.64 -48.71 -3.81
C SER C 195 -5.03 -47.55 -2.90
N PHE C 196 -4.03 -46.82 -2.39
CA PHE C 196 -4.32 -45.70 -1.51
C PHE C 196 -5.06 -44.60 -2.26
N LEU C 197 -4.68 -44.35 -3.52
CA LEU C 197 -5.38 -43.34 -4.29
C LEU C 197 -6.85 -43.72 -4.49
N GLN C 198 -7.12 -44.98 -4.82
CA GLN C 198 -8.50 -45.42 -4.97
C GLN C 198 -9.26 -45.28 -3.67
N ARG C 199 -8.64 -45.67 -2.54
CA ARG C 199 -9.33 -45.57 -1.26
C ARG C 199 -9.69 -44.13 -0.94
N TYR C 200 -8.74 -43.21 -1.11
CA TYR C 200 -9.00 -41.82 -0.77
C TYR C 200 -9.98 -41.18 -1.73
N PHE C 201 -9.90 -41.53 -3.02
CA PHE C 201 -10.87 -41.03 -3.99
C PHE C 201 -12.28 -41.48 -3.62
N SER C 202 -12.43 -42.75 -3.25
CA SER C 202 -13.74 -43.25 -2.84
C SER C 202 -14.22 -42.55 -1.58
N SER C 203 -13.32 -42.34 -0.61
CA SER C 203 -13.71 -41.71 0.64
C SER C 203 -14.17 -40.27 0.43
N MET C 204 -13.46 -39.52 -0.44
CA MET C 204 -13.81 -38.13 -0.67
C MET C 204 -14.97 -37.96 -1.65
N GLN C 205 -15.21 -38.95 -2.51
CA GLN C 205 -16.23 -38.81 -3.54
C GLN C 205 -17.64 -38.78 -2.96
N ARG C 206 -17.84 -39.37 -1.78
CA ARG C 206 -19.18 -39.42 -1.22
C ARG C 206 -19.63 -38.10 -0.61
N TRP C 207 -18.74 -37.12 -0.49
CA TRP C 207 -19.07 -35.85 0.13
C TRP C 207 -19.18 -34.71 -0.87
N ILE C 208 -18.43 -34.74 -1.97
CA ILE C 208 -18.41 -33.66 -2.94
C ILE C 208 -18.80 -34.15 -4.33
N GLY C 209 -18.32 -35.31 -4.74
CA GLY C 209 -18.62 -35.87 -6.04
C GLY C 209 -17.38 -36.25 -6.80
N SER C 210 -17.59 -36.86 -7.97
CA SER C 210 -16.48 -37.35 -8.75
C SER C 210 -15.67 -36.22 -9.37
N GLN C 211 -16.35 -35.23 -9.97
CA GLN C 211 -15.63 -34.13 -10.62
C GLN C 211 -14.84 -33.32 -9.61
N ALA C 212 -15.46 -33.00 -8.47
CA ALA C 212 -14.76 -32.23 -7.44
C ALA C 212 -13.58 -33.01 -6.89
N THR C 213 -13.74 -34.33 -6.69
CA THR C 213 -12.63 -35.13 -6.21
C THR C 213 -11.48 -35.15 -7.21
N GLU C 214 -11.80 -35.27 -8.50
CA GLU C 214 -10.75 -35.22 -9.51
C GLU C 214 -10.04 -33.88 -9.49
N ALA C 215 -10.78 -32.79 -9.32
CA ALA C 215 -10.15 -31.48 -9.24
C ALA C 215 -9.23 -31.38 -8.03
N VAL C 216 -9.69 -31.89 -6.88
CA VAL C 216 -8.88 -31.83 -5.66
C VAL C 216 -7.58 -32.61 -5.86
N PHE C 217 -7.68 -33.81 -6.41
CA PHE C 217 -6.48 -34.64 -6.57
C PHE C 217 -5.60 -34.17 -7.71
N GLY C 218 -6.12 -33.38 -8.64
CA GLY C 218 -5.31 -32.77 -9.66
C GLY C 218 -4.55 -31.57 -9.16
N ILE C 219 -5.17 -30.79 -8.27
CA ILE C 219 -4.50 -29.65 -7.68
C ILE C 219 -3.51 -30.07 -6.60
N GLN C 220 -3.73 -31.23 -5.97
CA GLN C 220 -2.77 -31.72 -4.99
C GLN C 220 -1.41 -31.94 -5.62
N ARG C 221 -1.37 -32.45 -6.85
CA ARG C 221 -0.09 -32.68 -7.52
C ARG C 221 0.65 -31.37 -7.76
N GLN C 222 -0.07 -30.32 -8.17
CA GLN C 222 0.55 -29.00 -8.31
C GLN C 222 1.06 -28.49 -6.97
N PHE C 223 0.29 -28.71 -5.90
CA PHE C 223 0.77 -28.31 -4.58
C PHE C 223 2.06 -29.04 -4.21
N PHE C 224 2.13 -30.34 -4.52
CA PHE C 224 3.36 -31.08 -4.26
C PHE C 224 4.52 -30.51 -5.06
N HIS C 225 4.29 -30.20 -6.34
CA HIS C 225 5.36 -29.65 -7.17
C HIS C 225 5.83 -28.31 -6.63
N ALA C 226 4.91 -27.47 -6.15
CA ALA C 226 5.28 -26.16 -5.65
C ALA C 226 6.07 -26.25 -4.35
N THR C 227 5.89 -27.32 -3.58
CA THR C 227 6.57 -27.49 -2.30
C THR C 227 7.76 -28.42 -2.39
N TYR C 228 8.20 -28.75 -3.60
CA TYR C 228 9.41 -29.57 -3.79
C TYR C 228 9.27 -30.93 -3.11
N GLU C 229 8.11 -31.57 -3.33
CA GLU C 229 7.85 -32.91 -2.84
C GLU C 229 7.65 -33.83 -4.03
N VAL C 230 8.07 -35.08 -3.87
CA VAL C 230 8.00 -36.05 -4.96
C VAL C 230 6.53 -36.35 -5.28
N VAL C 231 6.24 -36.47 -6.57
CA VAL C 231 4.90 -36.80 -7.06
C VAL C 231 4.95 -38.21 -7.63
N ALA C 232 4.09 -39.08 -7.09
CA ALA C 232 4.09 -40.49 -7.46
C ALA C 232 3.16 -40.74 -8.64
N GLY C 233 3.62 -41.52 -9.61
CA GLY C 233 2.79 -41.85 -10.75
C GLY C 233 1.73 -42.89 -10.41
N PHE C 234 0.70 -42.92 -11.24
CA PHE C 234 -0.41 -43.85 -11.10
C PHE C 234 -0.43 -44.77 -12.30
N ASP C 235 -0.41 -46.08 -12.04
CA ASP C 235 -0.34 -47.09 -13.09
C ASP C 235 -1.44 -48.11 -12.86
N SER C 236 -2.45 -48.11 -13.75
CA SER C 236 -3.52 -49.08 -13.63
C SER C 236 -3.03 -50.49 -13.90
N ASP C 237 -2.03 -50.65 -14.76
CA ASP C 237 -1.48 -51.97 -15.08
C ASP C 237 -0.26 -52.28 -14.21
N ASN C 238 -0.50 -52.28 -12.90
CA ASN C 238 0.54 -52.57 -11.92
C ASN C 238 0.38 -54.01 -11.43
N LYS C 239 1.48 -54.75 -11.42
CA LYS C 239 1.46 -56.16 -11.05
C LYS C 239 1.73 -56.39 -9.57
N GLU C 240 1.92 -55.34 -8.78
CA GLU C 240 2.10 -55.52 -7.35
C GLU C 240 0.82 -56.06 -6.73
N PRO C 241 0.94 -56.86 -5.67
CA PRO C 241 -0.28 -57.32 -4.97
C PRO C 241 -1.08 -56.14 -4.45
N HIS C 242 -2.40 -56.26 -4.56
CA HIS C 242 -3.28 -55.20 -4.08
C HIS C 242 -3.28 -55.16 -2.55
N LEU C 243 -3.33 -53.95 -2.00
CA LEU C 243 -3.35 -53.74 -0.56
C LEU C 243 -4.68 -53.12 -0.18
N VAL C 244 -5.33 -53.68 0.84
CA VAL C 244 -6.58 -53.16 1.35
C VAL C 244 -6.25 -52.15 2.45
N VAL C 245 -6.50 -50.87 2.19
CA VAL C 245 -6.07 -49.83 3.11
C VAL C 245 -6.69 -50.02 4.48
N SER C 246 -7.99 -50.32 4.52
CA SER C 246 -8.63 -50.64 5.79
C SER C 246 -7.97 -51.88 6.38
N GLY C 247 -7.23 -51.72 7.46
CA GLY C 247 -6.42 -52.82 7.96
C GLY C 247 -5.32 -53.15 6.96
N LEU C 248 -5.11 -54.45 6.76
CA LEU C 248 -4.16 -54.91 5.75
C LEU C 248 -4.65 -56.11 4.96
N GLY C 249 -5.83 -56.65 5.28
CA GLY C 249 -6.28 -57.90 4.68
C GLY C 249 -6.27 -57.87 3.16
N ARG C 250 -5.34 -58.60 2.57
CA ARG C 250 -5.24 -58.67 1.12
C ARG C 250 -6.34 -59.57 0.55
N TYR C 251 -6.67 -59.33 -0.72
CA TYR C 251 -7.67 -60.13 -1.40
C TYR C 251 -7.00 -61.31 -2.10
N VAL C 252 -7.66 -62.47 -2.05
CA VAL C 252 -7.16 -63.69 -2.64
C VAL C 252 -8.25 -64.32 -3.49
N ILE C 253 -7.84 -65.10 -4.48
CA ILE C 253 -8.76 -65.77 -5.40
C ILE C 253 -8.82 -67.25 -5.05
N GLY C 254 -10.01 -67.82 -5.13
CA GLY C 254 -10.16 -69.25 -4.94
C GLY C 254 -9.37 -70.04 -5.97
N GLU C 255 -9.40 -71.36 -5.80
CA GLU C 255 -8.70 -72.23 -6.75
C GLU C 255 -9.31 -72.11 -8.14
N ASP C 256 -10.64 -71.99 -8.22
CA ASP C 256 -11.28 -71.78 -9.52
C ASP C 256 -10.82 -70.49 -10.17
N GLY C 257 -10.60 -69.44 -9.38
CA GLY C 257 -10.05 -68.21 -9.92
C GLY C 257 -10.72 -66.94 -9.40
N GLN C 258 -11.92 -67.07 -8.84
CA GLN C 258 -12.66 -65.90 -8.38
C GLN C 258 -12.32 -65.56 -6.94
N PRO C 259 -12.53 -64.32 -6.53
CA PRO C 259 -12.24 -63.94 -5.14
C PRO C 259 -13.17 -64.64 -4.16
N ILE C 260 -12.65 -64.91 -2.97
CA ILE C 260 -13.44 -65.54 -1.92
C ILE C 260 -14.28 -64.47 -1.24
N ARG C 261 -15.58 -64.71 -1.16
CA ARG C 261 -16.50 -63.76 -0.53
C ARG C 261 -17.25 -64.42 0.63
N TYR C 280 -1.84 -64.45 7.86
CA TYR C 280 -1.99 -64.61 6.42
C TYR C 280 -2.58 -65.98 6.10
N LYS C 281 -3.31 -66.06 4.98
CA LYS C 281 -3.94 -67.32 4.61
C LYS C 281 -2.92 -68.31 4.05
N LEU C 282 -1.87 -67.82 3.40
CA LEU C 282 -0.82 -68.66 2.81
C LEU C 282 -1.40 -69.94 2.22
N LYS C 283 -2.40 -69.77 1.37
CA LYS C 283 -3.09 -70.90 0.77
C LYS C 283 -2.20 -71.59 -0.26
N GLU C 284 -2.41 -72.90 -0.43
CA GLU C 284 -1.50 -73.70 -1.24
C GLU C 284 -1.57 -73.31 -2.71
N ASN C 285 -2.78 -73.25 -3.27
CA ASN C 285 -2.99 -73.06 -4.71
C ASN C 285 -3.73 -71.76 -4.99
N GLU C 286 -3.38 -70.71 -4.28
CA GLU C 286 -3.99 -69.40 -4.46
C GLU C 286 -2.92 -68.33 -4.28
N ARG C 287 -3.08 -67.21 -4.98
CA ARG C 287 -2.14 -66.11 -4.88
C ARG C 287 -2.91 -64.80 -4.70
N LEU C 288 -2.20 -63.81 -4.18
CA LEU C 288 -2.83 -62.53 -3.85
C LEU C 288 -3.27 -61.82 -5.13
N MET C 289 -4.46 -61.20 -5.07
CA MET C 289 -4.92 -60.38 -6.18
C MET C 289 -3.99 -59.20 -6.39
N ARG C 290 -3.77 -58.86 -7.65
CA ARG C 290 -2.90 -57.75 -8.01
C ARG C 290 -3.70 -56.46 -8.11
N VAL C 291 -2.97 -55.34 -8.17
CA VAL C 291 -3.61 -54.03 -8.29
C VAL C 291 -4.39 -53.95 -9.60
N ASP C 292 -3.79 -54.40 -10.70
CA ASP C 292 -4.47 -54.32 -11.99
C ASP C 292 -5.75 -55.13 -11.98
N GLU C 293 -5.71 -56.33 -11.38
CA GLU C 293 -6.92 -57.13 -11.27
C GLU C 293 -7.96 -56.43 -10.40
N PHE C 294 -7.51 -55.82 -9.30
CA PHE C 294 -8.45 -55.13 -8.41
C PHE C 294 -9.15 -53.99 -9.13
N LEU C 295 -8.41 -53.20 -9.91
CA LEU C 295 -9.01 -52.07 -10.60
C LEU C 295 -9.94 -52.51 -11.73
N LYS C 296 -9.87 -53.77 -12.15
CA LYS C 296 -10.76 -54.27 -13.19
C LYS C 296 -12.09 -54.75 -12.65
N LEU C 297 -12.25 -54.85 -11.34
CA LEU C 297 -13.48 -55.37 -10.78
C LEU C 297 -14.65 -54.49 -11.20
N PRO C 298 -15.81 -55.07 -11.55
CA PRO C 298 -16.94 -54.22 -11.96
C PRO C 298 -17.34 -53.19 -10.90
N GLU C 299 -17.30 -53.56 -9.63
CA GLU C 299 -17.72 -52.65 -8.57
C GLU C 299 -16.75 -51.49 -8.37
N ILE C 300 -15.56 -51.56 -8.95
CA ILE C 300 -14.57 -50.49 -8.83
C ILE C 300 -14.51 -49.65 -10.10
N GLN C 301 -14.36 -50.30 -11.26
CA GLN C 301 -14.21 -49.56 -12.51
C GLN C 301 -15.46 -48.78 -12.89
N ASN C 302 -16.62 -49.14 -12.34
CA ASN C 302 -17.84 -48.39 -12.62
C ASN C 302 -18.00 -47.17 -11.72
N THR C 303 -17.10 -46.97 -10.75
CA THR C 303 -17.15 -45.82 -9.87
C THR C 303 -15.83 -45.08 -9.73
N PHE C 304 -14.71 -45.70 -10.09
CA PHE C 304 -13.40 -45.06 -9.98
C PHE C 304 -12.96 -44.60 -11.35
N PRO C 305 -12.89 -43.29 -11.61
CA PRO C 305 -12.51 -42.84 -12.96
C PRO C 305 -11.08 -43.20 -13.34
N GLY C 306 -10.23 -43.55 -12.38
CA GLY C 306 -8.85 -43.87 -12.68
C GLY C 306 -8.61 -45.25 -13.23
N SER C 307 -9.62 -46.11 -13.24
CA SER C 307 -9.45 -47.47 -13.77
C SER C 307 -9.04 -47.42 -15.22
N GLY C 308 -7.99 -48.16 -15.57
CA GLY C 308 -7.54 -48.22 -16.95
C GLY C 308 -6.87 -46.96 -17.45
N LYS C 309 -6.31 -46.13 -16.57
CA LYS C 309 -5.65 -44.91 -16.96
C LYS C 309 -4.35 -44.75 -16.17
N HIS C 310 -3.45 -43.95 -16.72
CA HIS C 310 -2.11 -43.81 -16.18
C HIS C 310 -1.78 -42.34 -15.95
N LEU C 311 -0.96 -42.09 -14.92
CA LEU C 311 -0.40 -40.77 -14.65
C LEU C 311 1.11 -40.90 -14.64
N GLN C 312 1.78 -40.02 -15.39
CA GLN C 312 3.24 -40.00 -15.39
C GLN C 312 3.75 -39.33 -14.12
N GLY C 313 4.67 -40.00 -13.43
CA GLY C 313 5.21 -39.46 -12.21
C GLY C 313 6.31 -38.45 -12.47
N GLY C 314 6.78 -37.85 -11.38
CA GLY C 314 7.86 -36.88 -11.47
C GLY C 314 7.42 -35.60 -12.15
N MET C 315 8.37 -34.68 -12.27
CA MET C 315 8.12 -33.41 -12.93
C MET C 315 8.31 -33.58 -14.43
N PRO C 316 7.29 -33.28 -15.25
CA PRO C 316 7.47 -33.44 -16.69
C PRO C 316 8.48 -32.45 -17.26
N GLY C 317 9.14 -32.87 -18.33
CA GLY C 317 10.08 -32.02 -19.04
C GLY C 317 11.48 -31.98 -18.48
N MET C 318 11.81 -32.85 -17.53
CA MET C 318 13.16 -32.93 -17.00
C MET C 318 13.52 -34.38 -16.75
N ASN C 319 14.83 -34.67 -16.76
CA ASN C 319 15.31 -36.01 -16.54
C ASN C 319 15.37 -36.30 -15.03
N GLU C 320 15.76 -37.54 -14.70
CA GLU C 320 15.79 -37.95 -13.29
C GLU C 320 16.82 -37.16 -12.49
N MET C 321 17.95 -36.83 -13.11
CA MET C 321 19.00 -36.11 -12.38
C MET C 321 18.55 -34.70 -12.02
N ASP C 322 17.95 -34.00 -12.97
CA ASP C 322 17.44 -32.66 -12.69
C ASP C 322 16.37 -32.70 -11.61
N TYR C 323 15.49 -33.69 -11.67
CA TYR C 323 14.45 -33.82 -10.65
C TYR C 323 15.07 -34.07 -9.28
N TRP C 324 16.06 -34.96 -9.19
CA TRP C 324 16.70 -35.23 -7.91
C TRP C 324 17.37 -33.98 -7.36
N ASN C 325 18.04 -33.22 -8.23
CA ASN C 325 18.65 -31.97 -7.78
C ASN C 325 17.59 -30.99 -7.29
N ARG C 326 16.45 -30.91 -8.00
CA ARG C 326 15.39 -30.00 -7.61
C ARG C 326 14.84 -30.36 -6.24
N LEU C 327 14.60 -31.64 -5.99
CA LEU C 327 14.03 -32.06 -4.72
C LEU C 327 15.02 -31.87 -3.57
N ASN C 328 16.31 -32.01 -3.85
CA ASN C 328 17.36 -31.80 -2.85
C ASN C 328 17.99 -30.43 -3.12
N SER C 329 17.38 -29.39 -2.55
CA SER C 329 17.82 -28.03 -2.81
C SER C 329 17.49 -27.17 -1.60
N LEU C 330 18.07 -25.97 -1.59
CA LEU C 330 17.83 -25.04 -0.49
C LEU C 330 16.37 -24.57 -0.46
N ASN C 331 15.68 -24.66 -1.60
CA ASN C 331 14.28 -24.25 -1.63
C ASN C 331 13.40 -25.20 -0.82
N ARG C 332 13.75 -26.49 -0.78
CA ARG C 332 13.02 -27.41 0.07
C ARG C 332 13.13 -26.99 1.53
N ALA C 333 14.33 -26.64 1.97
CA ALA C 333 14.52 -26.17 3.34
C ALA C 333 13.74 -24.88 3.58
N ARG C 334 13.75 -23.96 2.61
CA ARG C 334 12.99 -22.73 2.78
C ARG C 334 11.50 -23.01 2.95
N CYS C 335 10.96 -23.90 2.12
CA CYS C 335 9.55 -24.27 2.26
C CYS C 335 9.27 -24.90 3.62
N GLU C 336 10.18 -25.74 4.10
CA GLU C 336 9.99 -26.42 5.38
C GLU C 336 10.24 -25.52 6.59
N ASN C 337 10.85 -24.34 6.40
CA ASN C 337 11.24 -23.51 7.52
C ASN C 337 10.65 -22.10 7.50
N ASP C 338 10.06 -21.65 6.40
CA ASP C 338 9.52 -20.30 6.29
C ASP C 338 8.03 -20.39 5.97
N VAL C 339 7.21 -19.89 6.90
CA VAL C 339 5.76 -19.96 6.72
C VAL C 339 5.32 -19.14 5.53
N ASP C 340 5.83 -17.91 5.44
CA ASP C 340 5.42 -17.02 4.36
C ASP C 340 5.86 -17.54 2.99
N PHE C 341 7.09 -18.07 2.91
CA PHE C 341 7.58 -18.59 1.64
C PHE C 341 6.70 -19.73 1.14
N CYS C 342 6.38 -20.69 2.02
CA CYS C 342 5.54 -21.81 1.63
C CYS C 342 4.13 -21.35 1.28
N LEU C 343 3.59 -20.40 2.04
CA LEU C 343 2.27 -19.88 1.74
C LEU C 343 2.23 -19.23 0.37
N LYS C 344 3.28 -18.47 0.01
CA LYS C 344 3.33 -17.85 -1.30
C LYS C 344 3.44 -18.90 -2.41
N GLN C 345 4.24 -19.95 -2.18
CA GLN C 345 4.32 -21.02 -3.18
C GLN C 345 2.96 -21.65 -3.42
N LEU C 346 2.24 -21.97 -2.33
CA LEU C 346 0.92 -22.56 -2.47
C LEU C 346 -0.05 -21.62 -3.16
N GLN C 347 0.00 -20.33 -2.81
CA GLN C 347 -0.89 -19.36 -3.43
C GLN C 347 -0.64 -19.25 -4.94
N THR C 348 0.62 -19.20 -5.35
CA THR C 348 0.93 -19.14 -6.77
C THR C 348 0.45 -20.38 -7.48
N ALA C 349 0.67 -21.56 -6.89
CA ALA C 349 0.18 -22.79 -7.50
C ALA C 349 -1.33 -22.76 -7.65
N HIS C 350 -2.04 -22.27 -6.63
CA HIS C 350 -3.50 -22.22 -6.69
C HIS C 350 -3.97 -21.29 -7.80
N ASP C 351 -3.35 -20.11 -7.93
CA ASP C 351 -3.75 -19.19 -8.99
C ASP C 351 -3.50 -19.80 -10.36
N LYS C 352 -2.34 -20.44 -10.55
CA LYS C 352 -2.06 -21.07 -11.84
C LYS C 352 -3.07 -22.17 -12.13
N ALA C 353 -3.45 -22.95 -11.12
CA ALA C 353 -4.44 -24.00 -11.32
C ALA C 353 -5.81 -23.43 -11.64
N LYS C 354 -6.14 -22.26 -11.09
CA LYS C 354 -7.38 -21.59 -11.46
C LYS C 354 -7.37 -21.20 -12.92
N ILE C 355 -6.24 -20.69 -13.41
CA ILE C 355 -6.22 -20.19 -14.79
C ILE C 355 -6.06 -21.30 -15.82
N GLU C 356 -5.38 -22.40 -15.47
CA GLU C 356 -4.99 -23.39 -16.49
C GLU C 356 -6.17 -24.04 -17.20
N PRO C 357 -7.22 -24.52 -16.50
CA PRO C 357 -8.30 -25.21 -17.22
C PRO C 357 -8.95 -24.35 -18.30
N ILE C 358 -9.04 -23.04 -18.09
CA ILE C 358 -9.65 -22.18 -19.09
C ILE C 358 -8.89 -22.26 -20.40
N LYS C 359 -7.56 -22.10 -20.34
CA LYS C 359 -6.75 -22.23 -21.54
C LYS C 359 -6.80 -23.64 -22.08
N GLN C 360 -6.98 -24.64 -21.21
CA GLN C 360 -7.08 -26.02 -21.68
C GLN C 360 -8.35 -26.24 -22.50
N ALA C 361 -9.42 -25.52 -22.19
CA ALA C 361 -10.73 -25.80 -22.79
C ALA C 361 -10.90 -25.22 -24.18
N PHE C 362 -9.95 -24.43 -24.68
CA PHE C 362 -10.10 -23.76 -25.98
C PHE C 362 -8.84 -23.98 -26.82
N GLN C 363 -9.01 -23.81 -28.13
CA GLN C 363 -7.88 -23.94 -29.03
C GLN C 363 -6.79 -22.93 -28.68
N SER C 364 -5.63 -23.13 -29.29
CA SER C 364 -4.45 -22.33 -28.99
C SER C 364 -4.28 -21.22 -30.01
N SER C 365 -4.08 -20.00 -29.53
CA SER C 365 -3.88 -18.87 -30.42
C SER C 365 -2.49 -18.90 -31.02
N LYS C 366 -2.40 -18.45 -32.28
CA LYS C 366 -1.11 -18.46 -32.99
C LYS C 366 -0.15 -17.42 -32.43
N GLY C 367 -0.62 -16.19 -32.24
CA GLY C 367 0.22 -15.09 -31.82
C GLY C 367 -0.51 -14.18 -30.86
N LYS C 368 -0.07 -12.93 -30.81
CA LYS C 368 -0.60 -11.96 -29.86
C LYS C 368 -0.79 -10.61 -30.52
N GLU C 369 -1.05 -10.61 -31.83
CA GLU C 369 -1.16 -9.39 -32.62
C GLU C 369 -2.51 -9.35 -33.33
N ARG C 370 -3.03 -8.14 -33.52
CA ARG C 370 -4.28 -7.96 -34.22
C ARG C 370 -4.16 -8.46 -35.66
N ARG C 371 -5.24 -9.02 -36.18
CA ARG C 371 -5.21 -9.58 -37.53
C ARG C 371 -5.10 -8.46 -38.57
N GLN C 372 -4.76 -8.87 -39.79
CA GLN C 372 -4.63 -7.91 -40.88
C GLN C 372 -6.01 -7.41 -41.30
N PRO C 373 -6.07 -6.27 -42.00
CA PRO C 373 -7.37 -5.73 -42.40
C PRO C 373 -8.14 -6.69 -43.27
N ASN C 374 -9.46 -6.68 -43.11
CA ASN C 374 -10.36 -7.53 -43.88
C ASN C 374 -11.00 -6.73 -45.00
N VAL C 375 -11.47 -7.44 -46.02
CA VAL C 375 -12.09 -6.79 -47.18
C VAL C 375 -13.29 -5.97 -46.73
N ASP C 376 -14.06 -6.50 -45.77
CA ASP C 376 -15.24 -5.80 -45.29
C ASP C 376 -14.89 -4.53 -44.53
N GLU C 377 -13.63 -4.36 -44.14
CA GLU C 377 -13.20 -3.22 -43.34
C GLU C 377 -12.42 -2.18 -44.12
N ILE C 378 -11.75 -2.58 -45.21
CA ILE C 378 -11.11 -1.60 -46.09
C ILE C 378 -12.17 -0.68 -46.70
N ALA C 379 -13.28 -1.26 -47.14
CA ALA C 379 -14.37 -0.45 -47.69
C ALA C 379 -14.92 0.49 -46.63
N ALA C 380 -15.06 0.02 -45.40
CA ALA C 380 -15.56 0.87 -44.33
C ALA C 380 -14.59 2.03 -44.07
N ALA C 381 -13.29 1.75 -44.05
CA ALA C 381 -12.32 2.81 -43.85
C ALA C 381 -12.40 3.84 -44.96
N ARG C 382 -12.51 3.37 -46.21
CA ARG C 382 -12.62 4.32 -47.33
C ARG C 382 -13.90 5.15 -47.23
N ILE C 383 -15.01 4.54 -46.85
CA ILE C 383 -16.25 5.28 -46.71
C ILE C 383 -16.12 6.34 -45.63
N ILE C 384 -15.50 5.99 -44.51
CA ILE C 384 -15.27 6.98 -43.47
C ILE C 384 -14.37 8.10 -43.99
N GLN C 385 -13.37 7.74 -44.81
CA GLN C 385 -12.46 8.75 -45.33
C GLN C 385 -13.20 9.76 -46.21
N GLN C 386 -14.01 9.27 -47.15
CA GLN C 386 -14.80 10.20 -47.97
C GLN C 386 -15.77 11.00 -47.13
N ILE C 387 -16.42 10.38 -46.15
CA ILE C 387 -17.37 11.14 -45.32
C ILE C 387 -16.65 12.29 -44.63
N LEU C 388 -15.45 12.03 -44.09
CA LEU C 388 -14.69 13.08 -43.43
C LEU C 388 -14.24 14.15 -44.43
N ALA C 389 -13.82 13.73 -45.62
CA ALA C 389 -13.27 14.69 -46.58
C ALA C 389 -14.33 15.57 -47.19
N ASN C 390 -15.58 15.10 -47.25
CA ASN C 390 -16.68 15.82 -47.89
C ASN C 390 -17.85 15.91 -46.93
N PRO C 391 -17.77 16.79 -45.94
CA PRO C 391 -18.86 16.88 -44.95
C PRO C 391 -20.20 17.25 -45.56
N ASP C 392 -20.22 17.87 -46.73
CA ASP C 392 -21.48 18.23 -47.38
C ASP C 392 -22.31 16.99 -47.74
N CYS C 393 -21.69 15.81 -47.74
CA CYS C 393 -22.40 14.58 -48.08
C CYS C 393 -23.42 14.17 -47.04
N ILE C 394 -23.45 14.83 -45.88
CA ILE C 394 -24.33 14.46 -44.78
C ILE C 394 -25.61 15.27 -44.89
N HIS C 395 -26.75 14.60 -44.74
CA HIS C 395 -28.08 15.20 -44.84
C HIS C 395 -28.82 15.01 -43.52
N ASP C 396 -30.11 15.34 -43.53
CA ASP C 396 -30.88 15.37 -42.29
C ASP C 396 -30.79 14.05 -41.54
N ASP C 397 -31.36 12.97 -42.11
CA ASP C 397 -31.05 11.61 -41.65
C ASP C 397 -30.84 10.73 -42.88
N HIS C 398 -29.64 10.80 -43.46
CA HIS C 398 -29.16 9.85 -44.44
C HIS C 398 -27.79 10.34 -44.90
N VAL C 399 -27.12 9.53 -45.71
CA VAL C 399 -25.87 9.91 -46.36
C VAL C 399 -25.99 9.55 -47.83
N LEU C 400 -26.14 10.56 -48.68
CA LEU C 400 -26.24 10.34 -50.13
C LEU C 400 -24.85 10.51 -50.72
N ILE C 401 -24.11 9.43 -50.76
CA ILE C 401 -22.73 9.42 -51.24
C ILE C 401 -22.76 8.96 -52.70
N ASN C 402 -22.63 9.94 -53.60
CA ASN C 402 -22.51 9.72 -55.04
C ASN C 402 -23.34 8.54 -55.52
N GLY C 403 -24.60 8.48 -55.09
CA GLY C 403 -25.51 7.46 -55.60
C GLY C 403 -26.17 6.62 -54.53
N GLN C 404 -25.47 6.32 -53.44
CA GLN C 404 -25.96 5.40 -52.42
C GLN C 404 -26.48 6.17 -51.22
N LYS C 405 -27.66 5.78 -50.75
CA LYS C 405 -28.23 6.32 -49.53
C LYS C 405 -27.93 5.37 -48.38
N LEU C 406 -27.16 5.85 -47.41
CA LEU C 406 -26.75 5.05 -46.25
C LEU C 406 -27.44 5.60 -45.01
N GLU C 407 -28.15 4.74 -44.30
CA GLU C 407 -29.00 5.13 -43.19
C GLU C 407 -28.37 4.71 -41.87
N GLN C 408 -29.08 5.03 -40.78
CA GLN C 408 -28.57 4.77 -39.43
C GLN C 408 -28.14 3.31 -39.26
N GLN C 409 -28.89 2.38 -39.85
CA GLN C 409 -28.60 0.98 -39.64
C GLN C 409 -27.30 0.56 -40.29
N PHE C 410 -26.91 1.19 -41.40
CA PHE C 410 -25.62 0.87 -42.00
C PHE C 410 -24.49 1.18 -41.03
N PHE C 411 -24.53 2.35 -40.40
CA PHE C 411 -23.48 2.70 -39.45
C PHE C 411 -23.57 1.88 -38.17
N ARG C 412 -24.78 1.51 -37.76
CA ARG C 412 -24.91 0.62 -36.61
C ARG C 412 -24.27 -0.74 -36.91
N ASP C 413 -24.48 -1.26 -38.11
CA ASP C 413 -23.86 -2.53 -38.49
C ASP C 413 -22.34 -2.38 -38.58
N LEU C 414 -21.86 -1.23 -39.06
CA LEU C 414 -20.43 -0.98 -39.05
C LEU C 414 -19.88 -1.05 -37.63
N LEU C 415 -20.55 -0.39 -36.68
CA LEU C 415 -20.10 -0.39 -35.30
C LEU C 415 -20.12 -1.80 -34.72
N ALA C 416 -21.17 -2.58 -35.03
CA ALA C 416 -21.36 -3.88 -34.42
C ALA C 416 -20.60 -5.01 -35.10
N LYS C 417 -20.03 -4.78 -36.29
CA LYS C 417 -19.43 -5.86 -37.05
C LYS C 417 -18.02 -5.56 -37.54
N CYS C 418 -17.51 -4.35 -37.40
CA CYS C 418 -16.15 -4.01 -37.78
C CYS C 418 -15.28 -3.91 -36.54
N GLU C 419 -14.09 -4.50 -36.60
CA GLU C 419 -13.08 -4.28 -35.57
C GLU C 419 -12.47 -2.89 -35.82
N MET C 420 -12.93 -1.90 -35.07
CA MET C 420 -12.59 -0.52 -35.39
C MET C 420 -11.13 -0.21 -35.13
N ALA C 421 -10.40 -1.07 -34.41
CA ALA C 421 -8.98 -0.84 -34.20
C ALA C 421 -8.21 -0.95 -35.52
N VAL C 422 -8.43 -2.02 -36.27
CA VAL C 422 -7.75 -2.17 -37.56
C VAL C 422 -8.26 -1.14 -38.56
N VAL C 423 -9.53 -0.77 -38.49
CA VAL C 423 -10.05 0.27 -39.36
C VAL C 423 -9.32 1.58 -39.09
N GLY C 424 -9.14 1.94 -37.81
CA GLY C 424 -8.33 3.10 -37.49
C GLY C 424 -6.89 2.95 -37.94
N SER C 425 -6.35 1.74 -37.86
CA SER C 425 -5.02 1.49 -38.42
C SER C 425 -4.97 1.76 -39.91
N LEU C 426 -6.11 1.65 -40.59
CA LEU C 426 -6.16 1.95 -42.02
C LEU C 426 -6.26 3.45 -42.32
N LEU C 427 -6.43 4.29 -41.30
CA LEU C 427 -6.58 5.72 -41.51
C LEU C 427 -5.23 6.43 -41.41
N ASN C 428 -5.21 7.68 -41.88
CA ASN C 428 -4.01 8.51 -41.87
C ASN C 428 -4.31 9.84 -41.19
N ASP C 429 -3.26 10.64 -41.01
CA ASP C 429 -3.40 11.92 -40.32
C ASP C 429 -4.32 12.89 -41.05
N THR C 430 -4.56 12.67 -42.35
CA THR C 430 -5.49 13.52 -43.08
C THR C 430 -6.88 13.46 -42.48
N ASP C 431 -7.29 12.30 -41.97
CA ASP C 431 -8.57 12.20 -41.27
C ASP C 431 -8.56 13.03 -39.98
N ILE C 432 -7.46 12.99 -39.24
CA ILE C 432 -7.36 13.80 -38.03
C ILE C 432 -7.51 15.27 -38.40
N GLY C 433 -6.92 15.69 -39.52
CA GLY C 433 -7.11 17.05 -39.97
C GLY C 433 -8.55 17.35 -40.37
N ASN C 434 -9.17 16.43 -41.13
CA ASN C 434 -10.52 16.63 -41.62
C ASN C 434 -11.57 16.58 -40.51
N ILE C 435 -11.17 16.14 -39.31
CA ILE C 435 -12.08 16.23 -38.16
C ILE C 435 -12.59 17.66 -38.01
N ASP C 436 -11.70 18.64 -38.19
CA ASP C 436 -12.10 20.03 -38.04
C ASP C 436 -13.12 20.42 -39.09
N THR C 437 -12.92 20.01 -40.34
CA THR C 437 -13.88 20.32 -41.40
C THR C 437 -15.24 19.73 -41.08
N LEU C 438 -15.26 18.46 -40.66
CA LEU C 438 -16.53 17.81 -40.37
C LEU C 438 -17.22 18.47 -39.19
N MET C 439 -16.48 18.81 -38.14
CA MET C 439 -17.08 19.45 -36.98
C MET C 439 -17.63 20.82 -37.34
N ARG C 440 -16.92 21.56 -38.20
CA ARG C 440 -17.43 22.85 -38.66
C ARG C 440 -18.72 22.66 -39.44
N HIS C 441 -18.79 21.62 -40.27
CA HIS C 441 -20.02 21.36 -41.00
C HIS C 441 -21.17 21.03 -40.07
N GLU C 442 -20.91 20.21 -39.05
CA GLU C 442 -22.02 19.63 -38.29
C GLU C 442 -22.67 20.64 -37.35
N LYS C 443 -21.92 21.11 -36.36
CA LYS C 443 -22.47 22.00 -35.33
C LYS C 443 -23.86 21.54 -34.88
N ASP C 444 -24.02 20.24 -34.67
CA ASP C 444 -25.26 19.65 -34.22
C ASP C 444 -25.21 19.43 -32.70
N THR C 445 -26.18 18.69 -32.17
CA THR C 445 -26.31 18.47 -30.74
C THR C 445 -26.17 16.98 -30.42
N GLU C 446 -25.59 16.70 -29.26
CA GLU C 446 -25.47 15.35 -28.73
C GLU C 446 -26.02 15.30 -27.32
N PHE C 447 -26.54 14.14 -26.93
CA PHE C 447 -27.28 13.98 -25.69
C PHE C 447 -26.61 12.94 -24.80
N HIS C 448 -26.64 13.20 -23.49
CA HIS C 448 -26.21 12.22 -22.51
C HIS C 448 -27.02 10.94 -22.65
N SER C 449 -26.33 9.80 -22.74
CA SER C 449 -27.03 8.52 -22.72
C SER C 449 -27.58 8.23 -21.34
N THR C 450 -26.74 8.39 -20.31
CA THR C 450 -27.18 8.30 -18.92
C THR C 450 -27.54 9.70 -18.43
N ASN C 451 -28.41 9.74 -17.42
CA ASN C 451 -28.82 11.02 -16.86
C ASN C 451 -29.33 11.92 -17.97
N PRO C 452 -30.52 11.63 -18.53
CA PRO C 452 -31.01 12.44 -19.65
C PRO C 452 -31.14 13.92 -19.34
N GLU C 453 -31.52 14.26 -18.11
CA GLU C 453 -31.68 15.65 -17.68
C GLU C 453 -30.31 16.24 -17.34
N ALA C 454 -29.53 16.51 -18.40
CA ALA C 454 -28.16 16.94 -18.22
C ALA C 454 -27.75 18.04 -19.19
N VAL C 455 -28.68 18.90 -19.58
CA VAL C 455 -28.34 20.12 -20.32
C VAL C 455 -27.51 19.78 -21.57
N PRO C 456 -28.13 19.27 -22.65
CA PRO C 456 -27.35 18.88 -23.83
C PRO C 456 -26.46 20.00 -24.35
N VAL C 457 -25.50 19.65 -25.21
CA VAL C 457 -24.53 20.60 -25.74
C VAL C 457 -24.32 20.33 -27.22
N LYS C 458 -23.85 21.36 -27.93
CA LYS C 458 -23.52 21.24 -29.34
C LYS C 458 -22.07 20.81 -29.49
N ILE C 459 -21.83 19.87 -30.39
CA ILE C 459 -20.52 19.23 -30.50
C ILE C 459 -19.58 20.02 -31.41
N GLY C 460 -20.07 20.50 -32.55
CA GLY C 460 -19.21 21.23 -33.46
C GLY C 460 -18.65 22.49 -32.82
N GLU C 461 -19.52 23.26 -32.16
CA GLU C 461 -19.05 24.47 -31.49
C GLU C 461 -18.03 24.15 -30.41
N TYR C 462 -18.28 23.09 -29.64
CA TYR C 462 -17.36 22.70 -28.58
C TYR C 462 -15.98 22.36 -29.15
N TRP C 463 -15.96 21.55 -30.22
CA TRP C 463 -14.68 21.18 -30.82
C TRP C 463 -13.97 22.38 -31.40
N ILE C 464 -14.70 23.26 -32.09
CA ILE C 464 -14.08 24.44 -32.70
C ILE C 464 -13.48 25.34 -31.62
N ASN C 465 -14.23 25.57 -30.53
CA ASN C 465 -13.72 26.42 -29.46
C ASN C 465 -12.51 25.79 -28.80
N ASP C 466 -12.55 24.48 -28.54
CA ASP C 466 -11.42 23.81 -27.91
C ASP C 466 -10.17 23.92 -28.78
N GLN C 467 -10.31 23.67 -30.08
CA GLN C 467 -9.17 23.75 -30.97
C GLN C 467 -8.65 25.18 -31.08
N ARG C 468 -9.56 26.16 -31.05
CA ARG C 468 -9.14 27.55 -31.19
C ARG C 468 -8.43 28.05 -29.94
N ILE C 469 -8.78 27.55 -28.77
CA ILE C 469 -8.14 28.02 -27.54
C ILE C 469 -6.90 27.20 -27.17
N ASN C 470 -6.88 25.91 -27.49
CA ASN C 470 -5.81 25.03 -27.05
C ASN C 470 -4.80 24.68 -28.15
N ASN C 471 -5.23 24.59 -29.40
CA ASN C 471 -4.36 24.20 -30.51
C ASN C 471 -4.53 25.19 -31.65
N SER C 472 -3.78 26.29 -31.59
CA SER C 472 -3.82 27.28 -32.65
C SER C 472 -2.89 26.93 -33.80
N SER C 473 -1.74 26.32 -33.49
CA SER C 473 -0.81 25.93 -34.55
C SER C 473 -1.44 24.94 -35.52
N GLY C 474 -2.23 24.01 -34.99
CA GLY C 474 -2.88 23.00 -35.82
C GLY C 474 -2.08 21.74 -36.03
N ASN C 475 -1.08 21.47 -35.20
CA ASN C 475 -0.30 20.25 -35.35
C ASN C 475 -1.17 19.02 -35.10
N ILE C 476 -0.83 17.94 -35.80
CA ILE C 476 -1.66 16.74 -35.75
C ILE C 476 -1.57 16.08 -34.38
N THR C 477 -0.38 16.08 -33.77
CA THR C 477 -0.22 15.41 -32.49
C THR C 477 -1.09 16.06 -31.41
N GLN C 478 -1.17 17.39 -31.41
CA GLN C 478 -2.03 18.07 -30.45
C GLN C 478 -3.49 17.75 -30.71
N LYS C 479 -3.88 17.61 -31.98
CA LYS C 479 -5.25 17.22 -32.30
C LYS C 479 -5.55 15.81 -31.78
N LYS C 480 -4.60 14.89 -31.94
CA LYS C 480 -4.81 13.54 -31.42
C LYS C 480 -4.95 13.55 -29.90
N HIS C 481 -4.09 14.33 -29.23
CA HIS C 481 -4.18 14.43 -27.77
C HIS C 481 -5.51 15.02 -27.34
N ASP C 482 -6.00 16.04 -28.05
CA ASP C 482 -7.27 16.66 -27.70
C ASP C 482 -8.43 15.69 -27.93
N LEU C 483 -8.39 14.92 -29.02
CA LEU C 483 -9.43 13.93 -29.25
C LEU C 483 -9.44 12.87 -28.15
N ILE C 484 -8.25 12.39 -27.77
CA ILE C 484 -8.18 11.42 -26.68
C ILE C 484 -8.71 12.01 -25.39
N PHE C 485 -8.40 13.28 -25.12
CA PHE C 485 -8.92 13.94 -23.93
C PHE C 485 -10.44 14.03 -23.97
N LEU C 486 -11.00 14.39 -25.13
CA LEU C 486 -12.45 14.47 -25.26
C LEU C 486 -13.09 13.11 -24.99
N MET C 487 -12.48 12.04 -25.49
CA MET C 487 -13.01 10.71 -25.20
C MET C 487 -12.89 10.38 -23.71
N GLN C 488 -11.78 10.79 -23.08
CA GLN C 488 -11.55 10.45 -21.68
C GLN C 488 -12.38 11.28 -20.73
N ASN C 489 -12.84 12.46 -21.15
CA ASN C 489 -13.65 13.33 -20.32
C ASN C 489 -14.94 13.71 -21.04
N ASP C 490 -15.68 14.68 -20.51
CA ASP C 490 -16.89 15.18 -21.17
C ASP C 490 -17.93 14.07 -21.32
N ALA C 491 -18.45 13.65 -20.16
CA ALA C 491 -19.47 12.61 -20.08
C ALA C 491 -20.51 12.72 -21.20
N TRP C 492 -20.92 13.94 -21.53
CA TRP C 492 -21.94 14.14 -22.56
C TRP C 492 -21.54 13.52 -23.88
N TYR C 493 -20.24 13.36 -24.14
CA TYR C 493 -19.77 12.77 -25.38
C TYR C 493 -19.60 11.25 -25.25
N PHE C 494 -18.79 10.82 -24.29
CA PHE C 494 -18.42 9.41 -24.26
C PHE C 494 -19.55 8.53 -23.77
N SER C 495 -20.47 9.05 -22.94
CA SER C 495 -21.62 8.24 -22.56
C SER C 495 -22.43 7.85 -23.79
N ARG C 496 -22.78 8.82 -24.62
CA ARG C 496 -23.52 8.54 -25.84
C ARG C 496 -22.72 7.67 -26.79
N VAL C 497 -21.43 7.96 -26.95
CA VAL C 497 -20.62 7.20 -27.90
C VAL C 497 -20.54 5.73 -27.49
N ASN C 498 -20.29 5.48 -26.20
CA ASN C 498 -20.24 4.12 -25.71
C ASN C 498 -21.59 3.43 -25.83
N ALA C 499 -22.68 4.12 -25.49
CA ALA C 499 -24.00 3.51 -25.58
C ALA C 499 -24.32 3.10 -27.00
N ILE C 500 -24.02 3.98 -27.98
CA ILE C 500 -24.25 3.63 -29.37
C ILE C 500 -23.35 2.48 -29.80
N ALA C 501 -22.08 2.51 -29.40
CA ALA C 501 -21.14 1.50 -29.84
C ALA C 501 -21.55 0.11 -29.36
N GLN C 502 -22.10 0.02 -28.15
CA GLN C 502 -22.51 -1.25 -27.57
C GLN C 502 -23.97 -1.57 -27.83
N ASN C 503 -24.66 -0.76 -28.61
CA ASN C 503 -26.07 -0.99 -28.94
C ASN C 503 -26.94 -1.03 -27.69
N ARG C 504 -26.65 -0.13 -26.74
CA ARG C 504 -27.49 0.06 -25.58
C ARG C 504 -28.24 1.38 -25.62
N ASP C 505 -28.14 2.13 -26.72
CA ASP C 505 -28.70 3.47 -26.77
C ASP C 505 -30.21 3.43 -26.98
N LYS C 506 -30.91 4.36 -26.32
CA LYS C 506 -32.34 4.56 -26.49
C LYS C 506 -32.57 5.98 -26.96
N GLY C 507 -33.26 6.13 -28.09
CA GLY C 507 -33.54 7.44 -28.64
C GLY C 507 -32.29 8.18 -29.06
N SER C 508 -31.60 7.66 -30.08
CA SER C 508 -30.38 8.26 -30.59
C SER C 508 -30.65 8.85 -31.97
N THR C 509 -30.19 10.09 -32.18
CA THR C 509 -30.35 10.73 -33.48
C THR C 509 -29.35 10.14 -34.46
N PHE C 510 -29.72 10.20 -35.74
CA PHE C 510 -28.82 9.69 -36.79
C PHE C 510 -27.48 10.42 -36.77
N LYS C 511 -27.50 11.72 -36.42
CA LYS C 511 -26.25 12.46 -36.32
C LYS C 511 -25.36 11.88 -35.24
N GLU C 512 -25.94 11.51 -34.09
CA GLU C 512 -25.14 10.93 -33.01
C GLU C 512 -24.52 9.60 -33.44
N VAL C 513 -25.28 8.75 -34.13
CA VAL C 513 -24.76 7.47 -34.59
C VAL C 513 -23.64 7.70 -35.59
N LEU C 514 -23.83 8.64 -36.52
CA LEU C 514 -22.78 8.92 -37.51
C LEU C 514 -21.51 9.43 -36.82
N ILE C 515 -21.66 10.33 -35.85
CA ILE C 515 -20.50 10.87 -35.16
C ILE C 515 -19.79 9.76 -34.39
N THR C 516 -20.54 8.87 -33.75
CA THR C 516 -19.93 7.77 -33.02
C THR C 516 -19.12 6.88 -33.95
N THR C 517 -19.73 6.46 -35.07
CA THR C 517 -19.04 5.56 -35.97
C THR C 517 -17.83 6.23 -36.62
N LEU C 518 -17.86 7.55 -36.78
CA LEU C 518 -16.69 8.24 -37.31
C LEU C 518 -15.58 8.38 -36.27
N MET C 519 -15.94 8.71 -35.03
CA MET C 519 -14.94 9.01 -34.01
C MET C 519 -14.28 7.77 -33.45
N THR C 520 -14.98 6.63 -33.39
CA THR C 520 -14.39 5.45 -32.76
C THR C 520 -13.06 5.05 -33.38
N PRO C 521 -12.99 4.74 -34.68
CA PRO C 521 -11.69 4.39 -35.26
C PRO C 521 -10.67 5.50 -35.19
N LEU C 522 -11.10 6.77 -35.29
CA LEU C 522 -10.16 7.87 -35.14
C LEU C 522 -9.56 7.91 -33.75
N THR C 523 -10.40 7.71 -32.72
CA THR C 523 -9.88 7.68 -31.36
C THR C 523 -8.92 6.51 -31.17
N SER C 524 -9.23 5.35 -31.76
CA SER C 524 -8.30 4.23 -31.68
C SER C 524 -6.96 4.57 -32.33
N LYS C 525 -7.00 5.21 -33.51
CA LYS C 525 -5.77 5.56 -34.19
C LYS C 525 -4.97 6.57 -33.38
N ALA C 526 -5.63 7.54 -32.79
CA ALA C 526 -4.93 8.52 -31.95
C ALA C 526 -4.28 7.85 -30.75
N LEU C 527 -5.00 6.93 -30.11
CA LEU C 527 -4.41 6.22 -28.97
C LEU C 527 -3.18 5.43 -29.38
N VAL C 528 -3.27 4.72 -30.51
CA VAL C 528 -2.11 3.94 -30.98
C VAL C 528 -0.94 4.87 -31.27
N ASP C 529 -1.21 5.99 -31.93
CA ASP C 529 -0.12 6.87 -32.35
C ASP C 529 0.57 7.52 -31.16
N THR C 530 -0.19 7.99 -30.17
CA THR C 530 0.38 8.79 -29.09
C THR C 530 0.80 7.97 -27.87
N SER C 531 0.54 6.67 -27.84
CA SER C 531 0.86 5.86 -26.68
C SER C 531 2.30 5.39 -26.73
N GLN C 532 2.93 5.30 -25.56
CA GLN C 532 4.33 4.89 -25.45
C GLN C 532 4.60 3.84 -24.39
N ALA C 533 3.76 3.70 -23.37
CA ALA C 533 3.99 2.72 -22.32
C ALA C 533 3.59 1.33 -22.77
N LYS C 534 4.14 0.31 -22.11
CA LYS C 534 3.80 -1.07 -22.40
C LYS C 534 2.50 -1.45 -21.71
N PRO C 535 1.81 -2.48 -22.21
CA PRO C 535 0.50 -2.82 -21.66
C PRO C 535 0.64 -3.43 -20.27
N PRO C 536 -0.05 -2.90 -19.28
CA PRO C 536 -0.01 -3.50 -17.94
C PRO C 536 -0.78 -4.83 -17.92
N THR C 537 -0.42 -5.67 -16.95
CA THR C 537 -0.97 -7.00 -16.85
C THR C 537 -2.26 -7.06 -16.03
N ARG C 538 -2.69 -5.97 -15.43
CA ARG C 538 -3.92 -5.96 -14.64
C ARG C 538 -4.59 -4.60 -14.78
N LEU C 539 -5.88 -4.62 -15.14
CA LEU C 539 -6.64 -3.39 -15.34
C LEU C 539 -7.99 -3.52 -14.64
N PHE C 540 -8.58 -2.36 -14.33
CA PHE C 540 -9.85 -2.29 -13.63
C PHE C 540 -10.80 -1.35 -14.35
N ARG C 541 -12.07 -1.72 -14.43
CA ARG C 541 -13.11 -0.91 -15.00
C ARG C 541 -14.30 -0.85 -14.05
N GLY C 542 -14.95 0.30 -13.97
CA GLY C 542 -16.07 0.51 -13.08
C GLY C 542 -17.37 0.67 -13.86
N LEU C 543 -18.42 -0.01 -13.39
CA LEU C 543 -19.74 0.04 -13.99
C LEU C 543 -20.79 0.27 -12.92
N ASN C 544 -21.77 1.11 -13.24
CA ASN C 544 -22.90 1.41 -12.37
C ASN C 544 -24.11 0.64 -12.91
N LEU C 545 -24.58 -0.35 -12.15
CA LEU C 545 -25.60 -1.28 -12.60
C LEU C 545 -26.66 -1.42 -11.52
N SER C 546 -27.86 -1.81 -11.96
CA SER C 546 -28.96 -2.04 -11.03
C SER C 546 -28.87 -3.44 -10.42
N GLU C 547 -29.68 -3.65 -9.38
CA GLU C 547 -29.59 -4.90 -8.62
C GLU C 547 -29.98 -6.11 -9.47
N GLU C 548 -31.05 -5.99 -10.27
CA GLU C 548 -31.50 -7.13 -11.06
C GLU C 548 -30.46 -7.52 -12.11
N PHE C 549 -29.92 -6.54 -12.83
CA PHE C 549 -28.88 -6.82 -13.79
C PHE C 549 -27.65 -7.40 -13.12
N THR C 550 -27.31 -6.90 -11.93
CA THR C 550 -26.17 -7.43 -11.20
C THR C 550 -26.38 -8.89 -10.83
N LYS C 551 -27.60 -9.25 -10.39
CA LYS C 551 -27.87 -10.64 -10.06
C LYS C 551 -27.79 -11.52 -11.30
N GLY C 552 -28.30 -11.05 -12.43
CA GLY C 552 -28.15 -11.81 -13.66
C GLY C 552 -26.69 -12.03 -14.02
N LEU C 553 -25.87 -10.99 -13.88
CA LEU C 553 -24.45 -11.11 -14.17
C LEU C 553 -23.79 -12.10 -13.22
N ILE C 554 -24.15 -12.07 -11.94
CA ILE C 554 -23.56 -12.99 -10.98
C ILE C 554 -23.93 -14.42 -11.32
N ASP C 555 -25.18 -14.65 -11.73
CA ASP C 555 -25.59 -15.99 -12.15
C ASP C 555 -24.77 -16.45 -13.35
N GLN C 556 -24.58 -15.57 -14.33
CA GLN C 556 -23.77 -15.94 -15.49
C GLN C 556 -22.33 -16.27 -15.09
N ALA C 557 -21.74 -15.45 -14.22
CA ALA C 557 -20.36 -15.68 -13.81
C ALA C 557 -20.23 -16.97 -13.00
N ASN C 558 -21.22 -17.25 -12.16
CA ASN C 558 -21.22 -18.51 -11.42
C ASN C 558 -21.33 -19.70 -12.36
N ALA C 559 -22.16 -19.59 -13.40
CA ALA C 559 -22.22 -20.64 -14.40
C ALA C 559 -20.85 -20.85 -15.06
N MET C 560 -20.15 -19.76 -15.37
CA MET C 560 -18.77 -19.87 -15.86
C MET C 560 -17.90 -20.64 -14.89
N ILE C 561 -17.88 -20.20 -13.62
CA ILE C 561 -16.87 -20.69 -12.68
C ILE C 561 -17.14 -22.14 -12.30
N ALA C 562 -18.42 -22.50 -12.12
CA ALA C 562 -18.75 -23.82 -11.59
C ALA C 562 -18.26 -24.94 -12.48
N ASN C 563 -18.18 -24.71 -13.79
CA ASN C 563 -17.86 -25.76 -14.74
C ASN C 563 -16.38 -25.80 -15.13
N THR C 564 -15.56 -24.96 -14.51
CA THR C 564 -14.13 -24.91 -14.81
C THR C 564 -13.36 -25.60 -13.70
N THR C 565 -12.88 -26.82 -13.98
CA THR C 565 -12.17 -27.61 -13.00
C THR C 565 -10.94 -28.21 -13.65
N GLU C 566 -9.92 -28.48 -12.83
CA GLU C 566 -8.72 -29.14 -13.32
C GLU C 566 -8.94 -30.64 -13.39
N ARG C 567 -8.32 -31.28 -14.38
CA ARG C 567 -8.54 -32.68 -14.66
C ARG C 567 -7.48 -33.54 -13.99
N LEU C 568 -7.90 -34.74 -13.59
CA LEU C 568 -6.97 -35.79 -13.17
C LEU C 568 -7.02 -36.97 -14.14
N PHE C 569 -8.20 -37.56 -14.34
CA PHE C 569 -8.39 -38.62 -15.31
C PHE C 569 -9.38 -38.25 -16.40
N THR C 570 -10.58 -37.82 -16.02
CA THR C 570 -11.61 -37.48 -16.99
C THR C 570 -11.31 -36.14 -17.65
N ASP C 571 -11.77 -35.99 -18.89
CA ASP C 571 -11.66 -34.73 -19.63
C ASP C 571 -13.02 -34.04 -19.60
N HIS C 572 -13.10 -32.94 -18.85
CA HIS C 572 -14.33 -32.16 -18.74
C HIS C 572 -14.28 -30.88 -19.56
N SER C 573 -13.30 -30.75 -20.45
CA SER C 573 -13.20 -29.53 -21.26
C SER C 573 -14.46 -29.24 -22.07
N PRO C 574 -15.12 -30.20 -22.73
CA PRO C 574 -16.28 -29.83 -23.54
C PRO C 574 -17.38 -29.13 -22.77
N GLU C 575 -17.65 -29.54 -21.52
CA GLU C 575 -18.69 -28.90 -20.74
C GLU C 575 -18.34 -27.45 -20.44
N ALA C 576 -17.09 -27.19 -20.05
CA ALA C 576 -16.66 -25.83 -19.79
C ALA C 576 -16.72 -24.99 -21.06
N PHE C 577 -16.31 -25.56 -22.18
CA PHE C 577 -16.37 -24.84 -23.45
C PHE C 577 -17.80 -24.47 -23.80
N LYS C 578 -18.72 -25.43 -23.65
CA LYS C 578 -20.12 -25.16 -23.96
C LYS C 578 -20.69 -24.09 -23.04
N GLN C 579 -20.39 -24.16 -21.74
CA GLN C 579 -20.93 -23.19 -20.81
C GLN C 579 -20.37 -21.79 -21.07
N ILE C 580 -19.08 -21.69 -21.41
CA ILE C 580 -18.49 -20.38 -21.66
C ILE C 580 -19.00 -19.81 -22.98
N LYS C 581 -19.10 -20.65 -24.00
CA LYS C 581 -19.58 -20.17 -25.30
C LYS C 581 -21.07 -19.85 -25.24
N LEU C 582 -21.83 -20.59 -24.43
CA LEU C 582 -23.26 -20.37 -24.31
C LEU C 582 -23.62 -19.24 -23.34
N ASN C 583 -22.64 -18.69 -22.62
CA ASN C 583 -22.93 -17.74 -21.57
C ASN C 583 -21.94 -16.58 -21.52
N ASP C 584 -21.15 -16.37 -22.57
CA ASP C 584 -20.06 -15.39 -22.55
C ASP C 584 -20.53 -14.06 -21.98
N LEU C 585 -19.72 -13.49 -21.11
CA LEU C 585 -20.01 -12.21 -20.48
C LEU C 585 -19.12 -11.08 -21.00
N SER C 586 -18.19 -11.37 -21.92
CA SER C 586 -17.31 -10.35 -22.45
C SER C 586 -17.98 -9.45 -23.48
N LYS C 587 -19.23 -9.74 -23.85
CA LYS C 587 -19.92 -8.91 -24.82
C LYS C 587 -20.07 -7.48 -24.31
N MET C 588 -20.21 -7.29 -23.00
CA MET C 588 -20.41 -5.97 -22.42
C MET C 588 -19.09 -5.30 -22.07
N SER C 589 -18.01 -5.62 -22.77
CA SER C 589 -16.73 -4.97 -22.57
C SER C 589 -16.19 -4.44 -23.89
N GLY C 590 -16.45 -5.15 -24.98
CA GLY C 590 -15.91 -4.82 -26.29
C GLY C 590 -16.76 -3.82 -27.03
N ARG C 591 -16.40 -3.63 -28.31
CA ARG C 591 -17.07 -2.76 -29.27
C ARG C 591 -16.84 -1.28 -29.01
N THR C 592 -16.06 -0.91 -27.99
CA THR C 592 -15.87 0.48 -27.65
C THR C 592 -14.47 0.67 -27.08
N ASN C 593 -14.04 1.94 -27.01
CA ASN C 593 -12.78 2.32 -26.39
C ASN C 593 -13.01 2.47 -24.90
N ALA C 594 -13.05 1.33 -24.21
CA ALA C 594 -13.33 1.32 -22.79
C ALA C 594 -12.16 1.90 -21.99
N SER C 595 -12.47 2.70 -20.99
CA SER C 595 -11.47 3.32 -20.12
C SER C 595 -11.27 2.47 -18.87
N THR C 596 -10.01 2.18 -18.56
CA THR C 596 -9.66 1.36 -17.42
C THR C 596 -8.51 2.02 -16.68
N THR C 597 -8.18 1.48 -15.51
CA THR C 597 -7.08 2.00 -14.72
C THR C 597 -6.36 0.84 -14.02
N THR C 598 -5.07 1.02 -13.77
CA THR C 598 -4.28 0.01 -13.10
C THR C 598 -4.45 0.04 -11.58
N GLU C 599 -5.12 1.06 -11.04
CA GLU C 599 -5.26 1.24 -9.60
C GLU C 599 -6.74 1.20 -9.25
N ILE C 600 -7.14 0.19 -8.48
CA ILE C 600 -8.54 0.09 -8.04
C ILE C 600 -8.90 1.20 -7.07
N LYS C 601 -7.90 1.76 -6.38
CA LYS C 601 -8.18 2.87 -5.46
C LYS C 601 -8.79 4.05 -6.22
N LEU C 602 -8.32 4.30 -7.44
CA LEU C 602 -8.90 5.38 -8.24
C LEU C 602 -10.36 5.13 -8.52
N VAL C 603 -10.72 3.89 -8.89
CA VAL C 603 -12.13 3.58 -9.17
C VAL C 603 -12.96 3.76 -7.91
N LYS C 604 -12.47 3.26 -6.78
CA LYS C 604 -13.24 3.37 -5.54
C LYS C 604 -13.28 4.79 -5.00
N GLU C 605 -12.38 5.66 -5.45
CA GLU C 605 -12.30 7.03 -4.95
C GLU C 605 -13.05 8.04 -5.81
N THR C 606 -13.10 7.84 -7.12
CA THR C 606 -13.75 8.80 -8.00
C THR C 606 -15.20 8.43 -8.30
N TRP C 607 -15.42 7.29 -8.95
CA TRP C 607 -16.76 6.90 -9.37
C TRP C 607 -17.49 6.07 -8.32
N ASP C 608 -16.76 5.27 -7.54
CA ASP C 608 -17.36 4.37 -6.57
C ASP C 608 -18.44 3.51 -7.21
N SER C 609 -18.07 2.85 -8.30
CA SER C 609 -18.99 1.99 -9.02
C SER C 609 -19.38 0.79 -8.16
N ASN C 610 -20.63 0.35 -8.32
CA ASN C 610 -21.09 -0.83 -7.59
C ASN C 610 -20.67 -2.13 -8.26
N VAL C 611 -20.21 -2.10 -9.50
CA VAL C 611 -19.66 -3.27 -10.17
C VAL C 611 -18.28 -2.91 -10.68
N ILE C 612 -17.32 -3.82 -10.50
CA ILE C 612 -15.95 -3.59 -10.94
C ILE C 612 -15.47 -4.83 -11.68
N PHE C 613 -15.00 -4.65 -12.90
CA PHE C 613 -14.43 -5.72 -13.71
C PHE C 613 -12.91 -5.63 -13.61
N GLU C 614 -12.28 -6.72 -13.17
CA GLU C 614 -10.83 -6.81 -13.04
C GLU C 614 -10.32 -7.74 -14.13
N MET C 615 -9.56 -7.19 -15.07
CA MET C 615 -9.05 -7.95 -16.20
C MET C 615 -7.57 -8.25 -16.00
N LEU C 616 -7.21 -9.53 -16.09
CA LEU C 616 -5.83 -9.97 -16.03
C LEU C 616 -5.36 -10.30 -17.43
N ASP C 617 -4.23 -9.72 -17.82
CA ASP C 617 -3.66 -9.91 -19.16
C ASP C 617 -2.18 -10.24 -19.02
N PRO C 618 -1.84 -11.39 -18.45
CA PRO C 618 -0.42 -11.75 -18.31
C PRO C 618 0.30 -11.83 -19.64
N ASP C 619 -0.40 -12.23 -20.70
CA ASP C 619 0.23 -12.44 -21.99
C ASP C 619 0.31 -11.18 -22.84
N GLY C 620 -0.40 -10.12 -22.44
CA GLY C 620 -0.43 -8.91 -23.24
C GLY C 620 -1.35 -8.95 -24.43
N LEU C 621 -2.48 -9.65 -24.32
CA LEU C 621 -3.38 -9.81 -25.46
C LEU C 621 -4.32 -8.63 -25.67
N LEU C 622 -4.42 -7.70 -24.72
CA LEU C 622 -5.39 -6.63 -24.80
C LEU C 622 -4.88 -5.42 -25.59
N HIS C 623 -3.58 -5.34 -25.87
CA HIS C 623 -3.02 -4.21 -26.60
C HIS C 623 -3.44 -2.88 -25.97
N SER C 624 -3.37 -2.83 -24.65
CA SER C 624 -3.78 -1.63 -23.93
C SER C 624 -2.88 -0.45 -24.27
N LYS C 625 -3.50 0.71 -24.48
CA LYS C 625 -2.79 1.94 -24.83
C LYS C 625 -3.01 2.96 -23.72
N GLN C 626 -1.92 3.59 -23.28
CA GLN C 626 -2.00 4.58 -22.22
C GLN C 626 -2.61 5.86 -22.75
N VAL C 627 -3.37 6.53 -21.88
CA VAL C 627 -3.97 7.83 -22.17
C VAL C 627 -3.08 8.90 -21.58
N GLY C 628 -2.69 9.87 -22.40
CA GLY C 628 -1.77 10.90 -21.96
C GLY C 628 -2.21 11.58 -20.68
N ARG C 629 -1.27 12.25 -20.02
CA ARG C 629 -1.62 12.94 -18.78
C ARG C 629 -2.62 14.06 -19.07
N HIS C 630 -3.57 14.22 -18.16
CA HIS C 630 -4.64 15.20 -18.34
C HIS C 630 -4.91 15.94 -17.04
N THR C 634 -4.45 11.01 -14.30
CA THR C 634 -4.75 10.35 -15.56
C THR C 634 -3.55 9.51 -16.04
N GLU C 635 -2.46 9.58 -15.28
CA GLU C 635 -1.25 8.85 -15.65
C GLU C 635 -1.39 7.34 -15.52
N SER C 636 -2.42 6.86 -14.81
CA SER C 636 -2.64 5.44 -14.62
C SER C 636 -3.80 4.89 -15.46
N GLU C 637 -4.35 5.70 -16.36
CA GLU C 637 -5.53 5.33 -17.12
C GLU C 637 -5.15 4.86 -18.52
N PHE C 638 -5.80 3.78 -18.94
CA PHE C 638 -5.55 3.14 -20.22
C PHE C 638 -6.87 2.97 -20.97
N SER C 639 -6.75 2.73 -22.27
CA SER C 639 -7.92 2.53 -23.12
C SER C 639 -7.80 1.19 -23.83
N VAL C 640 -8.85 0.39 -23.76
CA VAL C 640 -8.86 -0.96 -24.31
C VAL C 640 -9.97 -1.05 -25.35
N TYR C 641 -9.63 -1.57 -26.52
CA TYR C 641 -10.60 -1.97 -27.53
C TYR C 641 -10.44 -3.47 -27.70
N LEU C 642 -11.34 -4.23 -27.07
CA LEU C 642 -11.19 -5.67 -26.95
C LEU C 642 -11.09 -6.31 -28.34
N PRO C 643 -10.04 -7.06 -28.64
CA PRO C 643 -9.98 -7.75 -29.94
C PRO C 643 -11.08 -8.80 -30.07
N GLU C 644 -11.53 -8.99 -31.30
CA GLU C 644 -12.57 -9.99 -31.57
C GLU C 644 -12.10 -11.41 -31.25
N ASP C 645 -10.80 -11.65 -31.23
CA ASP C 645 -10.24 -12.97 -31.00
C ASP C 645 -9.96 -13.23 -29.51
N VAL C 646 -10.30 -12.29 -28.64
CA VAL C 646 -9.99 -12.39 -27.21
C VAL C 646 -11.29 -12.43 -26.44
N ALA C 647 -11.38 -13.34 -25.46
CA ALA C 647 -12.54 -13.46 -24.61
C ALA C 647 -12.13 -13.25 -23.15
N LEU C 648 -12.99 -12.60 -22.38
CA LEU C 648 -12.80 -12.40 -20.96
C LEU C 648 -13.57 -13.48 -20.22
N VAL C 649 -12.86 -14.43 -19.63
CA VAL C 649 -13.45 -15.57 -18.93
C VAL C 649 -13.32 -15.32 -17.44
N PRO C 650 -14.42 -15.22 -16.69
CA PRO C 650 -14.30 -14.96 -15.25
C PRO C 650 -13.65 -16.11 -14.52
N VAL C 651 -12.91 -15.76 -13.46
CA VAL C 651 -12.32 -16.77 -12.58
C VAL C 651 -12.85 -16.67 -11.15
N LYS C 652 -13.40 -15.54 -10.73
CA LYS C 652 -14.07 -15.47 -9.44
C LYS C 652 -14.92 -14.22 -9.37
N VAL C 653 -15.88 -14.24 -8.46
CA VAL C 653 -16.72 -13.08 -8.15
C VAL C 653 -16.68 -12.88 -6.65
N THR C 654 -16.39 -11.66 -6.22
CA THR C 654 -16.21 -11.35 -4.81
C THR C 654 -17.15 -10.22 -4.41
N LEU C 655 -17.72 -10.33 -3.22
CA LEU C 655 -18.45 -9.23 -2.60
C LEU C 655 -17.46 -8.42 -1.76
N ASP C 656 -17.22 -7.17 -2.15
CA ASP C 656 -16.19 -6.33 -1.57
C ASP C 656 -16.82 -5.07 -1.00
N GLY C 657 -17.31 -5.17 0.24
CA GLY C 657 -17.80 -4.00 0.93
C GLY C 657 -19.04 -3.40 0.27
N LYS C 658 -19.23 -2.11 0.51
CA LYS C 658 -20.35 -1.36 -0.03
C LYS C 658 -19.85 -0.01 -0.54
N THR C 659 -20.56 0.53 -1.52
CA THR C 659 -20.23 1.84 -2.06
C THR C 659 -20.72 2.93 -1.10
N GLN C 660 -20.39 4.19 -1.42
CA GLN C 660 -20.74 5.28 -0.53
C GLN C 660 -22.25 5.45 -0.39
N LYS C 661 -23.04 4.93 -1.33
CA LYS C 661 -24.49 4.92 -1.17
C LYS C 661 -24.96 3.82 -0.23
N GLY C 662 -24.12 2.83 0.04
CA GLY C 662 -24.50 1.68 0.82
C GLY C 662 -24.89 0.46 0.02
N GLU C 663 -24.67 0.48 -1.30
CA GLU C 663 -25.00 -0.66 -2.15
C GLU C 663 -23.83 -1.64 -2.20
N ASN C 664 -24.15 -2.92 -2.36
CA ASN C 664 -23.12 -3.93 -2.44
C ASN C 664 -22.22 -3.69 -3.64
N ARG C 665 -20.93 -3.92 -3.45
CA ARG C 665 -19.93 -3.83 -4.52
C ARG C 665 -19.47 -5.22 -4.89
N TYR C 666 -19.53 -5.54 -6.19
CA TYR C 666 -19.14 -6.84 -6.70
C TYR C 666 -17.94 -6.66 -7.62
N VAL C 667 -16.93 -7.49 -7.42
CA VAL C 667 -15.72 -7.49 -8.24
C VAL C 667 -15.67 -8.80 -9.01
N PHE C 668 -15.69 -8.71 -10.34
CA PHE C 668 -15.55 -9.87 -11.22
C PHE C 668 -14.11 -9.91 -11.73
N THR C 669 -13.44 -11.04 -11.55
CA THR C 669 -12.08 -11.22 -12.03
C THR C 669 -12.13 -12.03 -13.32
N PHE C 670 -11.65 -11.43 -14.41
CA PHE C 670 -11.57 -12.08 -15.70
C PHE C 670 -10.12 -12.34 -16.07
N VAL C 671 -9.92 -13.35 -16.92
CA VAL C 671 -8.62 -13.64 -17.51
C VAL C 671 -8.77 -13.58 -19.02
N ALA C 672 -7.92 -12.78 -19.66
CA ALA C 672 -7.98 -12.63 -21.11
C ALA C 672 -7.38 -13.86 -21.77
N VAL C 673 -8.19 -14.56 -22.56
CA VAL C 673 -7.76 -15.75 -23.28
C VAL C 673 -8.08 -15.54 -24.76
N LYS C 674 -7.08 -15.76 -25.61
CA LYS C 674 -7.23 -15.59 -27.05
C LYS C 674 -7.30 -16.96 -27.70
N SER C 675 -8.29 -17.15 -28.58
CA SER C 675 -8.39 -18.38 -29.35
C SER C 675 -9.32 -18.12 -30.53
N PRO C 676 -9.12 -18.80 -31.66
CA PRO C 676 -10.04 -18.62 -32.79
C PRO C 676 -11.47 -19.04 -32.49
N ASP C 677 -11.68 -19.85 -31.45
CA ASP C 677 -13.03 -20.25 -31.09
C ASP C 677 -13.91 -19.06 -30.73
N PHE C 678 -13.31 -17.93 -30.35
CA PHE C 678 -14.07 -16.74 -29.97
C PHE C 678 -14.24 -15.76 -31.13
N THR C 679 -13.80 -16.12 -32.33
CA THR C 679 -13.93 -15.22 -33.48
C THR C 679 -15.40 -15.13 -33.89
N PRO C 680 -16.00 -13.93 -33.91
CA PRO C 680 -17.39 -13.82 -34.37
C PRO C 680 -17.54 -14.27 -35.81
N ARG C 681 -18.69 -14.85 -36.11
CA ARG C 681 -19.03 -15.36 -37.43
C ARG C 681 -20.04 -14.42 -38.06
N HIS C 682 -19.54 -13.38 -38.73
CA HIS C 682 -20.38 -12.40 -39.40
C HIS C 682 -20.45 -12.70 -40.89
N GLU C 683 -21.45 -12.10 -41.55
CA GLU C 683 -21.62 -12.25 -42.99
C GLU C 683 -20.93 -11.09 -43.68
N SER C 684 -20.01 -11.42 -44.60
CA SER C 684 -19.25 -10.39 -45.30
C SER C 684 -20.14 -9.66 -46.30
N GLY C 685 -19.64 -8.52 -46.78
CA GLY C 685 -20.36 -7.70 -47.73
C GLY C 685 -21.24 -6.63 -47.13
N TYR C 686 -21.39 -6.60 -45.81
CA TYR C 686 -22.23 -5.60 -45.17
C TYR C 686 -21.74 -4.18 -45.46
N ALA C 687 -20.45 -4.01 -45.68
CA ALA C 687 -19.88 -2.72 -46.04
C ALA C 687 -19.29 -2.68 -47.43
N VAL C 688 -19.11 -3.82 -48.10
CA VAL C 688 -18.48 -3.85 -49.40
C VAL C 688 -19.48 -3.69 -50.54
N GLU C 689 -20.66 -4.32 -50.44
CA GLU C 689 -21.65 -4.20 -51.50
C GLU C 689 -22.02 -2.75 -51.77
N PRO C 690 -22.33 -1.92 -50.77
CA PRO C 690 -22.54 -0.50 -51.06
C PRO C 690 -21.33 0.14 -51.70
N PHE C 691 -20.13 -0.29 -51.32
CA PHE C 691 -18.91 0.23 -51.94
C PHE C 691 -18.87 -0.08 -53.43
N LEU C 692 -18.98 -1.36 -53.79
CA LEU C 692 -18.90 -1.69 -55.21
C LEU C 692 -20.03 -1.03 -55.98
N ARG C 693 -21.19 -0.86 -55.35
CA ARG C 693 -22.24 -0.07 -55.97
C ARG C 693 -21.78 1.38 -56.19
N MET C 694 -21.02 1.91 -55.23
CA MET C 694 -20.50 3.28 -55.36
C MET C 694 -19.63 3.41 -56.60
N GLN C 695 -18.61 2.57 -56.73
CA GLN C 695 -17.77 2.63 -57.93
C GLN C 695 -18.55 2.28 -59.20
N ALA C 696 -19.52 1.38 -59.12
CA ALA C 696 -20.31 1.08 -60.31
C ALA C 696 -21.07 2.31 -60.78
N ALA C 697 -21.70 3.03 -59.84
CA ALA C 697 -22.44 4.24 -60.20
C ALA C 697 -21.49 5.31 -60.72
N LYS C 698 -20.32 5.45 -60.11
CA LYS C 698 -19.37 6.45 -60.57
C LYS C 698 -18.93 6.16 -62.01
N LEU C 699 -18.62 4.89 -62.30
CA LEU C 699 -18.22 4.52 -63.65
C LEU C 699 -19.36 4.74 -64.64
N ALA C 700 -20.58 4.39 -64.25
CA ALA C 700 -21.73 4.59 -65.14
C ALA C 700 -21.93 6.07 -65.41
N GLU C 701 -21.76 6.92 -64.40
CA GLU C 701 -21.92 8.35 -64.60
C GLU C 701 -20.86 8.88 -65.57
N VAL C 702 -19.60 8.54 -65.35
CA VAL C 702 -18.54 9.05 -66.21
C VAL C 702 -18.75 8.58 -67.65
N LYS C 703 -19.20 7.33 -67.82
CA LYS C 703 -19.36 6.81 -69.17
C LYS C 703 -20.60 7.36 -69.85
N SER C 704 -21.67 7.62 -69.09
CA SER C 704 -22.83 8.31 -69.66
C SER C 704 -22.44 9.70 -70.11
N SER C 705 -21.60 10.39 -69.33
CA SER C 705 -21.08 11.68 -69.79
C SER C 705 -20.24 11.49 -71.06
N ILE C 706 -19.46 10.41 -71.12
CA ILE C 706 -18.65 10.15 -72.30
C ILE C 706 -19.54 9.96 -73.52
N GLU C 707 -20.61 9.19 -73.37
CA GLU C 707 -21.54 8.93 -74.47
C GLU C 707 -22.77 9.81 -74.36
N ARG C 841 -14.24 1.59 -74.40
CA ARG C 841 -15.67 1.67 -74.11
C ARG C 841 -16.17 0.37 -73.50
N GLU C 842 -15.39 -0.70 -73.64
CA GLU C 842 -15.78 -2.00 -73.09
C GLU C 842 -15.68 -2.03 -71.58
N LEU C 843 -14.79 -1.25 -70.99
CA LEU C 843 -14.59 -1.28 -69.54
C LEU C 843 -15.90 -1.04 -68.80
N ARG C 844 -16.74 -0.14 -69.32
CA ARG C 844 -17.96 0.20 -68.60
C ARG C 844 -18.88 -1.01 -68.49
N GLU C 845 -19.08 -1.74 -69.59
CA GLU C 845 -19.94 -2.93 -69.52
C GLU C 845 -19.27 -4.05 -68.73
N GLN C 846 -17.95 -4.19 -68.85
CA GLN C 846 -17.27 -5.25 -68.12
C GLN C 846 -17.40 -5.04 -66.61
N ILE C 847 -17.22 -3.80 -66.14
CA ILE C 847 -17.30 -3.53 -64.70
C ILE C 847 -18.75 -3.53 -64.24
N GLN C 848 -19.66 -2.94 -65.04
CA GLN C 848 -21.06 -2.91 -64.65
C GLN C 848 -21.65 -4.31 -64.57
N SER C 849 -21.28 -5.19 -65.51
CA SER C 849 -21.88 -6.52 -65.56
C SER C 849 -21.70 -7.27 -64.25
N ALA C 850 -20.63 -6.97 -63.52
CA ALA C 850 -20.40 -7.60 -62.22
C ALA C 850 -21.16 -6.82 -61.15
N ARG C 851 -22.14 -7.46 -60.53
CA ARG C 851 -23.01 -6.82 -59.56
C ARG C 851 -22.83 -7.46 -58.18
N GLN C 852 -22.39 -6.65 -57.22
CA GLN C 852 -22.34 -7.04 -55.81
C GLN C 852 -21.69 -8.41 -55.62
N GLU C 853 -20.57 -8.62 -56.30
CA GLU C 853 -19.74 -9.82 -56.14
C GLU C 853 -18.30 -9.34 -56.07
N LEU C 854 -17.80 -9.15 -54.84
CA LEU C 854 -16.51 -8.48 -54.66
C LEU C 854 -15.40 -9.23 -55.38
N GLU C 855 -15.35 -10.55 -55.21
CA GLU C 855 -14.29 -11.33 -55.85
C GLU C 855 -14.39 -11.24 -57.37
N SER C 856 -15.61 -11.36 -57.91
CA SER C 856 -15.80 -11.20 -59.34
C SER C 856 -15.43 -9.80 -59.79
N LEU C 857 -15.77 -8.79 -58.98
CA LEU C 857 -15.43 -7.42 -59.33
C LEU C 857 -13.92 -7.23 -59.44
N GLN C 858 -13.18 -7.71 -58.43
CA GLN C 858 -11.72 -7.61 -58.48
C GLN C 858 -11.14 -8.45 -59.61
N ARG C 859 -11.80 -9.55 -60.00
CA ARG C 859 -11.43 -10.22 -61.23
C ARG C 859 -11.56 -9.28 -62.42
N ALA C 860 -12.69 -8.56 -62.49
CA ALA C 860 -12.91 -7.63 -63.58
C ALA C 860 -11.98 -6.43 -63.50
N VAL C 861 -11.80 -5.87 -62.31
CA VAL C 861 -10.97 -4.68 -62.12
C VAL C 861 -10.09 -4.86 -60.90
N GLU C 874 -11.01 14.52 -72.11
CA GLU C 874 -10.75 13.07 -72.09
C GLU C 874 -9.82 12.72 -70.94
N ARG C 875 -9.07 13.71 -70.46
CA ARG C 875 -8.14 13.48 -69.35
C ARG C 875 -8.87 13.37 -68.02
N TYR C 876 -9.94 14.14 -67.84
CA TYR C 876 -10.72 14.03 -66.61
C TYR C 876 -11.34 12.64 -66.48
N ASP C 877 -11.86 12.10 -67.59
CA ASP C 877 -12.36 10.75 -67.57
C ASP C 877 -11.27 9.77 -67.14
N ALA C 878 -10.08 9.89 -67.72
CA ALA C 878 -8.98 9.02 -67.37
C ALA C 878 -8.65 9.12 -65.88
N LEU C 879 -8.69 10.33 -65.33
CA LEU C 879 -8.52 10.49 -63.90
C LEU C 879 -9.59 9.72 -63.13
N ILE C 880 -10.82 9.74 -63.64
CA ILE C 880 -11.90 9.03 -62.97
C ILE C 880 -11.64 7.52 -62.95
N GLU C 881 -11.26 6.95 -64.10
CA GLU C 881 -10.96 5.51 -64.09
C GLU C 881 -9.73 5.21 -63.24
N ASN C 882 -8.76 6.12 -63.19
CA ASN C 882 -7.61 5.90 -62.32
C ASN C 882 -8.03 5.85 -60.86
N THR C 883 -8.93 6.75 -60.45
CA THR C 883 -9.41 6.72 -59.07
C THR C 883 -10.14 5.43 -58.78
N SER C 884 -11.03 5.00 -59.68
CA SER C 884 -11.76 3.76 -59.46
C SER C 884 -10.79 2.57 -59.39
N LYS C 885 -9.81 2.52 -60.28
CA LYS C 885 -8.83 1.46 -60.24
C LYS C 885 -8.12 1.44 -58.89
N LYS C 886 -7.53 2.58 -58.50
CA LYS C 886 -6.83 2.65 -57.22
C LYS C 886 -7.72 2.14 -56.09
N ILE C 887 -9.00 2.49 -56.12
CA ILE C 887 -9.93 1.98 -55.11
C ILE C 887 -9.95 0.45 -55.15
N THR C 888 -10.04 -0.12 -56.35
CA THR C 888 -10.14 -1.57 -56.47
C THR C 888 -8.87 -2.27 -55.98
N GLU C 889 -7.70 -1.76 -56.38
CA GLU C 889 -6.44 -2.35 -55.92
C GLU C 889 -6.23 -2.15 -54.42
N LEU C 890 -6.81 -1.11 -53.84
CA LEU C 890 -6.80 -1.00 -52.38
C LEU C 890 -7.67 -2.07 -51.76
N GLU C 891 -8.84 -2.33 -52.36
CA GLU C 891 -9.73 -3.35 -51.82
C GLU C 891 -9.09 -4.73 -51.89
N THR C 892 -8.48 -5.07 -53.03
CA THR C 892 -7.91 -6.41 -53.17
C THR C 892 -6.74 -6.62 -52.22
N GLY C 893 -5.93 -5.59 -52.01
CA GLY C 893 -4.78 -5.69 -51.13
C GLY C 893 -5.17 -5.82 -49.66
P AMP D . 3.13 10.17 -12.76
O1P AMP D . 2.77 9.61 -14.09
O2P AMP D . 2.39 11.41 -12.29
O3P AMP D . 4.63 10.45 -12.66
O5' AMP D . 2.84 9.04 -11.68
C5' AMP D . 3.62 7.85 -11.62
C4' AMP D . 3.92 7.46 -10.19
O4' AMP D . 4.83 8.44 -9.62
C3' AMP D . 2.72 7.41 -9.26
O3' AMP D . 2.92 6.41 -8.27
C2' AMP D . 2.74 8.78 -8.61
O2' AMP D . 2.10 8.85 -7.35
C1' AMP D . 4.24 9.04 -8.49
N9 AMP D . 4.61 10.46 -8.48
C8 AMP D . 4.06 11.46 -9.23
N7 AMP D . 4.63 12.62 -9.08
C5 AMP D . 5.64 12.38 -8.16
C6 AMP D . 6.62 13.20 -7.59
N6 AMP D . 6.75 14.49 -7.91
N1 AMP D . 7.47 12.65 -6.69
C2 AMP D . 7.34 11.34 -6.41
N3 AMP D . 6.46 10.47 -6.89
C4 AMP D . 5.63 11.05 -7.77
H5'1 AMP D . 3.03 7.09 -12.12
H5'2 AMP D . 4.55 7.94 -12.19
H4' AMP D . 4.49 6.54 -10.17
H3' AMP D . 1.78 7.23 -9.79
H2' AMP D . 2.25 9.50 -9.26
HO2' AMP D . 1.14 8.61 -7.50
H1' AMP D . 4.67 8.57 -7.59
H8 AMP D . 3.21 11.28 -9.90
HN61 AMP D . 6.13 14.91 -8.59
HN62 AMP D . 7.46 15.07 -7.49
H2 AMP D . 8.05 10.95 -5.68
MG MG E . 27.39 21.48 -4.22
MG MG F . 25.76 25.63 -4.73
PG ATP G . 29.99 23.24 -3.68
O1G ATP G . 29.08 22.12 -3.35
O2G ATP G . 29.93 24.39 -2.67
O3G ATP G . 31.44 22.81 -3.86
PB ATP G . 28.19 24.06 -5.83
O1B ATP G . 27.29 22.93 -5.51
O2B ATP G . 27.66 25.44 -5.52
O3B ATP G . 29.58 23.91 -5.07
PA ATP G . 27.82 23.82 -8.70
O1A ATP G . 27.12 25.04 -9.12
O2A ATP G . 26.90 22.62 -8.46
O3A ATP G . 28.64 24.04 -7.35
O5' ATP G . 28.90 23.35 -9.81
C5' ATP G . 28.66 23.56 -11.22
C4' ATP G . 28.77 22.24 -11.93
O4' ATP G . 30.07 21.67 -11.72
C3' ATP G . 27.79 21.16 -11.46
O3' ATP G . 26.55 21.27 -12.14
C2' ATP G . 28.53 19.87 -11.83
O2' ATP G . 28.33 19.52 -13.20
C1' ATP G . 29.99 20.25 -11.58
N9 ATP G . 30.49 19.89 -10.27
C8 ATP G . 30.02 20.31 -9.05
N7 ATP G . 30.68 19.82 -8.03
C5 ATP G . 31.63 19.01 -8.61
C6 ATP G . 32.65 18.20 -8.07
N6 ATP G . 32.82 18.06 -6.75
N1 ATP G . 33.45 17.52 -8.93
C2 ATP G . 33.23 17.65 -10.23
N3 ATP G . 32.31 18.38 -10.86
C4 ATP G . 31.54 19.04 -9.98
H5'1 ATP G . 29.38 24.26 -11.64
H5'2 ATP G . 27.67 23.99 -11.31
H4' ATP G . 28.71 22.38 -13.01
H3' ATP G . 27.51 21.24 -10.42
HO3' ATP G . 25.80 21.20 -11.49
H2' ATP G . 28.20 19.06 -11.18
HO2' ATP G . 28.31 18.53 -13.22
H1' ATP G . 30.66 19.81 -12.31
H8 ATP G . 29.19 21.01 -8.95
HN61 ATP G . 32.60 18.82 -6.11
HN62 ATP G . 33.17 17.19 -6.37
H2 ATP G . 33.92 17.08 -10.86
CA CA H . 9.86 29.25 25.21
#